data_5ILR
# 
_entry.id   5ILR 
# 
_audit_conform.dict_name       mmcif_pdbx.dic 
_audit_conform.dict_version    5.379 
_audit_conform.dict_location   http://mmcif.pdb.org/dictionaries/ascii/mmcif_pdbx.dic 
# 
loop_
_database_2.database_id 
_database_2.database_code 
_database_2.pdbx_database_accession 
_database_2.pdbx_DOI 
PDB   5ILR         pdb_00005ilr 10.2210/pdb5ilr/pdb 
WWPDB D_1000219017 ?            ?                   
# 
loop_
_pdbx_database_related.content_type 
_pdbx_database_related.db_id 
_pdbx_database_related.db_name 
_pdbx_database_related.details 
unspecified 5IKS PDB . 
unspecified 5ILP PDB . 
unspecified 5ILE PDB . 
unspecified 5ILM PDB . 
# 
_pdbx_database_status.status_code                     REL 
_pdbx_database_status.status_code_sf                  REL 
_pdbx_database_status.status_code_mr                  ? 
_pdbx_database_status.entry_id                        5ILR 
_pdbx_database_status.recvd_initial_deposition_date   2016-03-04 
_pdbx_database_status.SG_entry                        N 
_pdbx_database_status.deposit_site                    RCSB 
_pdbx_database_status.process_site                    RCSB 
_pdbx_database_status.status_code_cs                  ? 
_pdbx_database_status.methods_development_category    ? 
_pdbx_database_status.pdb_format_compatible           Y 
_pdbx_database_status.status_code_nmr_data            ? 
# 
loop_
_audit_author.name 
_audit_author.pdbx_ordinal 
'Wang, B.'           1 
'Thomas, L.M.'       2 
'Richter-Addo, G.B.' 3 
# 
_citation.abstract                  ? 
_citation.abstract_id_CAS           ? 
_citation.book_id_ISBN              ? 
_citation.book_publisher            ? 
_citation.book_publisher_city       ? 
_citation.book_title                ? 
_citation.coordinate_linkage        ? 
_citation.country                   US 
_citation.database_id_Medline       ? 
_citation.details                   ? 
_citation.id                        primary 
_citation.journal_abbrev            'J. Inorg. Biochem.' 
_citation.journal_id_ASTM           JIBIDJ 
_citation.journal_id_CSD            0525 
_citation.journal_id_ISSN           1873-3344 
_citation.journal_full              ? 
_citation.journal_issue             ? 
_citation.journal_volume            164 
_citation.language                  ? 
_citation.page_first                1 
_citation.page_last                 4 
_citation.title                     
'Organometallic myoglobins: Formation of Fe-carbon bonds and distal pocket effects on aryl ligand conformations.' 
_citation.year                      2016 
_citation.database_id_CSD           ? 
_citation.pdbx_database_id_DOI      10.1016/j.jinorgbio.2016.06.028 
_citation.pdbx_database_id_PubMed   27687333 
_citation.unpublished_flag          ? 
# 
loop_
_citation_author.citation_id 
_citation_author.name 
_citation_author.ordinal 
_citation_author.identifier_ORCID 
primary 'Wang, B.'           1 ? 
primary 'Thomas, L.M.'       2 ? 
primary 'Richter-Addo, G.B.' 3 ? 
# 
_cell.angle_alpha                  90.000 
_cell.angle_alpha_esd              ? 
_cell.angle_beta                   105.210 
_cell.angle_beta_esd               ? 
_cell.angle_gamma                  90.000 
_cell.angle_gamma_esd              ? 
_cell.entry_id                     5ILR 
_cell.details                      ? 
_cell.formula_units_Z              ? 
_cell.length_a                     34.361 
_cell.length_a_esd                 ? 
_cell.length_b                     30.315 
_cell.length_b_esd                 ? 
_cell.length_c                     64.368 
_cell.length_c_esd                 ? 
_cell.volume                       ? 
_cell.volume_esd                   ? 
_cell.Z_PDB                        2 
_cell.reciprocal_angle_alpha       ? 
_cell.reciprocal_angle_beta        ? 
_cell.reciprocal_angle_gamma       ? 
_cell.reciprocal_angle_alpha_esd   ? 
_cell.reciprocal_angle_beta_esd    ? 
_cell.reciprocal_angle_gamma_esd   ? 
_cell.reciprocal_length_a          ? 
_cell.reciprocal_length_b          ? 
_cell.reciprocal_length_c          ? 
_cell.reciprocal_length_a_esd      ? 
_cell.reciprocal_length_b_esd      ? 
_cell.reciprocal_length_c_esd      ? 
_cell.pdbx_unique_axis             ? 
# 
_symmetry.entry_id                         5ILR 
_symmetry.cell_setting                     ? 
_symmetry.Int_Tables_number                4 
_symmetry.space_group_name_Hall            ? 
_symmetry.space_group_name_H-M             'P 1 21 1' 
_symmetry.pdbx_full_space_group_name_H-M   ? 
# 
loop_
_entity.id 
_entity.type 
_entity.src_method 
_entity.pdbx_description 
_entity.formula_weight 
_entity.pdbx_number_of_molecules 
_entity.pdbx_ec 
_entity.pdbx_mutation 
_entity.pdbx_fragment 
_entity.details 
1 polymer     man Myoglobin 17355.145 1   ? H64Q ? ? 
2 non-polymer syn 'SULFATE ION' 96.063    3   ? ?    ? ? 
3 non-polymer syn 
;(4-chlorophenyl)[3,3'-(7,12-diethenyl-3,8,13,17-tetramethylporphyrin-2,18-diyl-kappa~4~N~21~,N~22~,N~23~,N~24~)di(propanoato)(2-)]iron
;
728.036   1   ? ?    ? ? 
4 non-polymer syn GLYCEROL 92.094    1   ? ?    ? ? 
5 water       nat water 18.015    104 ? ?    ? ? 
# 
_entity_poly.entity_id                      1 
_entity_poly.type                           'polypeptide(L)' 
_entity_poly.nstd_linkage                   no 
_entity_poly.nstd_monomer                   no 
_entity_poly.pdbx_seq_one_letter_code       
;MVLSEGEWQLVLHVWAKVEADVAGHGQDILIRLFKSHPETLEKFDRFKHLKTEAEMKASEDLKKQGVTVLTALGAILKKK
GHHEAELKPLAQSHATKHKIPIKYLEFISEAIIHVLHSRHPGNFGADAQGAMNKALELFRKDIAAKYKELGYQG
;
_entity_poly.pdbx_seq_one_letter_code_can   
;MVLSEGEWQLVLHVWAKVEADVAGHGQDILIRLFKSHPETLEKFDRFKHLKTEAEMKASEDLKKQGVTVLTALGAILKKK
GHHEAELKPLAQSHATKHKIPIKYLEFISEAIIHVLHSRHPGNFGADAQGAMNKALELFRKDIAAKYKELGYQG
;
_entity_poly.pdbx_strand_id                 A 
_entity_poly.pdbx_target_identifier         ? 
# 
loop_
_entity_poly_seq.entity_id 
_entity_poly_seq.num 
_entity_poly_seq.mon_id 
_entity_poly_seq.hetero 
1 1   MET n 
1 2   VAL n 
1 3   LEU n 
1 4   SER n 
1 5   GLU n 
1 6   GLY n 
1 7   GLU n 
1 8   TRP n 
1 9   GLN n 
1 10  LEU n 
1 11  VAL n 
1 12  LEU n 
1 13  HIS n 
1 14  VAL n 
1 15  TRP n 
1 16  ALA n 
1 17  LYS n 
1 18  VAL n 
1 19  GLU n 
1 20  ALA n 
1 21  ASP n 
1 22  VAL n 
1 23  ALA n 
1 24  GLY n 
1 25  HIS n 
1 26  GLY n 
1 27  GLN n 
1 28  ASP n 
1 29  ILE n 
1 30  LEU n 
1 31  ILE n 
1 32  ARG n 
1 33  LEU n 
1 34  PHE n 
1 35  LYS n 
1 36  SER n 
1 37  HIS n 
1 38  PRO n 
1 39  GLU n 
1 40  THR n 
1 41  LEU n 
1 42  GLU n 
1 43  LYS n 
1 44  PHE n 
1 45  ASP n 
1 46  ARG n 
1 47  PHE n 
1 48  LYS n 
1 49  HIS n 
1 50  LEU n 
1 51  LYS n 
1 52  THR n 
1 53  GLU n 
1 54  ALA n 
1 55  GLU n 
1 56  MET n 
1 57  LYS n 
1 58  ALA n 
1 59  SER n 
1 60  GLU n 
1 61  ASP n 
1 62  LEU n 
1 63  LYS n 
1 64  LYS n 
1 65  GLN n 
1 66  GLY n 
1 67  VAL n 
1 68  THR n 
1 69  VAL n 
1 70  LEU n 
1 71  THR n 
1 72  ALA n 
1 73  LEU n 
1 74  GLY n 
1 75  ALA n 
1 76  ILE n 
1 77  LEU n 
1 78  LYS n 
1 79  LYS n 
1 80  LYS n 
1 81  GLY n 
1 82  HIS n 
1 83  HIS n 
1 84  GLU n 
1 85  ALA n 
1 86  GLU n 
1 87  LEU n 
1 88  LYS n 
1 89  PRO n 
1 90  LEU n 
1 91  ALA n 
1 92  GLN n 
1 93  SER n 
1 94  HIS n 
1 95  ALA n 
1 96  THR n 
1 97  LYS n 
1 98  HIS n 
1 99  LYS n 
1 100 ILE n 
1 101 PRO n 
1 102 ILE n 
1 103 LYS n 
1 104 TYR n 
1 105 LEU n 
1 106 GLU n 
1 107 PHE n 
1 108 ILE n 
1 109 SER n 
1 110 GLU n 
1 111 ALA n 
1 112 ILE n 
1 113 ILE n 
1 114 HIS n 
1 115 VAL n 
1 116 LEU n 
1 117 HIS n 
1 118 SER n 
1 119 ARG n 
1 120 HIS n 
1 121 PRO n 
1 122 GLY n 
1 123 ASN n 
1 124 PHE n 
1 125 GLY n 
1 126 ALA n 
1 127 ASP n 
1 128 ALA n 
1 129 GLN n 
1 130 GLY n 
1 131 ALA n 
1 132 MET n 
1 133 ASN n 
1 134 LYS n 
1 135 ALA n 
1 136 LEU n 
1 137 GLU n 
1 138 LEU n 
1 139 PHE n 
1 140 ARG n 
1 141 LYS n 
1 142 ASP n 
1 143 ILE n 
1 144 ALA n 
1 145 ALA n 
1 146 LYS n 
1 147 TYR n 
1 148 LYS n 
1 149 GLU n 
1 150 LEU n 
1 151 GLY n 
1 152 TYR n 
1 153 GLN n 
1 154 GLY n 
# 
_entity_src_gen.entity_id                          1 
_entity_src_gen.pdbx_src_id                        1 
_entity_src_gen.pdbx_alt_source_flag               sample 
_entity_src_gen.pdbx_seq_type                      'Biological sequence' 
_entity_src_gen.pdbx_beg_seq_num                   1 
_entity_src_gen.pdbx_end_seq_num                   154 
_entity_src_gen.gene_src_common_name               'Sperm whale' 
_entity_src_gen.gene_src_genus                     ? 
_entity_src_gen.pdbx_gene_src_gene                 MB 
_entity_src_gen.gene_src_species                   ? 
_entity_src_gen.gene_src_strain                    ? 
_entity_src_gen.gene_src_tissue                    ? 
_entity_src_gen.gene_src_tissue_fraction           ? 
_entity_src_gen.gene_src_details                   ? 
_entity_src_gen.pdbx_gene_src_fragment             ? 
_entity_src_gen.pdbx_gene_src_scientific_name      'Physeter catodon' 
_entity_src_gen.pdbx_gene_src_ncbi_taxonomy_id     9755 
_entity_src_gen.pdbx_gene_src_variant              ? 
_entity_src_gen.pdbx_gene_src_cell_line            ? 
_entity_src_gen.pdbx_gene_src_atcc                 ? 
_entity_src_gen.pdbx_gene_src_organ                ? 
_entity_src_gen.pdbx_gene_src_organelle            ? 
_entity_src_gen.pdbx_gene_src_cell                 ? 
_entity_src_gen.pdbx_gene_src_cellular_location    ? 
_entity_src_gen.host_org_common_name               ? 
_entity_src_gen.pdbx_host_org_scientific_name      'Escherichia coli' 
_entity_src_gen.pdbx_host_org_ncbi_taxonomy_id     562 
_entity_src_gen.host_org_genus                     ? 
_entity_src_gen.pdbx_host_org_gene                 ? 
_entity_src_gen.pdbx_host_org_organ                ? 
_entity_src_gen.host_org_species                   ? 
_entity_src_gen.pdbx_host_org_tissue               ? 
_entity_src_gen.pdbx_host_org_tissue_fraction      ? 
_entity_src_gen.pdbx_host_org_strain               ? 
_entity_src_gen.pdbx_host_org_variant              ? 
_entity_src_gen.pdbx_host_org_cell_line            ? 
_entity_src_gen.pdbx_host_org_atcc                 ? 
_entity_src_gen.pdbx_host_org_culture_collection   ? 
_entity_src_gen.pdbx_host_org_cell                 ? 
_entity_src_gen.pdbx_host_org_organelle            ? 
_entity_src_gen.pdbx_host_org_cellular_location    ? 
_entity_src_gen.pdbx_host_org_vector_type          ? 
_entity_src_gen.pdbx_host_org_vector               ? 
_entity_src_gen.host_org_details                   ? 
_entity_src_gen.expression_system_id               ? 
_entity_src_gen.plasmid_name                       pET28a 
_entity_src_gen.plasmid_details                    ? 
_entity_src_gen.pdbx_description                   ? 
# 
_struct_ref.id                         1 
_struct_ref.db_name                    UNP 
_struct_ref.db_code                    MYG_PHYCD 
_struct_ref.pdbx_db_accession          P02185 
_struct_ref.pdbx_db_isoform            ? 
_struct_ref.entity_id                  1 
_struct_ref.pdbx_seq_one_letter_code   
;MVLSEGEWQLVLHVWAKVEADVAGHGQDILIRLFKSHPETLEKFDRFKHLKTEAEMKASEDLKKHGVTVLTALGAILKKK
GHHEAELKPLAQSHATKHKIPIKYLEFISEAIIHVLHSRHPGDFGADAQGAMNKALELFRKDIAAKYKELGYQG
;
_struct_ref.pdbx_align_begin           1 
# 
_struct_ref_seq.align_id                      1 
_struct_ref_seq.ref_id                        1 
_struct_ref_seq.pdbx_PDB_id_code              5ILR 
_struct_ref_seq.pdbx_strand_id                A 
_struct_ref_seq.seq_align_beg                 1 
_struct_ref_seq.pdbx_seq_align_beg_ins_code   ? 
_struct_ref_seq.seq_align_end                 154 
_struct_ref_seq.pdbx_seq_align_end_ins_code   ? 
_struct_ref_seq.pdbx_db_accession             P02185 
_struct_ref_seq.db_align_beg                  1 
_struct_ref_seq.pdbx_db_align_beg_ins_code    ? 
_struct_ref_seq.db_align_end                  154 
_struct_ref_seq.pdbx_db_align_end_ins_code    ? 
_struct_ref_seq.pdbx_auth_seq_align_beg       0 
_struct_ref_seq.pdbx_auth_seq_align_end       153 
# 
loop_
_struct_ref_seq_dif.align_id 
_struct_ref_seq_dif.pdbx_pdb_id_code 
_struct_ref_seq_dif.mon_id 
_struct_ref_seq_dif.pdbx_pdb_strand_id 
_struct_ref_seq_dif.seq_num 
_struct_ref_seq_dif.pdbx_pdb_ins_code 
_struct_ref_seq_dif.pdbx_seq_db_name 
_struct_ref_seq_dif.pdbx_seq_db_accession_code 
_struct_ref_seq_dif.db_mon_id 
_struct_ref_seq_dif.pdbx_seq_db_seq_num 
_struct_ref_seq_dif.details 
_struct_ref_seq_dif.pdbx_auth_seq_num 
_struct_ref_seq_dif.pdbx_ordinal 
1 5ILR GLN A 65  ? UNP P02185 HIS 65  'engineered mutation' 64  1 
1 5ILR ASN A 123 ? UNP P02185 ASP 123 variant               122 2 
# 
loop_
_chem_comp.id 
_chem_comp.type 
_chem_comp.mon_nstd_flag 
_chem_comp.name 
_chem_comp.pdbx_synonyms 
_chem_comp.formula 
_chem_comp.formula_weight 
4HE non-polymer         . 
;(4-chlorophenyl)[3,3'-(7,12-diethenyl-3,8,13,17-tetramethylporphyrin-2,18-diyl-kappa~4~N~21~,N~22~,N~23~,N~24~)di(propanoato)(2-)]iron
;
?                               'C40 H36 Cl Fe N4 O4' 728.036 
ALA 'L-peptide linking' y ALANINE ?                               'C3 H7 N O2'          89.093  
ARG 'L-peptide linking' y ARGININE ?                               'C6 H15 N4 O2 1'      175.209 
ASN 'L-peptide linking' y ASPARAGINE ?                               'C4 H8 N2 O3'         132.118 
ASP 'L-peptide linking' y 'ASPARTIC ACID' ?                               'C4 H7 N O4'          133.103 
GLN 'L-peptide linking' y GLUTAMINE ?                               'C5 H10 N2 O3'        146.144 
GLU 'L-peptide linking' y 'GLUTAMIC ACID' ?                               'C5 H9 N O4'          147.129 
GLY 'peptide linking'   y GLYCINE ?                               'C2 H5 N O2'          75.067  
GOL non-polymer         . GLYCEROL 'GLYCERIN; PROPANE-1,2,3-TRIOL' 'C3 H8 O3'            92.094  
HIS 'L-peptide linking' y HISTIDINE ?                               'C6 H10 N3 O2 1'      156.162 
HOH non-polymer         . WATER ?                               'H2 O'                18.015  
ILE 'L-peptide linking' y ISOLEUCINE ?                               'C6 H13 N O2'         131.173 
LEU 'L-peptide linking' y LEUCINE ?                               'C6 H13 N O2'         131.173 
LYS 'L-peptide linking' y LYSINE ?                               'C6 H15 N2 O2 1'      147.195 
MET 'L-peptide linking' y METHIONINE ?                               'C5 H11 N O2 S'       149.211 
PHE 'L-peptide linking' y PHENYLALANINE ?                               'C9 H11 N O2'         165.189 
PRO 'L-peptide linking' y PROLINE ?                               'C5 H9 N O2'          115.130 
SER 'L-peptide linking' y SERINE ?                               'C3 H7 N O3'          105.093 
SO4 non-polymer         . 'SULFATE ION' ?                               'O4 S -2'             96.063  
THR 'L-peptide linking' y THREONINE ?                               'C4 H9 N O3'          119.119 
TRP 'L-peptide linking' y TRYPTOPHAN ?                               'C11 H12 N2 O2'       204.225 
TYR 'L-peptide linking' y TYROSINE ?                               'C9 H11 N O3'         181.189 
VAL 'L-peptide linking' y VALINE ?                               'C5 H11 N O2'         117.146 
# 
_exptl.absorpt_coefficient_mu     ? 
_exptl.absorpt_correction_T_max   ? 
_exptl.absorpt_correction_T_min   ? 
_exptl.absorpt_correction_type    ? 
_exptl.absorpt_process_details    ? 
_exptl.entry_id                   5ILR 
_exptl.crystals_number            1 
_exptl.details                    ? 
_exptl.method                     'X-RAY DIFFRACTION' 
_exptl.method_details             ? 
# 
_exptl_crystal.colour                      ? 
_exptl_crystal.density_diffrn              ? 
_exptl_crystal.density_Matthews            1.90 
_exptl_crystal.density_method              ? 
_exptl_crystal.density_percent_sol         35.22 
_exptl_crystal.description                 ? 
_exptl_crystal.F_000                       ? 
_exptl_crystal.id                          1 
_exptl_crystal.preparation                 ? 
_exptl_crystal.size_max                    ? 
_exptl_crystal.size_mid                    ? 
_exptl_crystal.size_min                    ? 
_exptl_crystal.size_rad                    ? 
_exptl_crystal.colour_lustre               ? 
_exptl_crystal.colour_modifier             ? 
_exptl_crystal.colour_primary              ? 
_exptl_crystal.density_meas                ? 
_exptl_crystal.density_meas_esd            ? 
_exptl_crystal.density_meas_gt             ? 
_exptl_crystal.density_meas_lt             ? 
_exptl_crystal.density_meas_temp           ? 
_exptl_crystal.density_meas_temp_esd       ? 
_exptl_crystal.density_meas_temp_gt        ? 
_exptl_crystal.density_meas_temp_lt        ? 
_exptl_crystal.pdbx_crystal_image_url      ? 
_exptl_crystal.pdbx_crystal_image_format   ? 
_exptl_crystal.pdbx_mosaicity              ? 
_exptl_crystal.pdbx_mosaicity_esd          ? 
# 
_exptl_crystal_grow.apparatus       ? 
_exptl_crystal_grow.atmosphere      ? 
_exptl_crystal_grow.crystal_id      1 
_exptl_crystal_grow.details         ? 
_exptl_crystal_grow.method          'VAPOR DIFFUSION, HANGING DROP' 
_exptl_crystal_grow.method_ref      ? 
_exptl_crystal_grow.pH              7.4 
_exptl_crystal_grow.pressure        ? 
_exptl_crystal_grow.pressure_esd    ? 
_exptl_crystal_grow.seeding         ? 
_exptl_crystal_grow.seeding_ref     ? 
_exptl_crystal_grow.temp            293 
_exptl_crystal_grow.temp_details    ? 
_exptl_crystal_grow.temp_esd        ? 
_exptl_crystal_grow.time            ? 
_exptl_crystal_grow.pdbx_details    '100 mM Tris-HCl pH 7.4, 1 mM EDTA, 3.0 M Ammonium sulfate' 
_exptl_crystal_grow.pdbx_pH_range   ? 
# 
_diffrn.ambient_environment    ? 
_diffrn.ambient_temp           100 
_diffrn.ambient_temp_details   ? 
_diffrn.ambient_temp_esd       ? 
_diffrn.crystal_id             1 
_diffrn.crystal_support        ? 
_diffrn.crystal_treatment      ? 
_diffrn.details                ? 
_diffrn.id                     1 
_diffrn.ambient_pressure       ? 
_diffrn.ambient_pressure_esd   ? 
_diffrn.ambient_pressure_gt    ? 
_diffrn.ambient_pressure_lt    ? 
_diffrn.ambient_temp_gt        ? 
_diffrn.ambient_temp_lt        ? 
# 
_diffrn_detector.details                      mirrors 
_diffrn_detector.detector                     PIXEL 
_diffrn_detector.diffrn_id                    1 
_diffrn_detector.type                         'DECTRIS PILATUS 200K' 
_diffrn_detector.area_resol_mean              ? 
_diffrn_detector.dtime                        ? 
_diffrn_detector.pdbx_frames_total            ? 
_diffrn_detector.pdbx_collection_time_total   ? 
_diffrn_detector.pdbx_collection_date         2014-03-24 
# 
_diffrn_radiation.collimation                      ? 
_diffrn_radiation.diffrn_id                        1 
_diffrn_radiation.filter_edge                      ? 
_diffrn_radiation.inhomogeneity                    ? 
_diffrn_radiation.monochromator                    mirrors 
_diffrn_radiation.polarisn_norm                    ? 
_diffrn_radiation.polarisn_ratio                   ? 
_diffrn_radiation.probe                            ? 
_diffrn_radiation.type                             ? 
_diffrn_radiation.xray_symbol                      ? 
_diffrn_radiation.wavelength_id                    1 
_diffrn_radiation.pdbx_monochromatic_or_laue_m_l   M 
_diffrn_radiation.pdbx_wavelength_list             ? 
_diffrn_radiation.pdbx_wavelength                  ? 
_diffrn_radiation.pdbx_diffrn_protocol             'SINGLE WAVELENGTH' 
_diffrn_radiation.pdbx_analyzer                    ? 
_diffrn_radiation.pdbx_scattering_type             x-ray 
# 
_diffrn_radiation_wavelength.id           1 
_diffrn_radiation_wavelength.wavelength   1.54178 
_diffrn_radiation_wavelength.wt           1.0 
# 
_diffrn_source.current                     ? 
_diffrn_source.details                     ? 
_diffrn_source.diffrn_id                   1 
_diffrn_source.power                       ? 
_diffrn_source.size                        ? 
_diffrn_source.source                      'ROTATING ANODE' 
_diffrn_source.target                      ? 
_diffrn_source.type                        'RIGAKU MICROMAX-007 HF' 
_diffrn_source.voltage                     ? 
_diffrn_source.take-off_angle              ? 
_diffrn_source.pdbx_wavelength_list        1.54178 
_diffrn_source.pdbx_wavelength             ? 
_diffrn_source.pdbx_synchrotron_beamline   ? 
_diffrn_source.pdbx_synchrotron_site       ? 
# 
_reflns.B_iso_Wilson_estimate            ? 
_reflns.entry_id                         5ILR 
_reflns.data_reduction_details           ? 
_reflns.data_reduction_method            ? 
_reflns.d_resolution_high                1.870 
_reflns.d_resolution_low                 50.000 
_reflns.details                          ? 
_reflns.limit_h_max                      ? 
_reflns.limit_h_min                      ? 
_reflns.limit_k_max                      ? 
_reflns.limit_k_min                      ? 
_reflns.limit_l_max                      ? 
_reflns.limit_l_min                      ? 
_reflns.number_all                       ? 
_reflns.number_obs                       10786 
_reflns.observed_criterion               ? 
_reflns.observed_criterion_F_max         ? 
_reflns.observed_criterion_F_min         ? 
_reflns.observed_criterion_I_max         ? 
_reflns.observed_criterion_I_min         ? 
_reflns.observed_criterion_sigma_F       ? 
_reflns.observed_criterion_sigma_I       ? 
_reflns.percent_possible_obs             99.100 
_reflns.R_free_details                   ? 
_reflns.Rmerge_F_all                     ? 
_reflns.Rmerge_F_obs                     ? 
_reflns.Friedel_coverage                 ? 
_reflns.number_gt                        ? 
_reflns.threshold_expression             ? 
_reflns.pdbx_redundancy                  3.700 
_reflns.pdbx_Rmerge_I_obs                0.046 
_reflns.pdbx_Rmerge_I_all                ? 
_reflns.pdbx_Rsym_value                  ? 
_reflns.pdbx_netI_over_av_sigmaI         28.411 
_reflns.pdbx_netI_over_sigmaI            11.600 
_reflns.pdbx_res_netI_over_av_sigmaI_2   ? 
_reflns.pdbx_res_netI_over_sigmaI_2      ? 
_reflns.pdbx_chi_squared                 0.757 
_reflns.pdbx_scaling_rejects             ? 
_reflns.pdbx_d_res_high_opt              ? 
_reflns.pdbx_d_res_low_opt               ? 
_reflns.pdbx_d_res_opt_method            ? 
_reflns.phase_calculation_details        ? 
_reflns.pdbx_Rrim_I_all                  0.053 
_reflns.pdbx_Rpim_I_all                  0.027 
_reflns.pdbx_d_opt                       ? 
_reflns.pdbx_number_measured_all         40427 
_reflns.pdbx_diffrn_id                   1 
_reflns.pdbx_ordinal                     1 
_reflns.pdbx_CC_half                     ? 
_reflns.pdbx_R_split                     ? 
# 
loop_
_reflns_shell.d_res_high 
_reflns_shell.d_res_low 
_reflns_shell.meanI_over_sigI_all 
_reflns_shell.meanI_over_sigI_obs 
_reflns_shell.number_measured_all 
_reflns_shell.number_measured_obs 
_reflns_shell.number_possible 
_reflns_shell.number_unique_all 
_reflns_shell.number_unique_obs 
_reflns_shell.percent_possible_all 
_reflns_shell.percent_possible_obs 
_reflns_shell.Rmerge_F_all 
_reflns_shell.Rmerge_F_obs 
_reflns_shell.Rmerge_I_all 
_reflns_shell.Rmerge_I_obs 
_reflns_shell.meanI_over_sigI_gt 
_reflns_shell.meanI_over_uI_all 
_reflns_shell.meanI_over_uI_gt 
_reflns_shell.number_measured_gt 
_reflns_shell.number_unique_gt 
_reflns_shell.percent_possible_gt 
_reflns_shell.Rmerge_F_gt 
_reflns_shell.Rmerge_I_gt 
_reflns_shell.pdbx_redundancy 
_reflns_shell.pdbx_Rsym_value 
_reflns_shell.pdbx_chi_squared 
_reflns_shell.pdbx_netI_over_sigmaI_all 
_reflns_shell.pdbx_netI_over_sigmaI_obs 
_reflns_shell.pdbx_Rrim_I_all 
_reflns_shell.pdbx_Rpim_I_all 
_reflns_shell.pdbx_rejects 
_reflns_shell.pdbx_ordinal 
_reflns_shell.pdbx_diffrn_id 
_reflns_shell.pdbx_CC_half 
_reflns_shell.pdbx_R_split 
1.870 1.900  ? ? ? ? ? ? ? 98.200 ? ? ? ? 0.216 ? ? ? ? ? ? ? ? 3.000 ? ? ? ? ? ? ? 1  1 ? ? 
1.900 1.940  ? ? ? ? ? ? ? 99.800 ? ? ? ? 0.184 ? ? ? ? ? ? ? ? 3.300 ? ? ? ? ? ? ? 2  1 ? ? 
1.940 1.970  ? ? ? ? ? ? ? 99.800 ? ? ? ? 0.194 ? ? ? ? ? ? ? ? 3.600 ? ? ? ? ? ? ? 3  1 ? ? 
1.970 2.010  ? ? ? ? ? ? ? 99.400 ? ? ? ? 0.158 ? ? ? ? ? ? ? ? 3.600 ? ? ? ? ? ? ? 4  1 ? ? 
2.010 2.060  ? ? ? ? ? ? ? 99.200 ? ? ? ? 0.153 ? ? ? ? ? ? ? ? 3.600 ? ? ? ? ? ? ? 5  1 ? ? 
2.060 2.110  ? ? ? ? ? ? ? 99.600 ? ? ? ? 0.117 ? ? ? ? ? ? ? ? 3.800 ? ? ? ? ? ? ? 6  1 ? ? 
2.110 2.160  ? ? ? ? ? ? ? 99.300 ? ? ? ? 0.098 ? ? ? ? ? ? ? ? 3.800 ? ? ? ? ? ? ? 7  1 ? ? 
2.160 2.220  ? ? ? ? ? ? ? 99.600 ? ? ? ? 0.082 ? ? ? ? ? ? ? ? 3.900 ? ? ? ? ? ? ? 8  1 ? ? 
2.220 2.280  ? ? ? ? ? ? ? 99.400 ? ? ? ? 0.086 ? ? ? ? ? ? ? ? 4.000 ? ? ? ? ? ? ? 9  1 ? ? 
2.280 2.360  ? ? ? ? ? ? ? 99.600 ? ? ? ? 0.083 ? ? ? ? ? ? ? ? 3.900 ? ? ? ? ? ? ? 10 1 ? ? 
2.360 2.440  ? ? ? ? ? ? ? 99.600 ? ? ? ? 0.061 ? ? ? ? ? ? ? ? 4.000 ? ? ? ? ? ? ? 11 1 ? ? 
2.440 2.540  ? ? ? ? ? ? ? 99.500 ? ? ? ? 0.061 ? ? ? ? ? ? ? ? 4.000 ? ? ? ? ? ? ? 12 1 ? ? 
2.540 2.650  ? ? ? ? ? ? ? 99.400 ? ? ? ? 0.056 ? ? ? ? ? ? ? ? 3.900 ? ? ? ? ? ? ? 13 1 ? ? 
2.650 2.790  ? ? ? ? ? ? ? 98.900 ? ? ? ? 0.052 ? ? ? ? ? ? ? ? 4.000 ? ? ? ? ? ? ? 14 1 ? ? 
2.790 2.970  ? ? ? ? ? ? ? 99.300 ? ? ? ? 0.045 ? ? ? ? ? ? ? ? 3.900 ? ? ? ? ? ? ? 15 1 ? ? 
2.970 3.200  ? ? ? ? ? ? ? 99.100 ? ? ? ? 0.044 ? ? ? ? ? ? ? ? 4.000 ? ? ? ? ? ? ? 16 1 ? ? 
3.200 3.520  ? ? ? ? ? ? ? 98.900 ? ? ? ? 0.032 ? ? ? ? ? ? ? ? 3.900 ? ? ? ? ? ? ? 17 1 ? ? 
3.520 4.030  ? ? ? ? ? ? ? 98.600 ? ? ? ? 0.029 ? ? ? ? ? ? ? ? 3.800 ? ? ? ? ? ? ? 18 1 ? ? 
4.030 5.070  ? ? ? ? ? ? ? 97.700 ? ? ? ? 0.029 ? ? ? ? ? ? ? ? 3.700 ? ? ? ? ? ? ? 19 1 ? ? 
5.070 50.000 ? ? ? ? ? ? ? 96.500 ? ? ? ? 0.024 ? ? ? ? ? ? ? ? 3.300 ? ? ? ? ? ? ? 20 1 ? ? 
# 
_refine.aniso_B[1][1]                            -0.0400 
_refine.aniso_B[1][2]                            -0.0000 
_refine.aniso_B[1][3]                            -0.6500 
_refine.aniso_B[2][2]                            0.0900 
_refine.aniso_B[2][3]                            -0.0000 
_refine.aniso_B[3][3]                            -0.0400 
_refine.B_iso_max                                59.280 
_refine.B_iso_mean                               20.3680 
_refine.B_iso_min                                7.900 
_refine.correlation_coeff_Fo_to_Fc               0.9600 
_refine.correlation_coeff_Fo_to_Fc_free          0.9380 
_refine.details                                  
;HYDROGENS HAVE BEEN ADDED IN THE RIDING POSITIONS U VALUES: REFINED INDIVIDUALLY
ONLY ANISOTROPIC REFINEMENT OF HEME IRON
;
_refine.diff_density_max                         ? 
_refine.diff_density_max_esd                     ? 
_refine.diff_density_min                         ? 
_refine.diff_density_min_esd                     ? 
_refine.diff_density_rms                         ? 
_refine.diff_density_rms_esd                     ? 
_refine.entry_id                                 5ILR 
_refine.pdbx_refine_id                           'X-RAY DIFFRACTION' 
_refine.ls_abs_structure_details                 ? 
_refine.ls_abs_structure_Flack                   ? 
_refine.ls_abs_structure_Flack_esd               ? 
_refine.ls_abs_structure_Rogers                  ? 
_refine.ls_abs_structure_Rogers_esd              ? 
_refine.ls_d_res_high                            1.8700 
_refine.ls_d_res_low                             33.1600 
_refine.ls_extinction_coef                       ? 
_refine.ls_extinction_coef_esd                   ? 
_refine.ls_extinction_expression                 ? 
_refine.ls_extinction_method                     ? 
_refine.ls_goodness_of_fit_all                   ? 
_refine.ls_goodness_of_fit_all_esd               ? 
_refine.ls_goodness_of_fit_obs                   ? 
_refine.ls_goodness_of_fit_obs_esd               ? 
_refine.ls_hydrogen_treatment                    ? 
_refine.ls_matrix_type                           ? 
_refine.ls_number_constraints                    ? 
_refine.ls_number_parameters                     ? 
_refine.ls_number_reflns_all                     ? 
_refine.ls_number_reflns_obs                     10255 
_refine.ls_number_reflns_R_free                  519 
_refine.ls_number_reflns_R_work                  ? 
_refine.ls_number_restraints                     ? 
_refine.ls_percent_reflns_obs                    98.9200 
_refine.ls_percent_reflns_R_free                 4.8000 
_refine.ls_R_factor_all                          ? 
_refine.ls_R_factor_obs                          0.1660 
_refine.ls_R_factor_R_free                       0.2146 
_refine.ls_R_factor_R_free_error                 ? 
_refine.ls_R_factor_R_free_error_details         ? 
_refine.ls_R_factor_R_work                       0.1637 
_refine.ls_R_Fsqd_factor_obs                     ? 
_refine.ls_R_I_factor_obs                        ? 
_refine.ls_redundancy_reflns_all                 ? 
_refine.ls_redundancy_reflns_obs                 ? 
_refine.ls_restrained_S_all                      ? 
_refine.ls_restrained_S_obs                      ? 
_refine.ls_shift_over_esd_max                    ? 
_refine.ls_shift_over_esd_mean                   ? 
_refine.ls_structure_factor_coef                 ? 
_refine.ls_weighting_details                     ? 
_refine.ls_weighting_scheme                      ? 
_refine.ls_wR_factor_all                         ? 
_refine.ls_wR_factor_obs                         ? 
_refine.ls_wR_factor_R_free                      ? 
_refine.ls_wR_factor_R_work                      ? 
_refine.occupancy_max                            ? 
_refine.occupancy_min                            ? 
_refine.solvent_model_details                    ? 
_refine.solvent_model_param_bsol                 ? 
_refine.solvent_model_param_ksol                 ? 
_refine.ls_R_factor_gt                           ? 
_refine.ls_goodness_of_fit_gt                    ? 
_refine.ls_goodness_of_fit_ref                   ? 
_refine.ls_shift_over_su_max                     ? 
_refine.ls_shift_over_su_max_lt                  ? 
_refine.ls_shift_over_su_mean                    ? 
_refine.ls_shift_over_su_mean_lt                 ? 
_refine.pdbx_ls_sigma_I                          ? 
_refine.pdbx_ls_sigma_F                          0.000 
_refine.pdbx_ls_sigma_Fsqd                       ? 
_refine.pdbx_data_cutoff_high_absF               ? 
_refine.pdbx_data_cutoff_high_rms_absF           ? 
_refine.pdbx_data_cutoff_low_absF                ? 
_refine.pdbx_isotropic_thermal_model             ? 
_refine.pdbx_ls_cross_valid_method               THROUGHOUT 
_refine.pdbx_method_to_determine_struct          'MOLECULAR REPLACEMENT' 
_refine.pdbx_starting_model                      2MBW 
_refine.pdbx_stereochemistry_target_values       ? 
_refine.pdbx_R_Free_selection_details            RANDOM 
_refine.pdbx_stereochem_target_val_spec_case     ? 
_refine.pdbx_overall_ESU_R                       0.0360 
_refine.pdbx_overall_ESU_R_Free                  0.0320 
_refine.pdbx_solvent_vdw_probe_radii             1.2000 
_refine.pdbx_solvent_ion_probe_radii             0.8000 
_refine.pdbx_solvent_shrinkage_radii             0.8000 
_refine.pdbx_real_space_R                        ? 
_refine.pdbx_density_correlation                 ? 
_refine.pdbx_pd_number_of_powder_patterns        ? 
_refine.pdbx_pd_number_of_points                 ? 
_refine.pdbx_pd_meas_number_of_points            ? 
_refine.pdbx_pd_proc_ls_prof_R_factor            ? 
_refine.pdbx_pd_proc_ls_prof_wR_factor           ? 
_refine.pdbx_pd_Marquardt_correlation_coeff      ? 
_refine.pdbx_pd_Fsqrd_R_factor                   ? 
_refine.pdbx_pd_ls_matrix_band_width             ? 
_refine.pdbx_overall_phase_error                 ? 
_refine.pdbx_overall_SU_R_free_Cruickshank_DPI   ? 
_refine.pdbx_overall_SU_R_free_Blow_DPI          ? 
_refine.pdbx_overall_SU_R_Blow_DPI               ? 
_refine.pdbx_TLS_residual_ADP_flag               ? 
_refine.pdbx_diffrn_id                           1 
_refine.overall_SU_B                             2.7180 
_refine.overall_SU_ML                            0.0850 
_refine.overall_SU_R_Cruickshank_DPI             ? 
_refine.overall_SU_R_free                        ? 
_refine.overall_FOM_free_R_set                   ? 
_refine.overall_FOM_work_R_set                   ? 
_refine.pdbx_average_fsc_overall                 ? 
_refine.pdbx_average_fsc_work                    ? 
_refine.pdbx_average_fsc_free                    ? 
# 
_refine_hist.cycle_id                         final 
_refine_hist.pdbx_refine_id                   'X-RAY DIFFRACTION' 
_refine_hist.d_res_high                       1.8700 
_refine_hist.d_res_low                        33.1600 
_refine_hist.pdbx_number_atoms_ligand         71 
_refine_hist.number_atoms_solvent             104 
_refine_hist.number_atoms_total               1377 
_refine_hist.pdbx_number_residues_total       151 
_refine_hist.pdbx_B_iso_mean_ligand           27.22 
_refine_hist.pdbx_B_iso_mean_solvent          27.70 
_refine_hist.pdbx_number_atoms_protein        1202 
_refine_hist.pdbx_number_atoms_nucleic_acid   0 
# 
loop_
_refine_ls_restr.pdbx_refine_id 
_refine_ls_restr.criterion 
_refine_ls_restr.dev_ideal 
_refine_ls_restr.dev_ideal_target 
_refine_ls_restr.number 
_refine_ls_restr.rejects 
_refine_ls_restr.type 
_refine_ls_restr.weight 
_refine_ls_restr.pdbx_restraint_function 
'X-RAY DIFFRACTION' ? 0.020  0.020  1331 ? r_bond_refined_d       ? ? 
'X-RAY DIFFRACTION' ? 0.003  0.020  1297 ? r_bond_other_d         ? ? 
'X-RAY DIFFRACTION' ? 2.030  2.064  1813 ? r_angle_refined_deg    ? ? 
'X-RAY DIFFRACTION' ? 1.107  3.000  2987 ? r_angle_other_deg      ? ? 
'X-RAY DIFFRACTION' ? 5.277  5.000  158  ? r_dihedral_angle_1_deg ? ? 
'X-RAY DIFFRACTION' ? 36.494 24.737 57   ? r_dihedral_angle_2_deg ? ? 
'X-RAY DIFFRACTION' ? 15.712 15.000 242  ? r_dihedral_angle_3_deg ? ? 
'X-RAY DIFFRACTION' ? 31.449 15.000 4    ? r_dihedral_angle_4_deg ? ? 
'X-RAY DIFFRACTION' ? 0.129  0.200  191  ? r_chiral_restr         ? ? 
'X-RAY DIFFRACTION' ? 0.012  0.020  1470 ? r_gen_planes_refined   ? ? 
'X-RAY DIFFRACTION' ? 0.005  0.020  306  ? r_gen_planes_other     ? ? 
'X-RAY DIFFRACTION' ? 1.807  1.675  611  ? r_mcbond_it            ? ? 
'X-RAY DIFFRACTION' ? 1.736  1.671  610  ? r_mcbond_other         ? ? 
'X-RAY DIFFRACTION' ? 2.478  2.499  764  ? r_mcangle_it           ? ? 
'X-RAY DIFFRACTION' ? 6.895  5.000  1    ? r_sphericity_bonded    ? ? 
# 
_refine_ls_shell.pdbx_refine_id                   'X-RAY DIFFRACTION' 
_refine_ls_shell.d_res_high                       1.8680 
_refine_ls_shell.d_res_low                        1.9160 
_refine_ls_shell.number_reflns_all                792 
_refine_ls_shell.number_reflns_obs                ? 
_refine_ls_shell.number_reflns_R_free             38 
_refine_ls_shell.number_reflns_R_work             754 
_refine_ls_shell.percent_reflns_obs               97.1800 
_refine_ls_shell.percent_reflns_R_free            ? 
_refine_ls_shell.R_factor_all                     ? 
_refine_ls_shell.R_factor_obs                     ? 
_refine_ls_shell.R_factor_R_free                  0.2980 
_refine_ls_shell.R_factor_R_free_error            ? 
_refine_ls_shell.R_factor_R_work                  0.1730 
_refine_ls_shell.redundancy_reflns_all            ? 
_refine_ls_shell.redundancy_reflns_obs            ? 
_refine_ls_shell.wR_factor_all                    ? 
_refine_ls_shell.wR_factor_obs                    ? 
_refine_ls_shell.wR_factor_R_free                 ? 
_refine_ls_shell.wR_factor_R_work                 ? 
_refine_ls_shell.pdbx_total_number_of_bins_used   20 
_refine_ls_shell.pdbx_phase_error                 ? 
_refine_ls_shell.pdbx_fsc_work                    ? 
_refine_ls_shell.pdbx_fsc_free                    ? 
# 
_struct.entry_id                     5ILR 
_struct.title                        'H64Q sperm whale myoglobin with a Fe-chlorophenyl moiety' 
_struct.pdbx_model_details           
;This stable porphyrin-Fe(?Ea)-nitrosoalkane complex was obtained from the reaction of sperm whale myoglobin ferric H64A and N-hydroxyamphetamine.
;
_struct.pdbx_formula_weight          ? 
_struct.pdbx_formula_weight_method   ? 
_struct.pdbx_model_type_details      ? 
_struct.pdbx_CASP_flag               ? 
# 
_struct_keywords.entry_id        5ILR 
_struct_keywords.text            
;Iron, Organometallic, Bioorganometallic, Heme, Myoglobin, Sigma-aryl, Hydrazine, Arylhydrazine, Phenylhydrazine, Iron-carbon, 3-methylphenylhydrazine, meta-tolylhydrazine, 4-chlorophenylhydrazine, para-chlorophenylhydrazine, OXYGEN TRANSPORT
;
_struct_keywords.pdbx_keywords   'OXYGEN TRANSPORT' 
# 
loop_
_struct_asym.id 
_struct_asym.pdbx_blank_PDB_chainid_flag 
_struct_asym.pdbx_modified 
_struct_asym.entity_id 
_struct_asym.details 
A N N 1 ? 
B N N 2 ? 
C N N 2 ? 
D N N 2 ? 
E N N 3 ? 
F N N 4 ? 
G N N 5 ? 
# 
loop_
_struct_conf.conf_type_id 
_struct_conf.id 
_struct_conf.pdbx_PDB_helix_id 
_struct_conf.beg_label_comp_id 
_struct_conf.beg_label_asym_id 
_struct_conf.beg_label_seq_id 
_struct_conf.pdbx_beg_PDB_ins_code 
_struct_conf.end_label_comp_id 
_struct_conf.end_label_asym_id 
_struct_conf.end_label_seq_id 
_struct_conf.pdbx_end_PDB_ins_code 
_struct_conf.beg_auth_comp_id 
_struct_conf.beg_auth_asym_id 
_struct_conf.beg_auth_seq_id 
_struct_conf.end_auth_comp_id 
_struct_conf.end_auth_asym_id 
_struct_conf.end_auth_seq_id 
_struct_conf.pdbx_PDB_helix_class 
_struct_conf.details 
_struct_conf.pdbx_PDB_helix_length 
HELX_P HELX_P1 AA1 SER A 4   ? GLU A 19  ? SER A 3   GLU A 18  1 ? 16 
HELX_P HELX_P2 AA2 ASP A 21  ? HIS A 37  ? ASP A 20  HIS A 36  1 ? 17 
HELX_P HELX_P3 AA3 HIS A 37  ? LYS A 43  ? HIS A 36  LYS A 42  1 ? 7  
HELX_P HELX_P4 AA4 THR A 52  ? SER A 59  ? THR A 51  SER A 58  1 ? 8  
HELX_P HELX_P5 AA5 SER A 59  ? LYS A 79  ? SER A 58  LYS A 78  1 ? 21 
HELX_P HELX_P6 AA6 HIS A 83  ? LYS A 97  ? HIS A 82  LYS A 96  1 ? 15 
HELX_P HELX_P7 AA7 PRO A 101 ? HIS A 120 ? PRO A 100 HIS A 119 1 ? 20 
HELX_P HELX_P8 AA8 PRO A 121 ? PHE A 124 ? PRO A 120 PHE A 123 5 ? 4  
HELX_P HELX_P9 AA9 GLY A 125 ? LEU A 150 ? GLY A 124 LEU A 149 1 ? 26 
# 
_struct_conf_type.id          HELX_P 
_struct_conf_type.criteria    ? 
_struct_conf_type.reference   ? 
# 
_struct_conn.id                            metalc1 
_struct_conn.conn_type_id                  metalc 
_struct_conn.pdbx_leaving_atom_flag        ? 
_struct_conn.pdbx_PDB_id                   ? 
_struct_conn.ptnr1_label_asym_id           A 
_struct_conn.ptnr1_label_comp_id           HIS 
_struct_conn.ptnr1_label_seq_id            94 
_struct_conn.ptnr1_label_atom_id           NE2 
_struct_conn.pdbx_ptnr1_label_alt_id       ? 
_struct_conn.pdbx_ptnr1_PDB_ins_code       ? 
_struct_conn.pdbx_ptnr1_standard_comp_id   ? 
_struct_conn.ptnr1_symmetry                1_555 
_struct_conn.ptnr2_label_asym_id           E 
_struct_conn.ptnr2_label_comp_id           4HE 
_struct_conn.ptnr2_label_seq_id            . 
_struct_conn.ptnr2_label_atom_id           FE 
_struct_conn.pdbx_ptnr2_label_alt_id       ? 
_struct_conn.pdbx_ptnr2_PDB_ins_code       ? 
_struct_conn.ptnr1_auth_asym_id            A 
_struct_conn.ptnr1_auth_comp_id            HIS 
_struct_conn.ptnr1_auth_seq_id             93 
_struct_conn.ptnr2_auth_asym_id            A 
_struct_conn.ptnr2_auth_comp_id            4HE 
_struct_conn.ptnr2_auth_seq_id             204 
_struct_conn.ptnr2_symmetry                1_555 
_struct_conn.pdbx_ptnr3_label_atom_id      ? 
_struct_conn.pdbx_ptnr3_label_seq_id       ? 
_struct_conn.pdbx_ptnr3_label_comp_id      ? 
_struct_conn.pdbx_ptnr3_label_asym_id      ? 
_struct_conn.pdbx_ptnr3_label_alt_id       ? 
_struct_conn.pdbx_ptnr3_PDB_ins_code       ? 
_struct_conn.details                       ? 
_struct_conn.pdbx_dist_value               2.291 
_struct_conn.pdbx_value_order              ? 
_struct_conn.pdbx_role                     ? 
# 
_struct_conn_type.id          metalc 
_struct_conn_type.criteria    ? 
_struct_conn_type.reference   ? 
# 
loop_
_struct_site.id 
_struct_site.pdbx_evidence_code 
_struct_site.pdbx_auth_asym_id 
_struct_site.pdbx_auth_comp_id 
_struct_site.pdbx_auth_seq_id 
_struct_site.pdbx_auth_ins_code 
_struct_site.pdbx_num_residues 
_struct_site.details 
AC1 Software A SO4 201 ? 7  'binding site for residue SO4 A 201' 
AC2 Software A SO4 202 ? 4  'binding site for residue SO4 A 202' 
AC3 Software A SO4 203 ? 5  'binding site for residue SO4 A 203' 
AC4 Software A 4HE 204 ? 18 'binding site for residue 4HE A 204' 
AC5 Software A GOL 205 ? 4  'binding site for residue GOL A 205' 
# 
loop_
_struct_site_gen.id 
_struct_site_gen.site_id 
_struct_site_gen.pdbx_num_res 
_struct_site_gen.label_comp_id 
_struct_site_gen.label_asym_id 
_struct_site_gen.label_seq_id 
_struct_site_gen.pdbx_auth_ins_code 
_struct_site_gen.auth_comp_id 
_struct_site_gen.auth_asym_id 
_struct_site_gen.auth_seq_id 
_struct_site_gen.label_atom_id 
_struct_site_gen.label_alt_id 
_struct_site_gen.symmetry 
_struct_site_gen.details 
1  AC1 7  THR A 52  ? THR A 51  . ? 1_555 ? 
2  AC1 7  GLU A 53  ? GLU A 52  . ? 1_555 ? 
3  AC1 7  HOH G .   ? HOH A 330 . ? 1_555 ? 
4  AC1 7  HOH G .   ? HOH A 337 . ? 1_555 ? 
5  AC1 7  HOH G .   ? HOH A 340 . ? 1_555 ? 
6  AC1 7  HOH G .   ? HOH A 341 . ? 1_555 ? 
7  AC1 7  HOH G .   ? HOH A 348 . ? 1_555 ? 
8  AC2 4  ARG A 46  ? ARG A 45  . ? 1_565 ? 
9  AC2 4  HIS A 114 ? HIS A 113 . ? 1_555 ? 
10 AC2 4  SER A 118 ? SER A 117 . ? 1_555 ? 
11 AC2 4  HOH G .   ? HOH A 315 . ? 1_555 ? 
12 AC3 5  HIS A 120 ? HIS A 119 . ? 1_555 ? 
13 AC3 5  PRO A 121 ? PRO A 120 . ? 1_555 ? 
14 AC3 5  GLY A 122 ? GLY A 121 . ? 1_555 ? 
15 AC3 5  ASN A 123 ? ASN A 122 . ? 1_555 ? 
16 AC3 5  HOH G .   ? HOH A 309 . ? 1_555 ? 
17 AC4 18 LEU A 30  ? LEU A 29  . ? 1_555 ? 
18 AC4 18 LYS A 43  ? LYS A 42  . ? 1_555 ? 
19 AC4 18 PHE A 44  ? PHE A 43  . ? 1_555 ? 
20 AC4 18 ARG A 46  ? ARG A 45  . ? 1_555 ? 
21 AC4 18 GLN A 65  ? GLN A 64  . ? 1_555 ? 
22 AC4 18 VAL A 69  ? VAL A 68  . ? 1_555 ? 
23 AC4 18 ALA A 72  ? ALA A 71  . ? 1_555 ? 
24 AC4 18 LEU A 90  ? LEU A 89  . ? 1_555 ? 
25 AC4 18 SER A 93  ? SER A 92  . ? 1_555 ? 
26 AC4 18 HIS A 94  ? HIS A 93  . ? 1_555 ? 
27 AC4 18 HIS A 98  ? HIS A 97  . ? 1_555 ? 
28 AC4 18 ILE A 100 ? ILE A 99  . ? 1_555 ? 
29 AC4 18 TYR A 104 ? TYR A 103 . ? 1_555 ? 
30 AC4 18 GLN A 129 ? GLN A 128 . ? 1_545 ? 
31 AC4 18 PHE A 139 ? PHE A 138 . ? 1_555 ? 
32 AC4 18 HOH G .   ? HOH A 312 . ? 1_555 ? 
33 AC4 18 HOH G .   ? HOH A 371 . ? 1_555 ? 
34 AC4 18 HOH G .   ? HOH A 391 . ? 1_545 ? 
35 AC5 4  SER A 4   ? SER A 3   . ? 1_555 ? 
36 AC5 4  GLU A 5   ? GLU A 4   . ? 1_555 ? 
37 AC5 4  GLY A 6   ? GLY A 5   . ? 1_555 ? 
38 AC5 4  HOH G .   ? HOH A 367 . ? 1_555 ? 
# 
_atom_sites.entry_id                    5ILR 
_atom_sites.fract_transf_matrix[1][1]   0.01834817 
_atom_sites.fract_transf_matrix[1][2]   -0.00742587 
_atom_sites.fract_transf_matrix[1][3]   0.02275455 
_atom_sites.fract_transf_matrix[2][1]   -0.02121552 
_atom_sites.fract_transf_matrix[2][2]   0.01332843 
_atom_sites.fract_transf_matrix[2][3]   0.02145685 
_atom_sites.fract_transf_matrix[3][1]   -0.00465492 
_atom_sites.fract_transf_matrix[3][2]   -0.01472597 
_atom_sites.fract_transf_matrix[3][3]   0.00454482 
_atom_sites.fract_transf_vector[1]      -0.261269 
_atom_sites.fract_transf_vector[2]      0.176421 
_atom_sites.fract_transf_vector[3]      -0.252660 
# 
loop_
_atom_type.symbol 
C  
CL 
FE 
N  
O  
S  
# 
loop_
_atom_site.group_PDB 
_atom_site.id 
_atom_site.type_symbol 
_atom_site.label_atom_id 
_atom_site.label_alt_id 
_atom_site.label_comp_id 
_atom_site.label_asym_id 
_atom_site.label_entity_id 
_atom_site.label_seq_id 
_atom_site.pdbx_PDB_ins_code 
_atom_site.Cartn_x 
_atom_site.Cartn_y 
_atom_site.Cartn_z 
_atom_site.occupancy 
_atom_site.B_iso_or_equiv 
_atom_site.pdbx_formal_charge 
_atom_site.auth_seq_id 
_atom_site.auth_comp_id 
_atom_site.auth_asym_id 
_atom_site.auth_atom_id 
_atom_site.pdbx_PDB_model_num 
ATOM   1    N  N   . VAL A 1 2   ? -14.592 -12.081 0.624   1.00 34.94 ? 1   VAL A N   1 
ATOM   2    C  CA  . VAL A 1 2   ? -15.216 -11.471 -0.597  1.00 32.76 ? 1   VAL A CA  1 
ATOM   3    C  C   . VAL A 1 2   ? -15.866 -10.088 -0.375  1.00 26.32 ? 1   VAL A C   1 
ATOM   4    O  O   . VAL A 1 2   ? -16.779 -9.908  0.461   1.00 27.04 ? 1   VAL A O   1 
ATOM   5    C  CB  . VAL A 1 2   ? -16.292 -12.426 -1.186  1.00 39.87 ? 1   VAL A CB  1 
ATOM   6    C  CG1 . VAL A 1 2   ? -17.050 -11.787 -2.337  1.00 39.50 ? 1   VAL A CG1 1 
ATOM   7    C  CG2 . VAL A 1 2   ? -15.638 -13.714 -1.662  1.00 39.45 ? 1   VAL A CG2 1 
ATOM   8    N  N   . LEU A 1 3   ? -15.456 -9.106  -1.169  1.00 18.91 ? 2   LEU A N   1 
ATOM   9    C  CA  . LEU A 1 3   ? -16.097 -7.796  -1.098  1.00 17.78 ? 2   LEU A CA  1 
ATOM   10   C  C   . LEU A 1 3   ? -17.354 -7.870  -1.994  1.00 17.72 ? 2   LEU A C   1 
ATOM   11   O  O   . LEU A 1 3   ? -17.295 -8.402  -3.128  1.00 18.06 ? 2   LEU A O   1 
ATOM   12   C  CB  . LEU A 1 3   ? -15.192 -6.662  -1.613  1.00 17.39 ? 2   LEU A CB  1 
ATOM   13   C  CG  . LEU A 1 3   ? -14.222 -5.992  -0.578  1.00 19.37 ? 2   LEU A CG  1 
ATOM   14   C  CD1 . LEU A 1 3   ? -13.155 -6.986  -0.223  1.00 19.99 ? 2   LEU A CD1 1 
ATOM   15   C  CD2 . LEU A 1 3   ? -13.591 -4.711  -1.169  1.00 18.81 ? 2   LEU A CD2 1 
ATOM   16   N  N   . SER A 1 4   ? -18.371 -7.194  -1.546  1.00 16.77 ? 3   SER A N   1 
ATOM   17   C  CA  . SER A 1 4   ? -19.527 -6.916  -2.371  1.00 18.64 ? 3   SER A CA  1 
ATOM   18   C  C   . SER A 1 4   ? -19.239 -5.973  -3.516  1.00 18.49 ? 3   SER A C   1 
ATOM   19   O  O   . SER A 1 4   ? -18.304 -5.231  -3.436  1.00 14.26 ? 3   SER A O   1 
ATOM   20   C  CB  . SER A 1 4   ? -20.634 -6.342  -1.514  1.00 17.55 ? 3   SER A CB  1 
ATOM   21   O  OG  . SER A 1 4   ? -20.519 -4.978  -1.140  1.00 17.15 ? 3   SER A OG  1 
ATOM   22   N  N   . GLU A 1 5   ? -20.128 -5.887  -4.517  1.00 17.20 ? 4   GLU A N   1 
ATOM   23   C  CA  A GLU A 1 5   ? -19.857 -4.907  -5.585  0.50 16.63 ? 4   GLU A CA  1 
ATOM   24   C  CA  B GLU A 1 5   ? -19.957 -4.892  -5.588  0.50 16.88 ? 4   GLU A CA  1 
ATOM   25   C  C   . GLU A 1 5   ? -19.906 -3.480  -4.995  1.00 16.61 ? 4   GLU A C   1 
ATOM   26   O  O   . GLU A 1 5   ? -19.125 -2.625  -5.406  1.00 16.33 ? 4   GLU A O   1 
ATOM   27   C  CB  A GLU A 1 5   ? -20.747 -5.103  -6.847  0.50 16.33 ? 4   GLU A CB  1 
ATOM   28   C  CB  B GLU A 1 5   ? -21.106 -4.975  -6.627  0.50 16.83 ? 4   GLU A CB  1 
ATOM   29   C  CG  A GLU A 1 5   ? -20.425 -6.382  -7.604  0.50 15.71 ? 4   GLU A CG  1 
ATOM   30   C  CG  B GLU A 1 5   ? -21.113 -3.827  -7.599  0.50 16.06 ? 4   GLU A CG  1 
ATOM   31   C  CD  A GLU A 1 5   ? -19.349 -6.217  -8.645  0.50 14.52 ? 4   GLU A CD  1 
ATOM   32   C  CD  B GLU A 1 5   ? -19.789 -3.642  -8.288  0.50 15.37 ? 4   GLU A CD  1 
ATOM   33   O  OE1 A GLU A 1 5   ? -18.863 -5.109  -8.864  0.50 14.49 ? 4   GLU A OE1 1 
ATOM   34   O  OE1 B GLU A 1 5   ? -19.162 -4.658  -8.622  0.50 15.09 ? 4   GLU A OE1 1 
ATOM   35   O  OE2 A GLU A 1 5   ? -18.964 -7.196  -9.227  0.50 14.65 ? 4   GLU A OE2 1 
ATOM   36   O  OE2 B GLU A 1 5   ? -19.369 -2.487  -8.470  0.50 15.89 ? 4   GLU A OE2 1 
ATOM   37   N  N   . GLY A 1 6   ? -20.818 -3.206  -4.043  1.00 16.07 ? 5   GLY A N   1 
ATOM   38   C  CA  . GLY A 1 6   ? -20.894 -1.926  -3.494  1.00 17.23 ? 5   GLY A CA  1 
ATOM   39   C  C   . GLY A 1 6   ? -19.640 -1.522  -2.725  1.00 15.82 ? 5   GLY A C   1 
ATOM   40   O  O   . GLY A 1 6   ? -19.235 -0.355  -2.765  1.00 17.34 ? 5   GLY A O   1 
ATOM   41   N  N   . GLU A 1 7   ? -19.048 -2.495  -2.058  1.00 15.58 ? 6   GLU A N   1 
ATOM   42   C  CA  . GLU A 1 7   ? -17.754 -2.280  -1.359  1.00 15.13 ? 6   GLU A CA  1 
ATOM   43   C  C   . GLU A 1 7   ? -16.616 -2.013  -2.371  1.00 12.97 ? 6   GLU A C   1 
ATOM   44   O  O   . GLU A 1 7   ? -15.829 -1.069  -2.196  1.00 11.89 ? 6   GLU A O   1 
ATOM   45   C  CB  . GLU A 1 7   ? -17.409 -3.471  -0.468  1.00 16.27 ? 6   GLU A CB  1 
ATOM   46   C  CG  . GLU A 1 7   ? -18.203 -3.527  0.847   1.00 17.23 ? 6   GLU A CG  1 
ATOM   47   C  CD  . GLU A 1 7   ? -18.178 -4.877  1.569   1.00 18.35 ? 6   GLU A CD  1 
ATOM   48   O  OE1 . GLU A 1 7   ? -17.765 -5.923  1.009   1.00 16.62 ? 6   GLU A OE1 1 
ATOM   49   O  OE2 . GLU A 1 7   ? -18.504 -4.839  2.791   1.00 20.50 ? 6   GLU A OE2 1 
ATOM   50   N  N   . TRP A 1 8   ? -16.540 -2.804  -3.420  1.00 11.86 ? 7   TRP A N   1 
ATOM   51   C  CA  . TRP A 1 8   ? -15.584 -2.491  -4.508  1.00 11.45 ? 7   TRP A CA  1 
ATOM   52   C  C   . TRP A 1 8   ? -15.775 -1.097  -5.054  1.00 12.25 ? 7   TRP A C   1 
ATOM   53   O  O   . TRP A 1 8   ? -14.754 -0.376  -5.314  1.00 11.40 ? 7   TRP A O   1 
ATOM   54   C  CB  . TRP A 1 8   ? -15.551 -3.532  -5.626  1.00 11.50 ? 7   TRP A CB  1 
ATOM   55   C  CG  . TRP A 1 8   ? -14.898 -4.807  -5.263  1.00 12.17 ? 7   TRP A CG  1 
ATOM   56   C  CD1 . TRP A 1 8   ? -15.486 -6.087  -5.214  1.00 12.56 ? 7   TRP A CD1 1 
ATOM   57   C  CD2 . TRP A 1 8   ? -13.526 -4.992  -4.895  1.00 13.29 ? 7   TRP A CD2 1 
ATOM   58   N  NE1 . TRP A 1 8   ? -14.534 -7.032  -4.873  1.00 14.39 ? 7   TRP A NE1 1 
ATOM   59   C  CE2 . TRP A 1 8   ? -13.343 -6.375  -4.620  1.00 14.11 ? 7   TRP A CE2 1 
ATOM   60   C  CE3 . TRP A 1 8   ? -12.424 -4.106  -4.743  1.00 13.94 ? 7   TRP A CE3 1 
ATOM   61   C  CZ2 . TRP A 1 8   ? -12.111 -6.899  -4.198  1.00 15.85 ? 7   TRP A CZ2 1 
ATOM   62   C  CZ3 . TRP A 1 8   ? -11.200 -4.624  -4.380  1.00 14.05 ? 7   TRP A CZ3 1 
ATOM   63   C  CH2 . TRP A 1 8   ? -11.044 -6.012  -4.085  1.00 15.09 ? 7   TRP A CH2 1 
ATOM   64   N  N   . GLN A 1 9   ? -17.035 -0.662  -5.216  1.00 12.53 ? 8   GLN A N   1 
ATOM   65   C  CA  . GLN A 1 9   ? -17.265 0.668   -5.724  1.00 13.55 ? 8   GLN A CA  1 
ATOM   66   C  C   . GLN A 1 9   ? -16.712 1.781   -4.829  1.00 12.92 ? 8   GLN A C   1 
ATOM   67   O  O   . GLN A 1 9   ? -16.084 2.744   -5.319  1.00 10.42 ? 8   GLN A O   1 
ATOM   68   C  CB  . GLN A 1 9   ? -18.737 0.903   -6.086  1.00 16.12 ? 8   GLN A CB  1 
ATOM   69   C  CG  . GLN A 1 9   ? -18.854 2.095   -7.059  1.00 19.53 ? 8   GLN A CG  1 
ATOM   70   C  CD  . GLN A 1 9   ? -20.291 2.418   -7.504  1.00 26.30 ? 8   GLN A CD  1 
ATOM   71   O  OE1 . GLN A 1 9   ? -20.532 3.116   -8.555  1.00 28.73 ? 8   GLN A OE1 1 
ATOM   72   N  NE2 . GLN A 1 9   ? -21.265 1.908   -6.722  1.00 24.76 ? 8   GLN A NE2 1 
ATOM   73   N  N   . LEU A 1 10  ? -16.924 1.638   -3.524  1.00 13.19 ? 9   LEU A N   1 
ATOM   74   C  CA  . LEU A 1 10  ? -16.375 2.585   -2.553  1.00 14.30 ? 9   LEU A CA  1 
ATOM   75   C  C   . LEU A 1 10  ? -14.842 2.649   -2.622  1.00 12.59 ? 9   LEU A C   1 
ATOM   76   O  O   . LEU A 1 10  ? -14.268 3.767   -2.598  1.00 12.79 ? 9   LEU A O   1 
ATOM   77   C  CB  . LEU A 1 10  ? -16.798 2.233   -1.121  1.00 15.12 ? 9   LEU A CB  1 
ATOM   78   C  CG  . LEU A 1 10  ? -18.275 2.393   -0.810  1.00 16.87 ? 9   LEU A CG  1 
ATOM   79   C  CD1 . LEU A 1 10  ? -18.640 1.663   0.492   1.00 18.17 ? 9   LEU A CD1 1 
ATOM   80   C  CD2 . LEU A 1 10  ? -18.536 3.882   -0.752  1.00 17.86 ? 9   LEU A CD2 1 
ATOM   81   N  N   . VAL A 1 11  ? -14.236 1.469   -2.694  1.00 12.64 ? 10  VAL A N   1 
ATOM   82   C  CA  . VAL A 1 11  ? -12.765 1.319   -2.804  1.00 12.22 ? 10  VAL A CA  1 
ATOM   83   C  C   . VAL A 1 11  ? -12.255 2.043   -4.061  1.00 12.19 ? 10  VAL A C   1 
ATOM   84   O  O   . VAL A 1 11  ? -11.300 2.808   -4.011  1.00 10.57 ? 10  VAL A O   1 
ATOM   85   C  CB  . VAL A 1 11  ? -12.355 -0.164  -2.815  1.00 12.06 ? 10  VAL A CB  1 
ATOM   86   C  CG1 . VAL A 1 11  ? -10.912 -0.389  -3.259  1.00 13.15 ? 10  VAL A CG1 1 
ATOM   87   C  CG2 . VAL A 1 11  ? -12.622 -0.807  -1.461  1.00 12.56 ? 10  VAL A CG2 1 
ATOM   88   N  N   . LEU A 1 12  ? -12.886 1.785   -5.212  1.00 11.36 ? 11  LEU A N   1 
ATOM   89   C  CA  . LEU A 1 12  ? -12.368 2.314   -6.494  1.00 11.02 ? 11  LEU A CA  1 
ATOM   90   C  C   . LEU A 1 12  ? -12.722 3.782   -6.709  1.00 11.54 ? 11  LEU A C   1 
ATOM   91   O  O   . LEU A 1 12  ? -11.990 4.498   -7.362  1.00 13.23 ? 11  LEU A O   1 
ATOM   92   C  CB  . LEU A 1 12  ? -12.801 1.432   -7.641  1.00 11.37 ? 11  LEU A CB  1 
ATOM   93   C  CG  . LEU A 1 12  ? -12.253 0.023   -7.589  1.00 12.10 ? 11  LEU A CG  1 
ATOM   94   C  CD1 . LEU A 1 12  ? -12.901 -0.838  -8.662  1.00 13.55 ? 11  LEU A CD1 1 
ATOM   95   C  CD2 . LEU A 1 12  ? -10.720 0.025   -7.649  1.00 12.30 ? 11  LEU A CD2 1 
ATOM   96   N  N   . HIS A 1 13  ? -13.774 4.256   -6.083  1.00 11.95 ? 12  HIS A N   1 
ATOM   97   C  CA  . HIS A 1 13  ? -14.102 5.678   -6.090  1.00 13.73 ? 12  HIS A CA  1 
ATOM   98   C  C   . HIS A 1 13  ? -13.042 6.488   -5.385  1.00 13.50 ? 12  HIS A C   1 
ATOM   99   O  O   . HIS A 1 13  ? -12.475 7.442   -5.979  1.00 13.57 ? 12  HIS A O   1 
ATOM   100  C  CB  . HIS A 1 13  ? -15.403 5.906   -5.359  1.00 15.92 ? 12  HIS A CB  1 
ATOM   101  C  CG  . HIS A 1 13  ? -15.929 7.297   -5.521  1.00 20.98 ? 12  HIS A CG  1 
ATOM   102  N  ND1 . HIS A 1 13  ? -16.454 7.771   -6.719  1.00 23.60 ? 12  HIS A ND1 1 
ATOM   103  C  CD2 . HIS A 1 13  ? -15.957 8.337   -4.653  1.00 24.57 ? 12  HIS A CD2 1 
ATOM   104  C  CE1 . HIS A 1 13  ? -16.790 9.043   -6.568  1.00 25.08 ? 12  HIS A CE1 1 
ATOM   105  N  NE2 . HIS A 1 13  ? -16.524 9.399   -5.317  1.00 23.10 ? 12  HIS A NE2 1 
ATOM   106  N  N   . VAL A 1 14  ? -12.670 6.026   -4.180  1.00 13.56 ? 13  VAL A N   1 
ATOM   107  C  CA  . VAL A 1 14  ? -11.571 6.676   -3.512  1.00 14.02 ? 13  VAL A CA  1 
ATOM   108  C  C   . VAL A 1 14  ? -10.226 6.534   -4.228  1.00 13.53 ? 13  VAL A C   1 
ATOM   109  O  O   . VAL A 1 14  ? -9.452  7.535   -4.281  1.00 15.89 ? 13  VAL A O   1 
ATOM   110  C  CB  . VAL A 1 14  ? -11.485 6.416   -2.023  1.00 15.76 ? 13  VAL A CB  1 
ATOM   111  C  CG1 . VAL A 1 14  ? -10.887 5.089   -1.704  1.00 16.41 ? 13  VAL A CG1 1 
ATOM   112  C  CG2 . VAL A 1 14  ? -10.581 7.441   -1.338  1.00 17.49 ? 13  VAL A CG2 1 
ATOM   113  N  N   . TRP A 1 15  ? -9.934  5.362   -4.755  1.00 13.38 ? 14  TRP A N   1 
ATOM   114  C  CA  . TRP A 1 15  ? -8.693  5.161   -5.490  1.00 14.12 ? 14  TRP A CA  1 
ATOM   115  C  C   . TRP A 1 15  ? -8.602  6.020   -6.733  1.00 15.26 ? 14  TRP A C   1 
ATOM   116  O  O   . TRP A 1 15  ? -7.500  6.476   -7.066  1.00 13.76 ? 14  TRP A O   1 
ATOM   117  C  CB  . TRP A 1 15  ? -8.442  3.729   -5.938  1.00 15.92 ? 14  TRP A CB  1 
ATOM   118  C  CG  . TRP A 1 15  ? -6.987  3.546   -6.155  1.00 16.19 ? 14  TRP A CG  1 
ATOM   119  C  CD1 . TRP A 1 15  ? -6.291  3.547   -7.297  1.00 17.47 ? 14  TRP A CD1 1 
ATOM   120  C  CD2 . TRP A 1 15  ? -6.048  3.430   -5.098  1.00 15.41 ? 14  TRP A CD2 1 
ATOM   121  N  NE1 . TRP A 1 15  ? -4.935  3.398   -7.024  1.00 17.67 ? 14  TRP A NE1 1 
ATOM   122  C  CE2 . TRP A 1 15  ? -4.768  3.351   -5.670  1.00 17.10 ? 14  TRP A CE2 1 
ATOM   123  C  CE3 . TRP A 1 15  ? -6.177  3.400   -3.728  1.00 16.90 ? 14  TRP A CE3 1 
ATOM   124  C  CZ2 . TRP A 1 15  ? -3.632  3.194   -4.890  1.00 16.64 ? 14  TRP A CZ2 1 
ATOM   125  C  CZ3 . TRP A 1 15  ? -5.052  3.265   -2.943  1.00 19.06 ? 14  TRP A CZ3 1 
ATOM   126  C  CH2 . TRP A 1 15  ? -3.807  3.129   -3.530  1.00 16.15 ? 14  TRP A CH2 1 
ATOM   127  N  N   . ALA A 1 16  ? -9.748  6.300   -7.396  1.00 14.05 ? 15  ALA A N   1 
ATOM   128  C  CA  . ALA A 1 16  ? -9.740  7.169   -8.578  1.00 17.11 ? 15  ALA A CA  1 
ATOM   129  C  C   . ALA A 1 16  ? -9.246  8.569   -8.207  1.00 18.16 ? 15  ALA A C   1 
ATOM   130  O  O   . ALA A 1 16  ? -8.611  9.256   -9.028  1.00 20.19 ? 15  ALA A O   1 
ATOM   131  C  CB  . ALA A 1 16  ? -11.132 7.280   -9.190  1.00 16.33 ? 15  ALA A CB  1 
ATOM   132  N  N   . LYS A 1 17  ? -9.553  8.985   -6.999  1.00 17.11 ? 16  LYS A N   1 
ATOM   133  C  CA  . LYS A 1 17  ? -9.087  10.232  -6.465  1.00 20.33 ? 16  LYS A CA  1 
ATOM   134  C  C   . LYS A 1 17  ? -7.601  10.235  -6.131  1.00 22.08 ? 16  LYS A C   1 
ATOM   135  O  O   . LYS A 1 17  ? -6.946  11.265  -6.232  1.00 19.96 ? 16  LYS A O   1 
ATOM   136  C  CB  . LYS A 1 17  ? -9.742  10.550  -5.108  1.00 21.38 ? 16  LYS A CB  1 
ATOM   137  C  CG  . LYS A 1 17  ? -11.288 10.780  -4.993  1.00 24.53 ? 16  LYS A CG  1 
ATOM   138  C  CD  . LYS A 1 17  ? -11.881 11.657  -6.064  1.00 25.55 ? 16  LYS A CD  1 
ATOM   139  C  CE  . LYS A 1 17  ? -13.401 11.749  -5.918  1.00 25.81 ? 16  LYS A CE  1 
ATOM   140  N  NZ  . LYS A 1 17  ? -14.126 12.800  -6.742  1.00 24.70 ? 16  LYS A NZ  1 
ATOM   141  N  N   . VAL A 1 18  ? -7.110  9.132   -5.573  1.00 19.73 ? 17  VAL A N   1 
ATOM   142  C  CA  . VAL A 1 18  ? -5.651  8.990   -5.281  1.00 20.96 ? 17  VAL A CA  1 
ATOM   143  C  C   . VAL A 1 18  ? -4.923  9.218   -6.581  1.00 21.46 ? 17  VAL A C   1 
ATOM   144  O  O   . VAL A 1 18  ? -3.876  9.903   -6.624  1.00 22.43 ? 17  VAL A O   1 
ATOM   145  C  CB  . VAL A 1 18  ? -5.299  7.564   -4.758  1.00 20.68 ? 17  VAL A CB  1 
ATOM   146  C  CG1 . VAL A 1 18  ? -3.778  7.302   -4.784  1.00 20.70 ? 17  VAL A CG1 1 
ATOM   147  C  CG2 . VAL A 1 18  ? -5.799  7.371   -3.350  1.00 21.64 ? 17  VAL A CG2 1 
ATOM   148  N  N   . GLU A 1 19  ? -5.534  8.732   -7.660  1.00 21.04 ? 18  GLU A N   1 
ATOM   149  C  CA  . GLU A 1 19  ? -4.936  8.766   -8.948  1.00 24.74 ? 18  GLU A CA  1 
ATOM   150  C  C   . GLU A 1 19  ? -4.756  10.172  -9.542  1.00 23.80 ? 18  GLU A C   1 
ATOM   151  O  O   . GLU A 1 19  ? -3.932  10.307  -10.470 1.00 25.36 ? 18  GLU A O   1 
ATOM   152  C  CB  . GLU A 1 19  ? -5.591  7.758   -9.917  1.00 26.20 ? 18  GLU A CB  1 
ATOM   153  C  CG  . GLU A 1 19  ? -5.002  6.370   -9.666  1.00 29.68 ? 18  GLU A CG  1 
ATOM   154  C  CD  . GLU A 1 19  ? -5.643  5.275   -10.485 1.00 29.52 ? 18  GLU A CD  1 
ATOM   155  O  OE1 . GLU A 1 19  ? -6.551  5.568   -11.254 1.00 28.27 ? 18  GLU A OE1 1 
ATOM   156  O  OE2 . GLU A 1 19  ? -5.197  4.115   -10.390 1.00 32.34 ? 18  GLU A OE2 1 
ATOM   157  N  N   . ALA A 1 20  ? -5.395  11.187  -8.937  1.00 25.01 ? 19  ALA A N   1 
ATOM   158  C  CA  . ALA A 1 20  ? -5.232  12.591  -9.340  1.00 23.88 ? 19  ALA A CA  1 
ATOM   159  C  C   . ALA A 1 20  ? -3.868  13.115  -8.965  1.00 26.15 ? 19  ALA A C   1 
ATOM   160  O  O   . ALA A 1 20  ? -3.304  13.949  -9.658  1.00 26.57 ? 19  ALA A O   1 
ATOM   161  C  CB  . ALA A 1 20  ? -6.265  13.455  -8.679  1.00 24.18 ? 19  ALA A CB  1 
ATOM   162  N  N   . ASP A 1 21  ? -3.312  12.575  -7.890  1.00 24.47 ? 20  ASP A N   1 
ATOM   163  C  CA  . ASP A 1 21  ? -1.984  12.957  -7.463  1.00 21.56 ? 20  ASP A CA  1 
ATOM   164  C  C   . ASP A 1 21  ? -1.316  11.763  -6.823  1.00 17.86 ? 20  ASP A C   1 
ATOM   165  O  O   . ASP A 1 21  ? -1.147  11.757  -5.596  1.00 18.85 ? 20  ASP A O   1 
ATOM   166  C  CB  . ASP A 1 21  ? -2.071  14.128  -6.514  1.00 22.52 ? 20  ASP A CB  1 
ATOM   167  C  CG  . ASP A 1 21  ? -0.673  14.586  -5.988  1.00 22.92 ? 20  ASP A CG  1 
ATOM   168  O  OD1 . ASP A 1 21  ? 0.375   14.173  -6.529  1.00 20.45 ? 20  ASP A OD1 1 
ATOM   169  O  OD2 . ASP A 1 21  ? -0.651  15.272  -4.968  1.00 28.61 ? 20  ASP A OD2 1 
ATOM   170  N  N   . VAL A 1 22  ? -0.873  10.846  -7.656  1.00 18.84 ? 21  VAL A N   1 
ATOM   171  C  CA  . VAL A 1 22  ? -0.320  9.548   -7.200  1.00 20.38 ? 21  VAL A CA  1 
ATOM   172  C  C   . VAL A 1 22  ? 1.022   9.827   -6.447  1.00 18.87 ? 21  VAL A C   1 
ATOM   173  O  O   . VAL A 1 22  ? 1.250   9.337   -5.377  1.00 16.95 ? 21  VAL A O   1 
ATOM   174  C  CB  . VAL A 1 22  ? -0.006  8.590   -8.360  1.00 21.91 ? 21  VAL A CB  1 
ATOM   175  C  CG1 . VAL A 1 22  ? 0.534   7.267   -7.842  1.00 24.35 ? 21  VAL A CG1 1 
ATOM   176  C  CG2 . VAL A 1 22  ? -1.219  8.290   -9.259  1.00 25.28 ? 21  VAL A CG2 1 
ATOM   177  N  N   . ALA A 1 23  ? 1.866   10.677  -7.015  1.00 19.38 ? 22  ALA A N   1 
ATOM   178  C  CA  . ALA A 1 23  ? 3.167   11.050  -6.362  1.00 19.74 ? 22  ALA A CA  1 
ATOM   179  C  C   . ALA A 1 23  ? 3.026   11.641  -4.971  1.00 17.86 ? 22  ALA A C   1 
ATOM   180  O  O   . ALA A 1 23  ? 3.774   11.297  -4.036  1.00 18.15 ? 22  ALA A O   1 
ATOM   181  C  CB  . ALA A 1 23  ? 3.956   11.981  -7.282  1.00 22.06 ? 22  ALA A CB  1 
ATOM   182  N  N   . GLY A 1 24  ? 2.080   12.562  -4.820  1.00 17.85 ? 23  GLY A N   1 
ATOM   183  C  CA  . GLY A 1 24  ? 1.763   13.221  -3.548  1.00 15.13 ? 23  GLY A CA  1 
ATOM   184  C  C   . GLY A 1 24  ? 1.241   12.253  -2.476  1.00 15.69 ? 23  GLY A C   1 
ATOM   185  O  O   . GLY A 1 24  ? 1.641   12.305  -1.258  1.00 11.81 ? 23  GLY A O   1 
ATOM   186  N  N   . HIS A 1 25  ? 0.335   11.359  -2.895  1.00 13.08 ? 24  HIS A N   1 
ATOM   187  C  CA  . HIS A 1 25  ? -0.077  10.266  -2.030  1.00 13.40 ? 24  HIS A CA  1 
ATOM   188  C  C   . HIS A 1 25  ? 1.019   9.300   -1.636  1.00 12.15 ? 24  HIS A C   1 
ATOM   189  O  O   . HIS A 1 25  ? 1.065   8.940   -0.476  1.00 13.07 ? 24  HIS A O   1 
ATOM   190  C  CB  . HIS A 1 25  ? -1.168  9.477   -2.706  1.00 14.17 ? 24  HIS A CB  1 
ATOM   191  C  CG  . HIS A 1 25  ? -2.479  10.196  -2.663  1.00 17.03 ? 24  HIS A CG  1 
ATOM   192  N  ND1 . HIS A 1 25  ? -2.861  11.079  -3.646  1.00 17.99 ? 24  HIS A ND1 1 
ATOM   193  C  CD2 . HIS A 1 25  ? -3.516  10.113  -1.801  1.00 18.28 ? 24  HIS A CD2 1 
ATOM   194  C  CE1 . HIS A 1 25  ? -4.065  11.544  -3.383  1.00 17.90 ? 24  HIS A CE1 1 
ATOM   195  N  NE2 . HIS A 1 25  ? -4.469  10.994  -2.248  1.00 22.26 ? 24  HIS A NE2 1 
ATOM   196  N  N   . GLY A 1 26  ? 1.850   8.931   -2.594  1.00 11.45 ? 25  GLY A N   1 
ATOM   197  C  CA  . GLY A 1 26  ? 2.957   8.025   -2.347  1.00 11.65 ? 25  GLY A CA  1 
ATOM   198  C  C   . GLY A 1 26  ? 3.941   8.563   -1.342  1.00 11.60 ? 25  GLY A C   1 
ATOM   199  O  O   . GLY A 1 26  ? 4.327   7.871   -0.453  1.00 10.31 ? 25  GLY A O   1 
ATOM   200  N  N   . GLN A 1 27  ? 4.256   9.856   -1.445  1.00 13.45 ? 26  GLN A N   1 
ATOM   201  C  CA  A GLN A 1 27  ? 5.116   10.532  -0.454  0.50 13.63 ? 26  GLN A CA  1 
ATOM   202  C  CA  B GLN A 1 27  ? 5.141   10.515  -0.499  0.50 13.80 ? 26  GLN A CA  1 
ATOM   203  C  C   . GLN A 1 27  ? 4.540   10.459  0.927   1.00 12.95 ? 26  GLN A C   1 
ATOM   204  O  O   . GLN A 1 27  ? 5.208   10.056  1.853   1.00 12.32 ? 26  GLN A O   1 
ATOM   205  C  CB  A GLN A 1 27  ? 5.356   12.017  -0.784  0.50 15.56 ? 26  GLN A CB  1 
ATOM   206  C  CB  B GLN A 1 27  ? 5.473   11.933  -1.070  0.50 15.90 ? 26  GLN A CB  1 
ATOM   207  C  CG  A GLN A 1 27  ? 6.426   12.264  -1.818  0.50 15.53 ? 26  GLN A CG  1 
ATOM   208  C  CG  B GLN A 1 27  ? 6.105   12.992  -0.185  0.50 16.12 ? 26  GLN A CG  1 
ATOM   209  C  CD  A GLN A 1 27  ? 6.478   13.691  -2.213  0.50 16.71 ? 26  GLN A CD  1 
ATOM   210  C  CD  B GLN A 1 27  ? 5.661   14.380  -0.643  0.50 16.58 ? 26  GLN A CD  1 
ATOM   211  O  OE1 A GLN A 1 27  ? 5.575   14.160  -2.919  0.50 20.87 ? 26  GLN A OE1 1 
ATOM   212  O  OE1 B GLN A 1 27  ? 5.246   14.565  -1.778  0.50 15.52 ? 26  GLN A OE1 1 
ATOM   213  N  NE2 A GLN A 1 27  ? 7.517   14.416  -1.768  0.50 15.39 ? 26  GLN A NE2 1 
ATOM   214  N  NE2 B GLN A 1 27  ? 5.649   15.313  0.258   0.50 18.27 ? 26  GLN A NE2 1 
ATOM   215  N  N   . ASP A 1 28  ? 3.282   10.839  1.066   1.00 11.90 ? 27  ASP A N   1 
ATOM   216  C  CA  . ASP A 1 28  ? 2.618   10.932  2.330   1.00 13.04 ? 27  ASP A CA  1 
ATOM   217  C  C   . ASP A 1 28  ? 2.572   9.551   2.975   1.00 10.17 ? 27  ASP A C   1 
ATOM   218  O  O   . ASP A 1 28  ? 2.828   9.422   4.166   1.00 9.54  ? 27  ASP A O   1 
ATOM   219  C  CB  . ASP A 1 28  ? 1.196   11.481  2.153   1.00 14.78 ? 27  ASP A CB  1 
ATOM   220  C  CG  . ASP A 1 28  ? 1.148   12.987  1.873   1.00 20.67 ? 27  ASP A CG  1 
ATOM   221  O  OD1 . ASP A 1 28  ? 2.175   13.668  1.923   1.00 17.91 ? 27  ASP A OD1 1 
ATOM   222  O  OD2 . ASP A 1 28  ? 0.045   13.495  1.630   1.00 21.85 ? 27  ASP A OD2 1 
ATOM   223  N  N   . ILE A 1 29  ? 2.216   8.547   2.192   1.00 10.18 ? 28  ILE A N   1 
ATOM   224  C  CA  . ILE A 1 29  ? 2.079   7.169   2.662   1.00 10.00 ? 28  ILE A CA  1 
ATOM   225  C  C   . ILE A 1 29  ? 3.422   6.590   3.137   1.00 9.75  ? 28  ILE A C   1 
ATOM   226  O  O   . ILE A 1 29  ? 3.527   6.011   4.236   1.00 7.90  ? 28  ILE A O   1 
ATOM   227  C  CB  . ILE A 1 29  ? 1.380   6.278   1.598   1.00 11.04 ? 28  ILE A CB  1 
ATOM   228  C  CG1 . ILE A 1 29  ? -0.071  6.686   1.469   1.00 10.81 ? 28  ILE A CG1 1 
ATOM   229  C  CG2 . ILE A 1 29  ? 1.588   4.784   1.905   1.00 11.05 ? 28  ILE A CG2 1 
ATOM   230  C  CD1 . ILE A 1 29  ? -0.792  6.113   0.256   1.00 10.75 ? 28  ILE A CD1 1 
ATOM   231  N  N   . LEU A 1 30  ? 4.458   6.719   2.334   1.00 9.94  ? 29  LEU A N   1 
ATOM   232  C  CA  . LEU A 1 30  ? 5.799   6.258   2.724   1.00 10.97 ? 29  LEU A CA  1 
ATOM   233  C  C   . LEU A 1 30  ? 6.388   7.006   3.893   1.00 10.05 ? 29  LEU A C   1 
ATOM   234  O  O   . LEU A 1 30  ? 6.930   6.359   4.758   1.00 9.35  ? 29  LEU A O   1 
ATOM   235  C  CB  . LEU A 1 30  ? 6.758   6.280   1.534   1.00 11.97 ? 29  LEU A CB  1 
ATOM   236  C  CG  . LEU A 1 30  ? 6.446   5.300   0.382   1.00 13.09 ? 29  LEU A CG  1 
ATOM   237  C  CD1 . LEU A 1 30  ? 7.453   5.633   -0.702  1.00 14.66 ? 29  LEU A CD1 1 
ATOM   238  C  CD2 . LEU A 1 30  ? 6.553   3.869   0.769   1.00 14.15 ? 29  LEU A CD2 1 
ATOM   239  N  N   . ILE A 1 31  ? 6.218   8.329   3.967   1.00 9.57  ? 30  ILE A N   1 
ATOM   240  C  CA  . ILE A 1 31  ? 6.715   9.071   5.131   1.00 11.49 ? 30  ILE A CA  1 
ATOM   241  C  C   . ILE A 1 31  ? 6.012   8.566   6.405   1.00 11.46 ? 30  ILE A C   1 
ATOM   242  O  O   . ILE A 1 31  ? 6.613   8.399   7.467   1.00 11.75 ? 30  ILE A O   1 
ATOM   243  C  CB  . ILE A 1 31  ? 6.553   10.550  4.952   1.00 12.09 ? 30  ILE A CB  1 
ATOM   244  C  CG1 . ILE A 1 31  ? 7.562   10.983  3.918   1.00 13.11 ? 30  ILE A CG1 1 
ATOM   245  C  CG2 . ILE A 1 31  ? 6.684   11.320  6.280   1.00 13.43 ? 30  ILE A CG2 1 
ATOM   246  C  CD1 . ILE A 1 31  ? 7.430   12.386  3.429   1.00 13.29 ? 30  ILE A CD1 1 
ATOM   247  N  N   . ARG A 1 32  ? 4.720   8.347   6.254   1.00 12.48 ? 31  ARG A N   1 
ATOM   248  C  CA  . ARG A 1 32  ? 3.905   7.852   7.363   1.00 13.92 ? 31  ARG A CA  1 
ATOM   249  C  C   . ARG A 1 32  ? 4.373   6.498   7.811   1.00 11.61 ? 31  ARG A C   1 
ATOM   250  O  O   . ARG A 1 32  ? 4.565   6.259   9.045   1.00 12.23 ? 31  ARG A O   1 
ATOM   251  C  CB  . ARG A 1 32  ? 2.402   7.920   6.926   1.00 15.03 ? 31  ARG A CB  1 
ATOM   252  C  CG  . ARG A 1 32  ? 1.463   7.002   7.658   1.00 20.30 ? 31  ARG A CG  1 
ATOM   253  C  CD  . ARG A 1 32  ? 1.419   7.185   9.126   1.00 27.23 ? 31  ARG A CD  1 
ATOM   254  N  NE  . ARG A 1 32  ? 0.724   8.337   9.644   1.00 34.56 ? 31  ARG A NE  1 
ATOM   255  C  CZ  . ARG A 1 32  ? 0.097   8.377   10.834  1.00 39.46 ? 31  ARG A CZ  1 
ATOM   256  N  NH1 . ARG A 1 32  ? -0.074  7.287   11.593  1.00 47.03 ? 31  ARG A NH1 1 
ATOM   257  N  NH2 . ARG A 1 32  ? -0.429  9.514   11.248  1.00 41.57 ? 31  ARG A NH2 1 
ATOM   258  N  N   . LEU A 1 33  ? 4.603   5.594   6.854   1.00 11.24 ? 32  LEU A N   1 
ATOM   259  C  CA  . LEU A 1 33  ? 5.106   4.276   7.150   1.00 10.44 ? 32  LEU A CA  1 
ATOM   260  C  C   . LEU A 1 33  ? 6.492   4.271   7.893   1.00 11.31 ? 32  LEU A C   1 
ATOM   261  O  O   . LEU A 1 33  ? 6.659   3.610   8.908   1.00 9.88  ? 32  LEU A O   1 
ATOM   262  C  CB  . LEU A 1 33  ? 5.285   3.519   5.831   1.00 10.22 ? 32  LEU A CB  1 
ATOM   263  C  CG  . LEU A 1 33  ? 5.838   2.107   5.940   1.00 10.42 ? 32  LEU A CG  1 
ATOM   264  C  CD1 . LEU A 1 33  ? 4.986   1.193   6.802   1.00 12.02 ? 32  LEU A CD1 1 
ATOM   265  C  CD2 . LEU A 1 33  ? 6.125   1.547   4.556   1.00 11.20 ? 32  LEU A CD2 1 
ATOM   266  N  N   . PHE A 1 34  ? 7.395   5.040   7.323   1.00 10.80 ? 33  PHE A N   1 
ATOM   267  C  CA  . PHE A 1 34  ? 8.795   5.123   7.794   1.00 11.83 ? 33  PHE A CA  1 
ATOM   268  C  C   . PHE A 1 34  ? 8.863   5.755   9.187   1.00 12.68 ? 33  PHE A C   1 
ATOM   269  O  O   . PHE A 1 34  ? 9.665   5.336   10.081  1.00 14.71 ? 33  PHE A O   1 
ATOM   270  C  CB  . PHE A 1 34  ? 9.655   5.851   6.785   1.00 11.94 ? 33  PHE A CB  1 
ATOM   271  C  CG  . PHE A 1 34  ? 9.870   5.124   5.461   1.00 11.54 ? 33  PHE A CG  1 
ATOM   272  C  CD1 . PHE A 1 34  ? 9.776   3.744   5.305   1.00 11.99 ? 33  PHE A CD1 1 
ATOM   273  C  CD2 . PHE A 1 34  ? 10.183  5.877   4.365   1.00 12.61 ? 33  PHE A CD2 1 
ATOM   274  C  CE1 . PHE A 1 34  ? 9.931   3.158   4.083   1.00 12.36 ? 33  PHE A CE1 1 
ATOM   275  C  CE2 . PHE A 1 34  ? 10.428  5.279   3.116   1.00 11.34 ? 33  PHE A CE2 1 
ATOM   276  C  CZ  . PHE A 1 34  ? 10.275  3.914   2.983   1.00 12.59 ? 33  PHE A CZ  1 
ATOM   277  N  N   . LYS A 1 35  ? 7.997   6.735   9.441   1.00 13.22 ? 34  LYS A N   1 
ATOM   278  C  CA  . LYS A 1 35  ? 7.959   7.399   10.733  1.00 13.78 ? 34  LYS A CA  1 
ATOM   279  C  C   . LYS A 1 35  ? 7.278   6.582   11.798  1.00 14.31 ? 34  LYS A C   1 
ATOM   280  O  O   . LYS A 1 35  ? 7.795   6.491   12.936  1.00 11.89 ? 34  LYS A O   1 
ATOM   281  C  CB  . LYS A 1 35  ? 7.301   8.768   10.671  1.00 16.57 ? 34  LYS A CB  1 
ATOM   282  C  CG  . LYS A 1 35  ? 8.106   9.825   9.952   1.00 17.96 ? 34  LYS A CG  1 
ATOM   283  C  CD  . LYS A 1 35  ? 7.274   11.102  9.876   1.00 21.75 ? 34  LYS A CD  1 
ATOM   284  C  CE  . LYS A 1 35  ? 7.087   11.599  11.332  1.00 25.47 ? 34  LYS A CE  1 
ATOM   285  N  NZ  . LYS A 1 35  ? 7.329   13.022  11.468  1.00 25.75 ? 34  LYS A NZ  1 
ATOM   286  N  N   . SER A 1 36  ? 6.188   5.923   11.428  1.00 12.88 ? 35  SER A N   1 
ATOM   287  C  CA  . SER A 1 36  ? 5.464   5.096   12.371  1.00 14.95 ? 35  SER A CA  1 
ATOM   288  C  C   . SER A 1 36  ? 6.111   3.803   12.679  1.00 13.57 ? 35  SER A C   1 
ATOM   289  O  O   . SER A 1 36  ? 5.923   3.300   13.769  1.00 13.82 ? 35  SER A O   1 
ATOM   290  C  CB  . SER A 1 36  ? 4.063   4.824   11.922  1.00 14.91 ? 35  SER A CB  1 
ATOM   291  O  OG  . SER A 1 36  ? 3.465   6.068   11.741  1.00 19.77 ? 35  SER A OG  1 
ATOM   292  N  N   . HIS A 1 37  ? 6.830   3.280   11.700  1.00 12.34 ? 36  HIS A N   1 
ATOM   293  C  CA  . HIS A 1 37  ? 7.476   1.974   11.770  1.00 11.07 ? 36  HIS A CA  1 
ATOM   294  C  C   . HIS A 1 37  ? 8.889   2.053   11.203  1.00 11.05 ? 36  HIS A C   1 
ATOM   295  O  O   . HIS A 1 37  ? 9.182   1.606   10.050  1.00 10.26 ? 36  HIS A O   1 
ATOM   296  C  CB  . HIS A 1 37  ? 6.595   0.984   11.032  1.00 11.59 ? 36  HIS A CB  1 
ATOM   297  C  CG  . HIS A 1 37  ? 5.179   0.943   11.539  1.00 12.94 ? 36  HIS A CG  1 
ATOM   298  N  ND1 . HIS A 1 37  ? 4.827   0.325   12.722  1.00 13.50 ? 36  HIS A ND1 1 
ATOM   299  C  CD2 . HIS A 1 37  ? 4.060   1.553   11.097  1.00 13.98 ? 36  HIS A CD2 1 
ATOM   300  C  CE1 . HIS A 1 37  ? 3.537   0.480   12.942  1.00 13.26 ? 36  HIS A CE1 1 
ATOM   301  N  NE2 . HIS A 1 37  ? 3.047   1.230   11.977  1.00 14.98 ? 36  HIS A NE2 1 
ATOM   302  N  N   . PRO A 1 38  ? 9.830   2.570   12.022  1.00 11.23 ? 37  PRO A N   1 
ATOM   303  C  CA  . PRO A 1 38  ? 11.174  2.804   11.454  1.00 11.77 ? 37  PRO A CA  1 
ATOM   304  C  C   . PRO A 1 38  ? 11.913  1.555   11.016  1.00 12.92 ? 37  PRO A C   1 
ATOM   305  O  O   . PRO A 1 38  ? 12.806  1.661   10.175  1.00 13.89 ? 37  PRO A O   1 
ATOM   306  C  CB  . PRO A 1 38  ? 11.940  3.493   12.572  1.00 11.74 ? 37  PRO A CB  1 
ATOM   307  C  CG  . PRO A 1 38  ? 10.838  4.136   13.415  1.00 12.08 ? 37  PRO A CG  1 
ATOM   308  C  CD  . PRO A 1 38  ? 9.688   3.176   13.357  1.00 11.54 ? 37  PRO A CD  1 
ATOM   309  N  N   . GLU A 1 39  ? 11.537  0.406   11.549  1.00 13.02 ? 38  GLU A N   1 
ATOM   310  C  CA  . GLU A 1 39  ? 12.108  -0.865  11.071  1.00 13.95 ? 38  GLU A CA  1 
ATOM   311  C  C   . GLU A 1 39  ? 11.876  -1.036  9.529   1.00 15.36 ? 38  GLU A C   1 
ATOM   312  O  O   . GLU A 1 39  ? 12.660  -1.726  8.845   1.00 13.87 ? 38  GLU A O   1 
ATOM   313  C  CB  . GLU A 1 39  ? 11.546  -2.094  11.811  1.00 13.57 ? 38  GLU A CB  1 
ATOM   314  C  CG  . GLU A 1 39  ? 10.050  -2.431  11.619  1.00 14.84 ? 38  GLU A CG  1 
ATOM   315  C  CD  . GLU A 1 39  ? 9.134   -1.663  12.513  1.00 13.12 ? 38  GLU A CD  1 
ATOM   316  O  OE1 . GLU A 1 39  ? 9.309   -0.422  12.767  1.00 14.81 ? 38  GLU A OE1 1 
ATOM   317  O  OE2 . GLU A 1 39  ? 8.200   -2.319  13.085  1.00 13.42 ? 38  GLU A OE2 1 
ATOM   318  N  N   . THR A 1 40  ? 10.770  -0.484  9.021   1.00 12.22 ? 39  THR A N   1 
ATOM   319  C  CA  . THR A 1 40  ? 10.439  -0.640  7.604   1.00 12.67 ? 39  THR A CA  1 
ATOM   320  C  C   . THR A 1 40  ? 11.440  0.078   6.694   1.00 13.29 ? 39  THR A C   1 
ATOM   321  O  O   . THR A 1 40  ? 11.787  -0.424  5.634   1.00 13.01 ? 39  THR A O   1 
ATOM   322  C  CB  . THR A 1 40  ? 9.005   -0.184  7.279   1.00 11.32 ? 39  THR A CB  1 
ATOM   323  O  OG1 . THR A 1 40  ? 8.799   1.228   7.493   1.00 10.58 ? 39  THR A OG1 1 
ATOM   324  C  CG2 . THR A 1 40  ? 7.955   -0.975  8.073   1.00 11.33 ? 39  THR A CG2 1 
ATOM   325  N  N   . LEU A 1 41  ? 11.890  1.261   7.108   1.00 12.59 ? 40  LEU A N   1 
ATOM   326  C  CA  . LEU A 1 41  ? 12.884  2.026   6.381   1.00 14.02 ? 40  LEU A CA  1 
ATOM   327  C  C   . LEU A 1 41  ? 14.156  1.218   6.188   1.00 15.74 ? 40  LEU A C   1 
ATOM   328  O  O   . LEU A 1 41  ? 14.778  1.238   5.110   1.00 14.76 ? 40  LEU A O   1 
ATOM   329  C  CB  . LEU A 1 41  ? 13.143  3.337   7.108   1.00 15.55 ? 40  LEU A CB  1 
ATOM   330  C  CG  . LEU A 1 41  ? 14.071  4.346   6.493   1.00 16.47 ? 40  LEU A CG  1 
ATOM   331  C  CD1 . LEU A 1 41  ? 13.512  4.792   5.194   1.00 15.60 ? 40  LEU A CD1 1 
ATOM   332  C  CD2 . LEU A 1 41  ? 14.242  5.539   7.455   1.00 17.52 ? 40  LEU A CD2 1 
ATOM   333  N  N   . GLU A 1 42  ? 14.524  0.444   7.216   1.00 15.92 ? 41  GLU A N   1 
ATOM   334  C  CA  . GLU A 1 42  ? 15.721  -0.352  7.190   1.00 20.04 ? 41  GLU A CA  1 
ATOM   335  C  C   . GLU A 1 42  ? 15.763  -1.395  6.087   1.00 19.23 ? 41  GLU A C   1 
ATOM   336  O  O   . GLU A 1 42  ? 16.851  -1.790  5.657   1.00 20.79 ? 41  GLU A O   1 
ATOM   337  C  CB  . GLU A 1 42  ? 15.958  -0.970  8.604   1.00 26.52 ? 41  GLU A CB  1 
ATOM   338  C  CG  . GLU A 1 42  ? 17.379  -1.416  8.887   1.00 29.97 ? 41  GLU A CG  1 
ATOM   339  C  CD  . GLU A 1 42  ? 18.377  -0.242  8.769   1.00 34.78 ? 41  GLU A CD  1 
ATOM   340  O  OE1 . GLU A 1 42  ? 19.532  -0.441  8.332   1.00 43.07 ? 41  GLU A OE1 1 
ATOM   341  O  OE2 . GLU A 1 42  ? 18.016  0.915   9.099   1.00 40.09 ? 41  GLU A OE2 1 
ATOM   342  N  N   . LYS A 1 43  ? 14.599  -1.849  5.578   1.00 16.21 ? 42  LYS A N   1 
ATOM   343  C  CA  . LYS A 1 43  ? 14.578  -2.735  4.446   1.00 18.11 ? 42  LYS A CA  1 
ATOM   344  C  C   . LYS A 1 43  ? 14.980  -2.163  3.135   1.00 17.97 ? 42  LYS A C   1 
ATOM   345  O  O   . LYS A 1 43  ? 15.095  -2.938  2.171   1.00 18.58 ? 42  LYS A O   1 
ATOM   346  C  CB  . LYS A 1 43  ? 13.192  -3.365  4.266   1.00 19.16 ? 42  LYS A CB  1 
ATOM   347  C  CG  . LYS A 1 43  ? 12.822  -4.302  5.390   1.00 20.61 ? 42  LYS A CG  1 
ATOM   348  C  CD  . LYS A 1 43  ? 13.495  -5.654  5.290   1.00 20.06 ? 42  LYS A CD  1 
ATOM   349  C  CE  . LYS A 1 43  ? 13.106  -6.475  6.508   1.00 22.39 ? 42  LYS A CE  1 
ATOM   350  N  NZ  . LYS A 1 43  ? 13.748  -7.816  6.546   1.00 20.44 ? 42  LYS A NZ  1 
ATOM   351  N  N   . PHE A 1 44  ? 15.086  -0.816  3.023   1.00 16.64 ? 43  PHE A N   1 
ATOM   352  C  CA  . PHE A 1 44  ? 15.322  -0.159  1.759   1.00 15.94 ? 43  PHE A CA  1 
ATOM   353  C  C   . PHE A 1 44  ? 16.753  0.438   1.850   1.00 17.17 ? 43  PHE A C   1 
ATOM   354  O  O   . PHE A 1 44  ? 16.935  1.473   2.494   1.00 16.05 ? 43  PHE A O   1 
ATOM   355  C  CB  . PHE A 1 44  ? 14.383  1.029   1.589   1.00 15.83 ? 43  PHE A CB  1 
ATOM   356  C  CG  . PHE A 1 44  ? 12.987  0.668   1.270   1.00 16.08 ? 43  PHE A CG  1 
ATOM   357  C  CD1 . PHE A 1 44  ? 12.072  0.476   2.311   1.00 16.51 ? 43  PHE A CD1 1 
ATOM   358  C  CD2 . PHE A 1 44  ? 12.540  0.534   -0.078  1.00 16.15 ? 43  PHE A CD2 1 
ATOM   359  C  CE1 . PHE A 1 44  ? 10.756  0.126   2.049   1.00 16.32 ? 43  PHE A CE1 1 
ATOM   360  C  CE2 . PHE A 1 44  ? 11.205  0.226   -0.338  1.00 14.50 ? 43  PHE A CE2 1 
ATOM   361  C  CZ  . PHE A 1 44  ? 10.309  0.061   0.729   1.00 17.39 ? 43  PHE A CZ  1 
ATOM   362  N  N   . ASP A 1 45  ? 17.738  -0.241  1.277   1.00 17.75 ? 44  ASP A N   1 
ATOM   363  C  CA  . ASP A 1 45  ? 19.078  0.287   1.126   1.00 19.32 ? 44  ASP A CA  1 
ATOM   364  C  C   . ASP A 1 45  ? 19.021  1.646   0.450   1.00 16.97 ? 44  ASP A C   1 
ATOM   365  O  O   . ASP A 1 45  ? 19.767  2.559   0.826   1.00 19.32 ? 44  ASP A O   1 
ATOM   366  C  CB  . ASP A 1 45  ? 19.989  -0.666  0.259   1.00 23.64 ? 44  ASP A CB  1 
ATOM   367  C  CG  . ASP A 1 45  ? 20.370  -1.970  0.988   1.00 27.90 ? 44  ASP A CG  1 
ATOM   368  O  OD1 . ASP A 1 45  ? 20.258  -2.045  2.239   1.00 27.58 ? 44  ASP A OD1 1 
ATOM   369  O  OD2 . ASP A 1 45  ? 20.727  -2.932  0.238   1.00 28.83 ? 44  ASP A OD2 1 
ATOM   370  N  N   . ARG A 1 46  ? 18.087  1.786   -0.477  1.00 15.49 ? 45  ARG A N   1 
ATOM   371  C  CA  . ARG A 1 46  ? 17.947  3.060   -1.221  1.00 15.00 ? 45  ARG A CA  1 
ATOM   372  C  C   . ARG A 1 46  ? 17.504  4.255   -0.365  1.00 14.44 ? 45  ARG A C   1 
ATOM   373  O  O   . ARG A 1 46  ? 17.658  5.408   -0.794  1.00 16.67 ? 45  ARG A O   1 
ATOM   374  C  CB  . ARG A 1 46  ? 17.113  2.872   -2.490  1.00 15.41 ? 45  ARG A CB  1 
ATOM   375  C  CG  . ARG A 1 46  ? 15.613  2.773   -2.266  1.00 15.87 ? 45  ARG A CG  1 
ATOM   376  C  CD  . ARG A 1 46  ? 14.786  2.359   -3.451  1.00 18.15 ? 45  ARG A CD  1 
ATOM   377  N  NE  . ARG A 1 46  ? 15.120  3.168   -4.616  1.00 20.51 ? 45  ARG A NE  1 
ATOM   378  C  CZ  . ARG A 1 46  ? 15.655  2.721   -5.724  1.00 21.16 ? 45  ARG A CZ  1 
ATOM   379  N  NH1 . ARG A 1 46  ? 15.879  3.552   -6.701  1.00 19.94 ? 45  ARG A NH1 1 
ATOM   380  N  NH2 . ARG A 1 46  ? 15.861  1.413   -5.913  1.00 22.63 ? 45  ARG A NH2 1 
ATOM   381  N  N   . PHE A 1 47  ? 16.861  3.991   0.772   1.00 12.84 ? 46  PHE A N   1 
ATOM   382  C  CA  . PHE A 1 47  ? 16.328  5.055   1.638   1.00 15.70 ? 46  PHE A CA  1 
ATOM   383  C  C   . PHE A 1 47  ? 16.904  5.135   2.996   1.00 17.67 ? 46  PHE A C   1 
ATOM   384  O  O   . PHE A 1 47  ? 16.609  6.071   3.726   1.00 16.50 ? 46  PHE A O   1 
ATOM   385  C  CB  . PHE A 1 47  ? 14.790  4.920   1.776   1.00 14.50 ? 46  PHE A CB  1 
ATOM   386  C  CG  . PHE A 1 47  ? 14.072  4.970   0.501   1.00 14.14 ? 46  PHE A CG  1 
ATOM   387  C  CD1 . PHE A 1 47  ? 14.382  5.909   -0.457  1.00 15.63 ? 46  PHE A CD1 1 
ATOM   388  C  CD2 . PHE A 1 47  ? 13.047  4.094   0.235   1.00 14.88 ? 46  PHE A CD2 1 
ATOM   389  C  CE1 . PHE A 1 47  ? 13.677  5.981   -1.651  1.00 15.90 ? 46  PHE A CE1 1 
ATOM   390  C  CE2 . PHE A 1 47  ? 12.341  4.131   -0.958  1.00 16.38 ? 46  PHE A CE2 1 
ATOM   391  C  CZ  . PHE A 1 47  ? 12.664  5.083   -1.907  1.00 17.49 ? 46  PHE A CZ  1 
ATOM   392  N  N   . LYS A 1 48  ? 17.792  4.229   3.362   1.00 19.79 ? 47  LYS A N   1 
ATOM   393  C  CA  . LYS A 1 48  ? 18.309  4.255   4.724   1.00 25.32 ? 47  LYS A CA  1 
ATOM   394  C  C   . LYS A 1 48  ? 19.191  5.438   5.138   1.00 21.36 ? 47  LYS A C   1 
ATOM   395  O  O   . LYS A 1 48  ? 19.419  5.663   6.336   1.00 19.41 ? 47  LYS A O   1 
ATOM   396  C  CB  . LYS A 1 48  ? 18.924  2.896   5.051   1.00 32.61 ? 47  LYS A CB  1 
ATOM   397  C  CG  . LYS A 1 48  ? 20.296  2.689   4.480   1.00 35.33 ? 47  LYS A CG  1 
ATOM   398  C  CD  . LYS A 1 48  ? 20.684  1.211   4.373   1.00 42.10 ? 47  LYS A CD  1 
ATOM   399  C  CE  . LYS A 1 48  ? 19.901  0.282   5.284   1.00 42.25 ? 47  LYS A CE  1 
ATOM   400  N  NZ  . LYS A 1 48  ? 20.606  -1.026  5.423   1.00 50.17 ? 47  LYS A NZ  1 
ATOM   401  N  N   . HIS A 1 49  ? 19.672  6.231   4.170   1.00 17.53 ? 48  HIS A N   1 
ATOM   402  C  CA  . HIS A 1 49  ? 20.353  7.465   4.473   1.00 17.87 ? 48  HIS A CA  1 
ATOM   403  C  C   . HIS A 1 49  ? 19.382  8.580   4.968   1.00 16.76 ? 48  HIS A C   1 
ATOM   404  O  O   . HIS A 1 49  ? 19.824  9.678   5.390   1.00 18.00 ? 48  HIS A O   1 
ATOM   405  C  CB  . HIS A 1 49  ? 21.113  8.011   3.258   1.00 17.54 ? 48  HIS A CB  1 
ATOM   406  C  CG  . HIS A 1 49  ? 20.239  8.429   2.133   1.00 15.13 ? 48  HIS A CG  1 
ATOM   407  N  ND1 . HIS A 1 49  ? 19.607  7.526   1.319   1.00 15.78 ? 48  HIS A ND1 1 
ATOM   408  C  CD2 . HIS A 1 49  ? 19.845  9.655   1.714   1.00 14.91 ? 48  HIS A CD2 1 
ATOM   409  C  CE1 . HIS A 1 49  ? 18.928  8.173   0.394   1.00 14.79 ? 48  HIS A CE1 1 
ATOM   410  N  NE2 . HIS A 1 49  ? 19.069  9.464   0.603   1.00 13.32 ? 48  HIS A NE2 1 
ATOM   411  N  N   . LEU A 1 50  ? 18.080  8.344   4.813   1.00 13.29 ? 49  LEU A N   1 
ATOM   412  C  CA  . LEU A 1 50  ? 17.092  9.409   5.159   1.00 13.97 ? 49  LEU A CA  1 
ATOM   413  C  C   . LEU A 1 50  ? 16.867  9.356   6.708   1.00 14.71 ? 49  LEU A C   1 
ATOM   414  O  O   . LEU A 1 50  ? 16.545  8.307   7.254   1.00 13.82 ? 49  LEU A O   1 
ATOM   415  C  CB  . LEU A 1 50  ? 15.782  9.214   4.391   1.00 11.81 ? 49  LEU A CB  1 
ATOM   416  C  CG  . LEU A 1 50  ? 15.869  9.328   2.886   1.00 11.58 ? 49  LEU A CG  1 
ATOM   417  C  CD1 . LEU A 1 50  ? 14.624  8.829   2.140   1.00 13.46 ? 49  LEU A CD1 1 
ATOM   418  C  CD2 . LEU A 1 50  ? 16.299  10.741  2.437   1.00 10.84 ? 49  LEU A CD2 1 
ATOM   419  N  N   . LYS A 1 51  ? 17.042  10.477  7.375   1.00 16.06 ? 50  LYS A N   1 
ATOM   420  C  CA  . LYS A 1 51  ? 17.004  10.422  8.857   1.00 19.86 ? 50  LYS A CA  1 
ATOM   421  C  C   . LYS A 1 51  ? 15.950  11.413  9.442   1.00 17.72 ? 50  LYS A C   1 
ATOM   422  O  O   . LYS A 1 51  ? 15.707  11.359  10.668  1.00 23.86 ? 50  LYS A O   1 
ATOM   423  C  CB  . LYS A 1 51  ? 18.392  10.714  9.408   1.00 23.07 ? 50  LYS A CB  1 
ATOM   424  C  CG  . LYS A 1 51  ? 19.408  9.558   9.247   1.00 31.55 ? 50  LYS A CG  1 
ATOM   425  C  CD  . LYS A 1 51  ? 19.016  8.297   10.062  1.00 37.38 ? 50  LYS A CD  1 
ATOM   426  C  CE  . LYS A 1 51  ? 20.170  7.303   10.336  1.00 43.73 ? 50  LYS A CE  1 
ATOM   427  N  NZ  . LYS A 1 51  ? 20.322  6.318   9.211   1.00 45.00 ? 50  LYS A NZ  1 
ATOM   428  N  N   . THR A 1 52  ? 15.401  12.297  8.622   1.00 12.72 ? 51  THR A N   1 
ATOM   429  C  CA  . THR A 1 52  ? 14.385  13.307  9.014   1.00 11.15 ? 51  THR A CA  1 
ATOM   430  C  C   . THR A 1 52  ? 13.243  13.285  8.044   1.00 10.71 ? 51  THR A C   1 
ATOM   431  O  O   . THR A 1 52  ? 13.385  12.869  6.881   1.00 12.05 ? 51  THR A O   1 
ATOM   432  C  CB  . THR A 1 52  ? 14.955  14.757  9.031   1.00 10.05 ? 51  THR A CB  1 
ATOM   433  O  OG1 . THR A 1 52  ? 15.177  15.281  7.694   1.00 10.11 ? 51  THR A OG1 1 
ATOM   434  C  CG2 . THR A 1 52  ? 16.224  14.780  9.878   1.00 11.82 ? 51  THR A CG2 1 
ATOM   435  N  N   . GLU A 1 53  ? 12.077  13.793  8.475   1.00 10.01 ? 52  GLU A N   1 
ATOM   436  C  CA  . GLU A 1 53  ? 10.978  13.939  7.585   1.00 9.45  ? 52  GLU A CA  1 
ATOM   437  C  C   . GLU A 1 53  ? 11.287  14.888  6.439   1.00 9.17  ? 52  GLU A C   1 
ATOM   438  O  O   . GLU A 1 53  ? 10.868  14.659  5.278   1.00 7.92  ? 52  GLU A O   1 
ATOM   439  C  CB  . GLU A 1 53  ? 9.737   14.372  8.379   1.00 10.41 ? 52  GLU A CB  1 
ATOM   440  C  CG  . GLU A 1 53  ? 8.520   14.499  7.542   1.00 10.36 ? 52  GLU A CG  1 
ATOM   441  C  CD  . GLU A 1 53  ? 7.226   14.705  8.354   1.00 12.51 ? 52  GLU A CD  1 
ATOM   442  O  OE1 . GLU A 1 53  ? 7.258   14.710  9.578   1.00 11.31 ? 52  GLU A OE1 1 
ATOM   443  O  OE2 . GLU A 1 53  ? 6.198   14.899  7.720   1.00 15.53 ? 52  GLU A OE2 1 
ATOM   444  N  N   . ALA A 1 54  ? 11.988  15.980  6.731   1.00 9.73  ? 53  ALA A N   1 
ATOM   445  C  CA  . ALA A 1 54  ? 12.305  16.919  5.660   1.00 9.52  ? 53  ALA A CA  1 
ATOM   446  C  C   . ALA A 1 54  ? 13.208  16.241  4.582   1.00 9.27  ? 53  ALA A C   1 
ATOM   447  O  O   . ALA A 1 54  ? 12.990  16.482  3.398   1.00 9.51  ? 53  ALA A O   1 
ATOM   448  C  CB  . ALA A 1 54  ? 13.052  18.101  6.190   1.00 10.02 ? 53  ALA A CB  1 
ATOM   449  N  N   . GLU A 1 55  ? 14.143  15.430  5.020   1.00 8.44  ? 54  GLU A N   1 
ATOM   450  C  CA  . GLU A 1 55  ? 14.972  14.654  4.029   1.00 9.83  ? 54  GLU A CA  1 
ATOM   451  C  C   . GLU A 1 55  ? 14.119  13.724  3.183   1.00 8.99  ? 54  GLU A C   1 
ATOM   452  O  O   . GLU A 1 55  ? 14.239  13.668  1.950   1.00 8.40  ? 54  GLU A O   1 
ATOM   453  C  CB  . GLU A 1 55  ? 16.003  13.881  4.731   1.00 10.68 ? 54  GLU A CB  1 
ATOM   454  C  CG  . GLU A 1 55  ? 17.153  14.704  5.287   1.00 12.57 ? 54  GLU A CG  1 
ATOM   455  C  CD  . GLU A 1 55  ? 18.081  14.013  6.224   1.00 15.08 ? 54  GLU A CD  1 
ATOM   456  O  OE1 . GLU A 1 55  ? 17.956  12.792  6.576   1.00 16.87 ? 54  GLU A OE1 1 
ATOM   457  O  OE2 . GLU A 1 55  ? 18.985  14.732  6.744   1.00 15.29 ? 54  GLU A OE2 1 
ATOM   458  N  N   . MET A 1 56  ? 13.185  13.028  3.817   1.00 8.73  ? 55  MET A N   1 
ATOM   459  C  CA  . MET A 1 56  ? 12.233  12.190  3.099   1.00 9.16  ? 55  MET A CA  1 
ATOM   460  C  C   . MET A 1 56  ? 11.390  12.946  2.105   1.00 9.80  ? 55  MET A C   1 
ATOM   461  O  O   . MET A 1 56  ? 11.207  12.506  0.977   1.00 10.11 ? 55  MET A O   1 
ATOM   462  C  CB  . MET A 1 56  ? 11.297  11.469  4.136   1.00 9.02  ? 55  MET A CB  1 
ATOM   463  C  CG  . MET A 1 56  ? 12.030  10.504  5.043   1.00 9.72  ? 55  MET A CG  1 
ATOM   464  S  SD  . MET A 1 56  ? 10.841  9.770   6.182   1.00 12.02 ? 55  MET A SD  1 
ATOM   465  C  CE  . MET A 1 56  ? 12.051  9.087   7.295   1.00 13.49 ? 55  MET A CE  1 
ATOM   466  N  N   . LYS A 1 57  ? 10.851  14.100  2.504   1.00 11.58 ? 56  LYS A N   1 
ATOM   467  C  CA  . LYS A 1 57  ? 10.041  14.954  1.626   1.00 13.33 ? 56  LYS A CA  1 
ATOM   468  C  C   . LYS A 1 57  ? 10.801  15.514  0.429   1.00 12.41 ? 56  LYS A C   1 
ATOM   469  O  O   . LYS A 1 57  ? 10.200  15.823  -0.663  1.00 13.63 ? 56  LYS A O   1 
ATOM   470  C  CB  . LYS A 1 57  ? 9.508   16.182  2.411   1.00 16.65 ? 56  LYS A CB  1 
ATOM   471  C  CG  . LYS A 1 57  ? 8.116   15.959  3.023   1.00 25.39 ? 56  LYS A CG  1 
ATOM   472  C  CD  . LYS A 1 57  ? 7.116   17.093  2.681   1.00 33.14 ? 56  LYS A CD  1 
ATOM   473  C  CE  . LYS A 1 57  ? 5.711   16.843  3.295   1.00 40.39 ? 56  LYS A CE  1 
ATOM   474  N  NZ  . LYS A 1 57  ? 5.665   15.928  4.522   1.00 39.50 ? 56  LYS A NZ  1 
ATOM   475  N  N   . ALA A 1 58  ? 12.079  15.683  0.633   1.00 11.19 ? 57  ALA A N   1 
ATOM   476  C  CA  . ALA A 1 58  ? 13.001  16.235  -0.379  1.00 12.57 ? 57  ALA A CA  1 
ATOM   477  C  C   . ALA A 1 58  ? 13.503  15.177  -1.357  1.00 12.15 ? 57  ALA A C   1 
ATOM   478  O  O   . ALA A 1 58  ? 14.170  15.554  -2.348  1.00 12.21 ? 57  ALA A O   1 
ATOM   479  C  CB  . ALA A 1 58  ? 14.176  16.853  0.320   1.00 12.43 ? 57  ALA A CB  1 
ATOM   480  N  N   . SER A 1 59  ? 13.286  13.896  -1.044  1.00 9.88  ? 58  SER A N   1 
ATOM   481  C  CA  . SER A 1 59  ? 13.845  12.838  -1.886  1.00 9.73  ? 58  SER A CA  1 
ATOM   482  C  C   . SER A 1 59  ? 13.021  12.633  -3.151  1.00 9.93  ? 58  SER A C   1 
ATOM   483  O  O   . SER A 1 59  ? 11.926  12.167  -3.098  1.00 10.00 ? 58  SER A O   1 
ATOM   484  C  CB  . SER A 1 59  ? 14.015  11.544  -1.150  1.00 8.94  ? 58  SER A CB  1 
ATOM   485  O  OG  . SER A 1 59  ? 14.393  10.454  -2.051  1.00 8.18  ? 58  SER A OG  1 
ATOM   486  N  N   . GLU A 1 60  ? 13.613  12.885  -4.307  1.00 10.13 ? 59  GLU A N   1 
ATOM   487  C  CA  . GLU A 1 60  ? 12.933  12.667  -5.545  1.00 10.82 ? 59  GLU A CA  1 
ATOM   488  C  C   . GLU A 1 60  ? 12.750  11.181  -5.832  1.00 11.16 ? 59  GLU A C   1 
ATOM   489  O  O   . GLU A 1 60  ? 11.711  10.792  -6.315  1.00 10.82 ? 59  GLU A O   1 
ATOM   490  C  CB  . GLU A 1 60  ? 13.631  13.385  -6.721  1.00 12.68 ? 59  GLU A CB  1 
ATOM   491  C  CG  . GLU A 1 60  ? 12.805  13.354  -7.992  1.00 15.07 ? 59  GLU A CG  1 
ATOM   492  C  CD  . GLU A 1 60  ? 11.488  14.132  -7.925  1.00 16.93 ? 59  GLU A CD  1 
ATOM   493  O  OE1 . GLU A 1 60  ? 11.324  14.982  -7.010  1.00 17.00 ? 59  GLU A OE1 1 
ATOM   494  O  OE2 . GLU A 1 60  ? 10.707  13.953  -8.876  1.00 20.81 ? 59  GLU A OE2 1 
ATOM   495  N  N   . ASP A 1 61  ? 13.752  10.374  -5.530  1.00 10.30 ? 60  ASP A N   1 
ATOM   496  C  CA  . ASP A 1 61  ? 13.637  8.942   -5.686  1.00 12.55 ? 60  ASP A CA  1 
ATOM   497  C  C   . ASP A 1 61  ? 12.547  8.337   -4.786  1.00 12.05 ? 60  ASP A C   1 
ATOM   498  O  O   . ASP A 1 61  ? 11.860  7.364   -5.195  1.00 11.14 ? 60  ASP A O   1 
ATOM   499  C  CB  . ASP A 1 61  ? 14.955  8.247   -5.401  1.00 13.65 ? 60  ASP A CB  1 
ATOM   500  C  CG  . ASP A 1 61  ? 14.898  6.738   -5.690  1.00 15.59 ? 60  ASP A CG  1 
ATOM   501  O  OD1 . ASP A 1 61  ? 14.590  6.364   -6.836  1.00 17.88 ? 60  ASP A OD1 1 
ATOM   502  O  OD2 . ASP A 1 61  ? 15.082  5.943   -4.770  1.00 16.65 ? 60  ASP A OD2 1 
ATOM   503  N  N   . LEU A 1 62  ? 12.390  8.844   -3.573  1.00 11.12 ? 61  LEU A N   1 
ATOM   504  C  CA  . LEU A 1 62  ? 11.267  8.409   -2.737  1.00 12.53 ? 61  LEU A CA  1 
ATOM   505  C  C   . LEU A 1 62  ? 9.932   8.622   -3.395  1.00 11.71 ? 61  LEU A C   1 
ATOM   506  O  O   . LEU A 1 62  ? 9.116   7.714   -3.473  1.00 11.61 ? 61  LEU A O   1 
ATOM   507  C  CB  . LEU A 1 62  ? 11.331  9.022   -1.337  1.00 12.11 ? 61  LEU A CB  1 
ATOM   508  C  CG  . LEU A 1 62  ? 10.377  8.520   -0.250  1.00 12.83 ? 61  LEU A CG  1 
ATOM   509  C  CD1 . LEU A 1 62  ? 10.982  8.752   1.157   1.00 12.89 ? 61  LEU A CD1 1 
ATOM   510  C  CD2 . LEU A 1 62  ? 9.017   9.225   -0.303  1.00 14.05 ? 61  LEU A CD2 1 
ATOM   511  N  N   . LYS A 1 63  ? 9.722   9.804   -3.932  1.00 12.56 ? 62  LYS A N   1 
ATOM   512  C  CA  . LYS A 1 63  ? 8.504   10.111  -4.641  1.00 14.81 ? 62  LYS A CA  1 
ATOM   513  C  C   . LYS A 1 63  ? 8.289   9.203   -5.825  1.00 15.25 ? 62  LYS A C   1 
ATOM   514  O  O   . LYS A 1 63  ? 7.194   8.689   -6.056  1.00 16.05 ? 62  LYS A O   1 
ATOM   515  C  CB  . LYS A 1 63  ? 8.628   11.556  -5.071  1.00 18.67 ? 62  LYS A CB  1 
ATOM   516  C  CG  . LYS A 1 63  ? 7.438   12.214  -5.646  1.00 23.30 ? 62  LYS A CG  1 
ATOM   517  C  CD  . LYS A 1 63  ? 7.871   13.561  -6.204  1.00 30.49 ? 62  LYS A CD  1 
ATOM   518  C  CE  . LYS A 1 63  ? 7.201   14.687  -5.514  1.00 34.17 ? 62  LYS A CE  1 
ATOM   519  N  NZ  . LYS A 1 63  ? 6.830   15.728  -6.527  1.00 38.84 ? 62  LYS A NZ  1 
ATOM   520  N  N   . LYS A 1 64  ? 9.337   8.997   -6.616  1.00 13.53 ? 63  LYS A N   1 
ATOM   521  C  CA  . LYS A 1 64  ? 9.289   8.021   -7.699  1.00 16.41 ? 63  LYS A CA  1 
ATOM   522  C  C   . LYS A 1 64  ? 8.878   6.620   -7.316  1.00 17.60 ? 63  LYS A C   1 
ATOM   523  O  O   . LYS A 1 64  ? 7.986   6.055   -8.000  1.00 19.36 ? 63  LYS A O   1 
ATOM   524  C  CB  . LYS A 1 64  ? 10.673  7.927   -8.432  1.00 19.03 ? 63  LYS A CB  1 
ATOM   525  C  CG  . LYS A 1 64  ? 10.603  7.231   -9.783  1.00 24.51 ? 63  LYS A CG  1 
ATOM   526  C  CD  . LYS A 1 64  ? 11.770  7.590   -10.688 1.00 28.60 ? 63  LYS A CD  1 
ATOM   527  C  CE  . LYS A 1 64  ? 12.933  6.724   -10.365 1.00 33.50 ? 63  LYS A CE  1 
ATOM   528  N  NZ  . LYS A 1 64  ? 14.167  7.335   -10.926 1.00 37.04 ? 63  LYS A NZ  1 
ATOM   529  N  N   . GLN A 1 65  ? 9.489   6.081   -6.236  1.00 16.56 ? 64  GLN A N   1 
ATOM   530  C  CA  A GLN A 1 65  ? 9.189   4.755   -5.727  0.50 17.68 ? 64  GLN A CA  1 
ATOM   531  C  CA  B GLN A 1 65  ? 9.203   4.733   -5.752  0.50 17.61 ? 64  GLN A CA  1 
ATOM   532  C  C   . GLN A 1 65  ? 7.754   4.719   -5.187  1.00 17.23 ? 64  GLN A C   1 
ATOM   533  O  O   . GLN A 1 65  ? 7.005   3.704   -5.371  1.00 16.59 ? 64  GLN A O   1 
ATOM   534  C  CB  A GLN A 1 65  ? 10.199  4.348   -4.680  0.50 18.18 ? 64  GLN A CB  1 
ATOM   535  C  CB  B GLN A 1 65  ? 10.236  4.222   -4.737  0.50 18.00 ? 64  GLN A CB  1 
ATOM   536  C  CG  A GLN A 1 65  ? 11.562  4.099   -5.312  0.50 19.37 ? 64  GLN A CG  1 
ATOM   537  C  CG  B GLN A 1 65  ? 11.721  4.138   -5.202  0.50 19.09 ? 64  GLN A CG  1 
ATOM   538  C  CD  A GLN A 1 65  ? 11.400  3.085   -6.392  0.50 20.45 ? 64  GLN A CD  1 
ATOM   539  C  CD  B GLN A 1 65  ? 11.873  3.675   -6.632  0.50 19.92 ? 64  GLN A CD  1 
ATOM   540  O  OE1 A GLN A 1 65  ? 10.954  3.377   -7.534  0.50 18.61 ? 64  GLN A OE1 1 
ATOM   541  O  OE1 B GLN A 1 65  ? 11.317  2.629   -6.995  0.50 22.43 ? 64  GLN A OE1 1 
ATOM   542  N  NE2 A GLN A 1 65  ? 11.666  1.860   -6.020  0.50 20.29 ? 64  GLN A NE2 1 
ATOM   543  N  NE2 B GLN A 1 65  ? 12.581  4.436   -7.464  0.50 19.62 ? 64  GLN A NE2 1 
ATOM   544  N  N   . GLY A 1 66  ? 7.320   5.809   -4.578  1.00 14.25 ? 65  GLY A N   1 
ATOM   545  C  CA  . GLY A 1 66  ? 5.936   5.887   -4.160  1.00 15.59 ? 65  GLY A CA  1 
ATOM   546  C  C   . GLY A 1 66  ? 4.957   5.684   -5.309  1.00 17.64 ? 65  GLY A C   1 
ATOM   547  O  O   . GLY A 1 66  ? 3.899   5.007   -5.200  1.00 16.27 ? 65  GLY A O   1 
ATOM   548  N  N   . VAL A 1 67  ? 5.262   6.300   -6.430  1.00 16.84 ? 66  VAL A N   1 
ATOM   549  C  CA  . VAL A 1 67  ? 4.414   6.097   -7.599  1.00 20.56 ? 66  VAL A CA  1 
ATOM   550  C  C   . VAL A 1 67  ? 4.410   4.661   -8.043  1.00 22.33 ? 66  VAL A C   1 
ATOM   551  O  O   . VAL A 1 67  ? 3.363   4.156   -8.420  1.00 25.83 ? 66  VAL A O   1 
ATOM   552  C  CB  . VAL A 1 67  ? 4.801   7.030   -8.752  1.00 19.47 ? 66  VAL A CB  1 
ATOM   553  C  CG1 . VAL A 1 67  ? 4.062   6.641   -9.999  1.00 21.44 ? 66  VAL A CG1 1 
ATOM   554  C  CG2 . VAL A 1 67  ? 4.526   8.447   -8.360  1.00 19.09 ? 66  VAL A CG2 1 
ATOM   555  N  N   . THR A 1 68  ? 5.545   3.991   -7.967  1.00 22.10 ? 67  THR A N   1 
ATOM   556  C  CA  . THR A 1 68  ? 5.631   2.569   -8.258  1.00 25.26 ? 67  THR A CA  1 
ATOM   557  C  C   . THR A 1 68  ? 4.743   1.702   -7.402  1.00 23.78 ? 67  THR A C   1 
ATOM   558  O  O   . THR A 1 68  ? 4.051   0.799   -7.926  1.00 22.21 ? 67  THR A O   1 
ATOM   559  C  CB  . THR A 1 68  ? 7.069   2.022   -8.108  1.00 26.25 ? 67  THR A CB  1 
ATOM   560  O  OG1 . THR A 1 68  ? 7.896   2.616   -9.114  1.00 26.33 ? 67  THR A OG1 1 
ATOM   561  C  CG2 . THR A 1 68  ? 7.147   0.485   -8.283  1.00 29.11 ? 67  THR A CG2 1 
ATOM   562  N  N   . VAL A 1 69  ? 4.814   1.887   -6.092  1.00 18.56 ? 68  VAL A N   1 
ATOM   563  C  CA  . VAL A 1 69  ? 4.029   1.024   -5.213  1.00 16.80 ? 68  VAL A CA  1 
ATOM   564  C  C   . VAL A 1 69  ? 2.506   1.295   -5.412  1.00 15.48 ? 68  VAL A C   1 
ATOM   565  O  O   . VAL A 1 69  ? 1.708   0.347   -5.485  1.00 15.07 ? 68  VAL A O   1 
ATOM   566  C  CB  . VAL A 1 69  ? 4.460   1.141   -3.735  1.00 19.19 ? 68  VAL A CB  1 
ATOM   567  C  CG1 . VAL A 1 69  ? 4.457   2.574   -3.254  1.00 21.20 ? 68  VAL A CG1 1 
ATOM   568  C  CG2 . VAL A 1 69  ? 3.571   0.320   -2.824  1.00 21.57 ? 68  VAL A CG2 1 
ATOM   569  N  N   . LEU A 1 70  ? 2.136   2.567   -5.533  1.00 14.92 ? 69  LEU A N   1 
ATOM   570  C  CA  . LEU A 1 70  ? 0.741   2.950   -5.630  1.00 15.51 ? 69  LEU A CA  1 
ATOM   571  C  C   . LEU A 1 70  ? 0.196   2.444   -6.946  1.00 15.61 ? 69  LEU A C   1 
ATOM   572  O  O   . LEU A 1 70  ? -0.978  2.042   -7.017  1.00 13.07 ? 69  LEU A O   1 
ATOM   573  C  CB  . LEU A 1 70  ? 0.531   4.418   -5.428  1.00 14.57 ? 69  LEU A CB  1 
ATOM   574  C  CG  . LEU A 1 70  ? 0.771   4.889   -3.953  1.00 15.10 ? 69  LEU A CG  1 
ATOM   575  C  CD1 . LEU A 1 70  ? 0.083   6.210   -3.688  1.00 15.25 ? 69  LEU A CD1 1 
ATOM   576  C  CD2 . LEU A 1 70  ? 0.355   3.913   -2.869  1.00 15.73 ? 69  LEU A CD2 1 
ATOM   577  N  N   . THR A 1 71  ? 1.070   2.384   -7.959  1.00 17.46 ? 70  THR A N   1 
ATOM   578  C  CA  . THR A 1 71  ? 0.609   1.959   -9.283  1.00 20.02 ? 70  THR A CA  1 
ATOM   579  C  C   . THR A 1 71  ? 0.277   0.463   -9.274  1.00 19.39 ? 70  THR A C   1 
ATOM   580  O  O   . THR A 1 71  ? -0.784  0.074   -9.811  1.00 20.16 ? 70  THR A O   1 
ATOM   581  C  CB  . THR A 1 71  ? 1.615   2.410   -10.385 1.00 22.92 ? 70  THR A CB  1 
ATOM   582  O  OG1 . THR A 1 71  ? 1.612   3.856   -10.449 1.00 22.34 ? 70  THR A OG1 1 
ATOM   583  C  CG2 . THR A 1 71  ? 1.232   1.806   -11.766 1.00 24.36 ? 70  THR A CG2 1 
ATOM   584  N  N   . ALA A 1 72  ? 1.185   -0.345  -8.725  1.00 16.40 ? 71  ALA A N   1 
ATOM   585  C  CA  . ALA A 1 72  ? 0.993   -1.767  -8.518  1.00 15.56 ? 71  ALA A CA  1 
ATOM   586  C  C   . ALA A 1 72  ? -0.248  -2.008  -7.664  1.00 15.18 ? 71  ALA A C   1 
ATOM   587  O  O   . ALA A 1 72  ? -1.079  -2.874  -8.026  1.00 14.94 ? 71  ALA A O   1 
ATOM   588  C  CB  . ALA A 1 72  ? 2.159   -2.399  -7.868  1.00 17.20 ? 71  ALA A CB  1 
ATOM   589  N  N   . LEU A 1 73  ? -0.431  -1.230  -6.588  1.00 14.09 ? 72  LEU A N   1 
ATOM   590  C  CA  . LEU A 1 73  ? -1.646  -1.408  -5.790  1.00 13.80 ? 72  LEU A CA  1 
ATOM   591  C  C   . LEU A 1 73  ? -2.947  -1.116  -6.548  1.00 13.06 ? 72  LEU A C   1 
ATOM   592  O  O   . LEU A 1 73  ? -3.904  -1.874  -6.418  1.00 13.01 ? 72  LEU A O   1 
ATOM   593  C  CB  . LEU A 1 73  ? -1.560  -0.608  -4.506  1.00 13.94 ? 72  LEU A CB  1 
ATOM   594  C  CG  . LEU A 1 73  ? -2.632  -0.933  -3.477  1.00 15.31 ? 72  LEU A CG  1 
ATOM   595  C  CD1 . LEU A 1 73  ? -2.671  -2.378  -3.006  1.00 17.13 ? 72  LEU A CD1 1 
ATOM   596  C  CD2 . LEU A 1 73  ? -2.415  -0.058  -2.266  1.00 16.35 ? 72  LEU A CD2 1 
ATOM   597  N  N   . GLY A 1 74  ? -2.953  0.005   -7.269  1.00 13.55 ? 73  GLY A N   1 
ATOM   598  C  CA  . GLY A 1 74  ? -4.071  0.434   -8.112  1.00 14.90 ? 73  GLY A CA  1 
ATOM   599  C  C   . GLY A 1 74  ? -4.485  -0.671  -9.079  1.00 13.81 ? 73  GLY A C   1 
ATOM   600  O  O   . GLY A 1 74  ? -5.707  -0.980  -9.243  1.00 13.80 ? 73  GLY A O   1 
ATOM   601  N  N   . ALA A 1 75  ? -3.480  -1.288  -9.674  1.00 14.76 ? 74  ALA A N   1 
ATOM   602  C  CA  . ALA A 1 75  ? -3.721  -2.427  -10.590 1.00 15.77 ? 74  ALA A CA  1 
ATOM   603  C  C   . ALA A 1 75  ? -4.354  -3.615  -9.929  1.00 16.40 ? 74  ALA A C   1 
ATOM   604  O  O   . ALA A 1 75  ? -5.218  -4.262  -10.526 1.00 18.44 ? 74  ALA A O   1 
ATOM   605  C  CB  . ALA A 1 75  ? -2.429  -2.826  -11.322 1.00 17.32 ? 74  ALA A CB  1 
ATOM   606  N  N   . ILE A 1 76  ? -3.960  -3.886  -8.689  1.00 13.66 ? 75  ILE A N   1 
ATOM   607  C  CA  . ILE A 1 76  ? -4.503  -4.982  -7.948  1.00 15.10 ? 75  ILE A CA  1 
ATOM   608  C  C   . ILE A 1 76  ? -5.965  -4.697  -7.570  1.00 12.73 ? 75  ILE A C   1 
ATOM   609  O  O   . ILE A 1 76  ? -6.812  -5.537  -7.757  1.00 14.53 ? 75  ILE A O   1 
ATOM   610  C  CB  . ILE A 1 76  ? -3.631  -5.270  -6.690  1.00 14.65 ? 75  ILE A CB  1 
ATOM   611  C  CG1 . ILE A 1 76  ? -2.309  -5.927  -7.088  1.00 18.66 ? 75  ILE A CG1 1 
ATOM   612  C  CG2 . ILE A 1 76  ? -4.364  -6.169  -5.718  1.00 16.21 ? 75  ILE A CG2 1 
ATOM   613  C  CD1 . ILE A 1 76  ? -1.289  -6.015  -5.948  1.00 21.16 ? 75  ILE A CD1 1 
ATOM   614  N  N   . LEU A 1 77  ? -6.234  -3.507  -7.051  1.00 12.09 ? 76  LEU A N   1 
ATOM   615  C  CA  . LEU A 1 77  ? -7.519  -3.184  -6.564  1.00 12.59 ? 76  LEU A CA  1 
ATOM   616  C  C   . LEU A 1 77  ? -8.529  -3.274  -7.708  1.00 12.81 ? 76  LEU A C   1 
ATOM   617  O  O   . LEU A 1 77  ? -9.634  -3.744  -7.517  1.00 13.66 ? 76  LEU A O   1 
ATOM   618  C  CB  . LEU A 1 77  ? -7.523  -1.782  -5.935  1.00 12.55 ? 76  LEU A CB  1 
ATOM   619  C  CG  . LEU A 1 77  ? -6.663  -1.668  -4.688  1.00 13.28 ? 76  LEU A CG  1 
ATOM   620  C  CD1 . LEU A 1 77  ? -6.634  -0.188  -4.333  1.00 15.02 ? 76  LEU A CD1 1 
ATOM   621  C  CD2 . LEU A 1 77  ? -7.231  -2.530  -3.580  1.00 13.38 ? 76  LEU A CD2 1 
ATOM   622  N  N   . LYS A 1 78  ? -8.121  -2.818  -8.889  1.00 14.56 ? 77  LYS A N   1 
ATOM   623  C  CA  . LYS A 1 78  ? -9.028  -2.795  -10.046 1.00 14.69 ? 77  LYS A CA  1 
ATOM   624  C  C   . LYS A 1 78  ? -9.329  -4.175  -10.602 1.00 16.07 ? 77  LYS A C   1 
ATOM   625  O  O   . LYS A 1 78  ? -10.381 -4.278  -11.287 1.00 16.41 ? 77  LYS A O   1 
ATOM   626  C  CB  . LYS A 1 78  ? -8.464  -1.874  -11.144 1.00 14.03 ? 77  LYS A CB  1 
ATOM   627  C  CG  . LYS A 1 78  ? -8.517  -0.414  -10.749 1.00 14.06 ? 77  LYS A CG  1 
ATOM   628  C  CD  . LYS A 1 78  ? -7.758  0.435   -11.765 1.00 15.17 ? 77  LYS A CD  1 
ATOM   629  C  CE  . LYS A 1 78  ? -7.422  1.819   -11.253 1.00 16.46 ? 77  LYS A CE  1 
ATOM   630  N  NZ  . LYS A 1 78  ? -6.439  2.382   -12.244 1.00 18.60 ? 77  LYS A NZ  1 
ATOM   631  N  N   . LYS A 1 79  ? -8.578  -5.218  -10.182 1.00 14.76 ? 78  LYS A N   1 
ATOM   632  C  CA  . LYS A 1 79  ? -8.966  -6.600  -10.387 1.00 17.74 ? 78  LYS A CA  1 
ATOM   633  C  C   . LYS A 1 79  ? -10.102 -7.128  -9.534  1.00 16.58 ? 78  LYS A C   1 
ATOM   634  O  O   . LYS A 1 79  ? -10.601 -8.252  -9.807  1.00 16.15 ? 78  LYS A O   1 
ATOM   635  C  CB  . LYS A 1 79  ? -7.790  -7.550  -10.227 1.00 21.17 ? 78  LYS A CB  1 
ATOM   636  C  CG  . LYS A 1 79  ? -6.547  -7.274  -11.032 1.00 24.22 ? 78  LYS A CG  1 
ATOM   637  C  CD  . LYS A 1 79  ? -6.758  -7.126  -12.509 1.00 28.83 ? 78  LYS A CD  1 
ATOM   638  C  CE  . LYS A 1 79  ? -7.567  -8.243  -13.108 1.00 36.11 ? 78  LYS A CE  1 
ATOM   639  N  NZ  . LYS A 1 79  ? -7.627  -8.004  -14.578 1.00 43.49 ? 78  LYS A NZ  1 
ATOM   640  N  N   . LYS A 1 80  ? -10.496 -6.366  -8.524  1.00 14.68 ? 79  LYS A N   1 
ATOM   641  C  CA  . LYS A 1 80  ? -11.609 -6.652  -7.621  1.00 15.25 ? 79  LYS A CA  1 
ATOM   642  C  C   . LYS A 1 80  ? -11.550 -8.112  -7.144  1.00 16.23 ? 79  LYS A C   1 
ATOM   643  O  O   . LYS A 1 80  ? -12.557 -8.874  -7.228  1.00 13.79 ? 79  LYS A O   1 
ATOM   644  C  CB  . LYS A 1 80  ? -12.956 -6.332  -8.307  1.00 15.23 ? 79  LYS A CB  1 
ATOM   645  C  CG  . LYS A 1 80  ? -13.081 -4.853  -8.627  1.00 15.26 ? 79  LYS A CG  1 
ATOM   646  C  CD  . LYS A 1 80  ? -14.198 -4.482  -9.623  1.00 15.32 ? 79  LYS A CD  1 
ATOM   647  C  CE  . LYS A 1 80  ? -15.509 -5.125  -9.315  1.00 15.53 ? 79  LYS A CE  1 
ATOM   648  N  NZ  . LYS A 1 80  ? -16.622 -4.641  -10.214 1.00 14.60 ? 79  LYS A NZ  1 
ATOM   649  N  N   . GLY A 1 81  ? -10.381 -8.488  -6.605  1.00 14.85 ? 80  GLY A N   1 
ATOM   650  C  CA  . GLY A 1 81  ? -10.154 -9.819  -6.078  1.00 18.05 ? 80  GLY A CA  1 
ATOM   651  C  C   . GLY A 1 81  ? -9.496  -10.806 -7.031  1.00 19.49 ? 80  GLY A C   1 
ATOM   652  O  O   . GLY A 1 81  ? -8.823  -11.742 -6.578  1.00 21.97 ? 80  GLY A O   1 
ATOM   653  N  N   . HIS A 1 82  ? -9.579  -10.569 -8.330  1.00 19.16 ? 81  HIS A N   1 
ATOM   654  C  CA  . HIS A 1 82  ? -9.026  -11.525 -9.285  1.00 22.14 ? 81  HIS A CA  1 
ATOM   655  C  C   . HIS A 1 82  ? -7.627  -11.139 -9.625  1.00 19.08 ? 81  HIS A C   1 
ATOM   656  O  O   . HIS A 1 82  ? -7.322  -10.842 -10.748 1.00 19.34 ? 81  HIS A O   1 
ATOM   657  C  CB  . HIS A 1 82  ? -9.936  -11.643 -10.511 1.00 25.19 ? 81  HIS A CB  1 
ATOM   658  C  CG  . HIS A 1 82  ? -11.326 -12.074 -10.145 1.00 30.85 ? 81  HIS A CG  1 
ATOM   659  N  ND1 . HIS A 1 82  ? -12.418 -11.243 -10.251 1.00 35.54 ? 81  HIS A ND1 1 
ATOM   660  C  CD2 . HIS A 1 82  ? -11.779 -13.212 -9.567  1.00 36.48 ? 81  HIS A CD2 1 
ATOM   661  C  CE1 . HIS A 1 82  ? -13.498 -11.871 -9.823  1.00 35.37 ? 81  HIS A CE1 1 
ATOM   662  N  NE2 . HIS A 1 82  ? -13.135 -13.061 -9.386  1.00 38.28 ? 81  HIS A NE2 1 
ATOM   663  N  N   . HIS A 1 83  ? -6.752  -11.225 -8.624  1.00 19.77 ? 82  HIS A N   1 
ATOM   664  C  CA  . HIS A 1 83  ? -5.404  -10.629 -8.683  1.00 17.27 ? 82  HIS A CA  1 
ATOM   665  C  C   . HIS A 1 83  ? -4.283  -11.658 -8.605  1.00 19.02 ? 82  HIS A C   1 
ATOM   666  O  O   . HIS A 1 83  ? -3.150  -11.345 -8.281  1.00 15.20 ? 82  HIS A O   1 
ATOM   667  C  CB  . HIS A 1 83  ? -5.286  -9.570  -7.587  1.00 18.69 ? 82  HIS A CB  1 
ATOM   668  C  CG  . HIS A 1 83  ? -5.696  -10.049 -6.228  1.00 16.18 ? 82  HIS A CG  1 
ATOM   669  N  ND1 . HIS A 1 83  ? -6.430  -9.273  -5.359  1.00 17.14 ? 82  HIS A ND1 1 
ATOM   670  C  CD2 . HIS A 1 83  ? -5.465  -11.221 -5.597  1.00 17.11 ? 82  HIS A CD2 1 
ATOM   671  C  CE1 . HIS A 1 83  ? -6.632  -9.961  -4.238  1.00 19.97 ? 82  HIS A CE1 1 
ATOM   672  N  NE2 . HIS A 1 83  ? -6.064  -11.155 -4.365  1.00 17.81 ? 82  HIS A NE2 1 
ATOM   673  N  N   . GLU A 1 84  ? -4.573  -12.887 -9.016  1.00 19.26 ? 83  GLU A N   1 
ATOM   674  C  CA  . GLU A 1 84  ? -3.607  -13.980 -8.902  1.00 24.57 ? 83  GLU A CA  1 
ATOM   675  C  C   . GLU A 1 84  ? -2.360  -13.658 -9.678  1.00 20.84 ? 83  GLU A C   1 
ATOM   676  O  O   . GLU A 1 84  ? -1.286  -13.791 -9.158  1.00 19.77 ? 83  GLU A O   1 
ATOM   677  C  CB  . GLU A 1 84  ? -4.197  -15.273 -9.429  1.00 28.73 ? 83  GLU A CB  1 
ATOM   678  C  CG  . GLU A 1 84  ? -5.499  -15.681 -8.700  1.00 36.79 ? 83  GLU A CG  1 
ATOM   679  C  CD  . GLU A 1 84  ? -6.763  -14.807 -9.000  1.00 40.20 ? 83  GLU A CD  1 
ATOM   680  O  OE1 . GLU A 1 84  ? -7.038  -14.364 -10.170 1.00 31.67 ? 83  GLU A OE1 1 
ATOM   681  O  OE2 . GLU A 1 84  ? -7.496  -14.535 -8.005  1.00 52.17 ? 83  GLU A OE2 1 
ATOM   682  N  N   . ALA A 1 85  ? -2.514  -13.177 -10.909 1.00 21.39 ? 84  ALA A N   1 
ATOM   683  C  CA  . ALA A 1 85  ? -1.388  -12.846 -11.784 1.00 25.53 ? 84  ALA A CA  1 
ATOM   684  C  C   . ALA A 1 85  ? -0.520  -11.692 -11.245 1.00 26.88 ? 84  ALA A C   1 
ATOM   685  O  O   . ALA A 1 85  ? 0.672   -11.626 -11.497 1.00 26.03 ? 84  ALA A O   1 
ATOM   686  C  CB  . ALA A 1 85  ? -1.902  -12.442 -13.160 1.00 28.29 ? 84  ALA A CB  1 
ATOM   687  N  N   . GLU A 1 86  ? -1.161  -10.781 -10.543 1.00 25.97 ? 85  GLU A N   1 
ATOM   688  C  CA  . GLU A 1 86  ? -0.473  -9.626  -9.941  1.00 27.57 ? 85  GLU A CA  1 
ATOM   689  C  C   . GLU A 1 86  ? 0.273   -9.991  -8.704  1.00 26.63 ? 85  GLU A C   1 
ATOM   690  O  O   . GLU A 1 86  ? 1.343   -9.411  -8.430  1.00 30.77 ? 85  GLU A O   1 
ATOM   691  C  CB  . GLU A 1 86  ? -1.483  -8.539  -9.620  1.00 28.88 ? 85  GLU A CB  1 
ATOM   692  C  CG  . GLU A 1 86  ? -1.942  -7.807  -10.852 1.00 32.21 ? 85  GLU A CG  1 
ATOM   693  C  CD  . GLU A 1 86  ? -2.802  -8.596  -11.816 1.00 34.14 ? 85  GLU A CD  1 
ATOM   694  O  OE1 . GLU A 1 86  ? -3.587  -9.528  -11.427 1.00 27.54 ? 85  GLU A OE1 1 
ATOM   695  O  OE2 . GLU A 1 86  ? -2.703  -8.231  -13.007 1.00 35.46 ? 85  GLU A OE2 1 
ATOM   696  N  N   . LEU A 1 87  ? -0.287  -10.887 -7.899  1.00 25.54 ? 86  LEU A N   1 
ATOM   697  C  CA  . LEU A 1 87  ? 0.334   -11.252 -6.613  1.00 27.57 ? 86  LEU A CA  1 
ATOM   698  C  C   . LEU A 1 87  ? 1.487   -12.208 -6.690  1.00 28.81 ? 86  LEU A C   1 
ATOM   699  O  O   . LEU A 1 87  ? 2.414   -12.102 -5.898  1.00 28.14 ? 86  LEU A O   1 
ATOM   700  C  CB  . LEU A 1 87  ? -0.684  -11.841 -5.642  1.00 29.33 ? 86  LEU A CB  1 
ATOM   701  C  CG  . LEU A 1 87  ? -1.342  -10.780 -4.760  1.00 29.94 ? 86  LEU A CG  1 
ATOM   702  C  CD1 . LEU A 1 87  ? -2.042  -9.692  -5.522  1.00 35.55 ? 86  LEU A CD1 1 
ATOM   703  C  CD2 . LEU A 1 87  ? -2.308  -11.357 -3.750  1.00 29.10 ? 86  LEU A CD2 1 
ATOM   704  N  N   . LYS A 1 88  ? 1.452   -13.159 -7.601  1.00 28.41 ? 87  LYS A N   1 
ATOM   705  C  CA  . LYS A 1 88  ? 2.500   -14.191 -7.605  1.00 28.96 ? 87  LYS A CA  1 
ATOM   706  C  C   . LYS A 1 88  ? 3.950   -13.614 -7.741  1.00 27.30 ? 87  LYS A C   1 
ATOM   707  O  O   . LYS A 1 88  ? 4.905   -14.030 -6.986  1.00 24.76 ? 87  LYS A O   1 
ATOM   708  C  CB  . LYS A 1 88  ? 2.176   -15.275 -8.671  1.00 37.44 ? 87  LYS A CB  1 
ATOM   709  C  CG  . LYS A 1 88  ? 3.114   -16.504 -8.654  1.00 43.23 ? 87  LYS A CG  1 
ATOM   710  C  CD  . LYS A 1 88  ? 2.689   -17.606 -9.632  1.00 49.41 ? 87  LYS A CD  1 
ATOM   711  C  CE  . LYS A 1 88  ? 3.885   -18.189 -10.385 1.00 54.89 ? 87  LYS A CE  1 
ATOM   712  N  NZ  . LYS A 1 88  ? 3.541   -18.670 -11.754 1.00 57.76 ? 87  LYS A NZ  1 
ATOM   713  N  N   . PRO A 1 89  ? 4.159   -12.659 -8.677  1.00 24.90 ? 88  PRO A N   1 
ATOM   714  C  CA  . PRO A 1 89  ? 5.524   -12.106 -8.661  1.00 25.11 ? 88  PRO A CA  1 
ATOM   715  C  C   . PRO A 1 89  ? 5.842   -11.224 -7.422  1.00 23.73 ? 88  PRO A C   1 
ATOM   716  O  O   . PRO A 1 89  ? 6.970   -11.214 -6.928  1.00 22.45 ? 88  PRO A O   1 
ATOM   717  C  CB  . PRO A 1 89  ? 5.601   -11.296 -9.977  1.00 25.12 ? 88  PRO A CB  1 
ATOM   718  C  CG  . PRO A 1 89  ? 4.195   -11.095 -10.403 1.00 23.32 ? 88  PRO A CG  1 
ATOM   719  C  CD  . PRO A 1 89  ? 3.462   -12.300 -9.946  1.00 23.86 ? 88  PRO A CD  1 
ATOM   720  N  N   . LEU A 1 90  ? 4.834   -10.511 -6.918  1.00 23.50 ? 89  LEU A N   1 
ATOM   721  C  CA  . LEU A 1 90  ? 4.999   -9.648  -5.766  1.00 21.94 ? 89  LEU A CA  1 
ATOM   722  C  C   . LEU A 1 90  ? 5.279   -10.483 -4.517  1.00 22.38 ? 89  LEU A C   1 
ATOM   723  O  O   . LEU A 1 90  ? 6.256   -10.216 -3.786  1.00 17.51 ? 89  LEU A O   1 
ATOM   724  C  CB  . LEU A 1 90  ? 3.727   -8.799  -5.581  1.00 24.49 ? 89  LEU A CB  1 
ATOM   725  C  CG  . LEU A 1 90  ? 3.808   -7.619  -4.615  1.00 26.53 ? 89  LEU A CG  1 
ATOM   726  C  CD1 . LEU A 1 90  ? 4.668   -6.551  -5.225  1.00 29.10 ? 89  LEU A CD1 1 
ATOM   727  C  CD2 . LEU A 1 90  ? 2.408   -7.071  -4.304  1.00 29.30 ? 89  LEU A CD2 1 
ATOM   728  N  N   . ALA A 1 91  ? 4.466   -11.513 -4.288  1.00 18.91 ? 90  ALA A N   1 
ATOM   729  C  CA  . ALA A 1 91  ? 4.797   -12.507 -3.241  1.00 23.54 ? 90  ALA A CA  1 
ATOM   730  C  C   . ALA A 1 91  ? 6.212   -13.117 -3.310  1.00 24.35 ? 90  ALA A C   1 
ATOM   731  O  O   . ALA A 1 91  ? 6.909   -13.090 -2.302  1.00 21.79 ? 90  ALA A O   1 
ATOM   732  C  CB  . ALA A 1 91  ? 3.743   -13.626 -3.115  1.00 23.37 ? 90  ALA A CB  1 
ATOM   733  N  N   . GLN A 1 92  ? 6.617   -13.658 -4.465  1.00 24.32 ? 91  GLN A N   1 
ATOM   734  C  CA  . GLN A 1 92  ? 7.984   -14.228 -4.637  1.00 29.51 ? 91  GLN A CA  1 
ATOM   735  C  C   . GLN A 1 92  ? 9.094   -13.246 -4.251  1.00 27.23 ? 91  GLN A C   1 
ATOM   736  O  O   . GLN A 1 92  ? 9.969   -13.588 -3.481  1.00 24.75 ? 91  GLN A O   1 
ATOM   737  C  CB  . GLN A 1 92  ? 8.239   -14.754 -6.098  1.00 37.76 ? 91  GLN A CB  1 
ATOM   738  C  CG  . GLN A 1 92  ? 9.735   -14.698 -6.613  1.00 47.88 ? 91  GLN A CG  1 
ATOM   739  C  CD  . GLN A 1 92  ? 9.974   -15.230 -8.065  1.00 55.96 ? 91  GLN A CD  1 
ATOM   740  O  OE1 . GLN A 1 92  ? 10.893  -14.781 -8.781  1.00 56.11 ? 91  GLN A OE1 1 
ATOM   741  N  NE2 . GLN A 1 92  ? 9.156   -16.191 -8.490  1.00 59.28 ? 91  GLN A NE2 1 
ATOM   742  N  N   . SER A 1 93  ? 9.089   -12.035 -4.818  1.00 26.38 ? 92  SER A N   1 
ATOM   743  C  CA  . SER A 1 93  ? 10.180  -11.099 -4.558  1.00 22.49 ? 92  SER A CA  1 
ATOM   744  C  C   . SER A 1 93  ? 10.168  -10.618 -3.125  1.00 20.77 ? 92  SER A C   1 
ATOM   745  O  O   . SER A 1 93  ? 11.222  -10.460 -2.516  1.00 18.35 ? 92  SER A O   1 
ATOM   746  C  CB  . SER A 1 93  ? 10.105  -9.904  -5.509  1.00 23.66 ? 92  SER A CB  1 
ATOM   747  O  OG  . SER A 1 93  ? 8.889   -9.214  -5.342  1.00 20.35 ? 92  SER A OG  1 
ATOM   748  N  N   . HIS A 1 94  ? 8.981   -10.379 -2.560  1.00 21.01 ? 93  HIS A N   1 
ATOM   749  C  CA  . HIS A 1 94  ? 8.913   -9.839  -1.189  1.00 20.33 ? 93  HIS A CA  1 
ATOM   750  C  C   . HIS A 1 94  ? 9.200   -10.858 -0.146  1.00 17.30 ? 93  HIS A C   1 
ATOM   751  O  O   . HIS A 1 94  ? 9.855   -10.549 0.826   1.00 18.35 ? 93  HIS A O   1 
ATOM   752  C  CB  . HIS A 1 94  ? 7.584   -9.103  -0.960  1.00 19.06 ? 93  HIS A CB  1 
ATOM   753  C  CG  . HIS A 1 94  ? 7.538   -7.810  -1.691  1.00 19.34 ? 93  HIS A CG  1 
ATOM   754  N  ND1 . HIS A 1 94  ? 7.666   -7.733  -3.063  1.00 20.72 ? 93  HIS A ND1 1 
ATOM   755  C  CD2 . HIS A 1 94  ? 7.474   -6.544  -1.242  1.00 21.04 ? 93  HIS A CD2 1 
ATOM   756  C  CE1 . HIS A 1 94  ? 7.646   -6.462  -3.431  1.00 21.94 ? 93  HIS A CE1 1 
ATOM   757  N  NE2 . HIS A 1 94  ? 7.530   -5.724  -2.343  1.00 20.72 ? 93  HIS A NE2 1 
ATOM   758  N  N   . ALA A 1 95  ? 8.813   -12.109 -0.389  1.00 19.79 ? 94  ALA A N   1 
ATOM   759  C  CA  . ALA A 1 95  ? 9.207   -13.166 0.520   1.00 21.35 ? 94  ALA A CA  1 
ATOM   760  C  C   . ALA A 1 95  ? 10.716  -13.487 0.434   1.00 22.45 ? 94  ALA A C   1 
ATOM   761  O  O   . ALA A 1 95  ? 11.448  -13.567 1.470   1.00 22.52 ? 94  ALA A O   1 
ATOM   762  C  CB  . ALA A 1 95  ? 8.392   -14.426 0.204   1.00 19.93 ? 94  ALA A CB  1 
ATOM   763  N  N   . THR A 1 96  ? 11.164  -13.720 -0.807  1.00 25.44 ? 95  THR A N   1 
ATOM   764  C  CA  . THR A 1 96  ? 12.465  -14.396 -1.038  1.00 26.27 ? 95  THR A CA  1 
ATOM   765  C  C   . THR A 1 96  ? 13.647  -13.430 -1.216  1.00 28.31 ? 95  THR A C   1 
ATOM   766  O  O   . THR A 1 96  ? 14.774  -13.809 -0.909  1.00 27.41 ? 95  THR A O   1 
ATOM   767  C  CB  . THR A 1 96  ? 12.397  -15.409 -2.226  1.00 27.17 ? 95  THR A CB  1 
ATOM   768  O  OG1 . THR A 1 96  ? 12.334  -14.734 -3.495  1.00 25.91 ? 95  THR A OG1 1 
ATOM   769  C  CG2 . THR A 1 96  ? 11.211  -16.374 -2.075  1.00 28.90 ? 95  THR A CG2 1 
ATOM   770  N  N   . LYS A 1 97  ? 13.402  -12.219 -1.753  1.00 24.85 ? 96  LYS A N   1 
ATOM   771  C  CA  . LYS A 1 97  ? 14.471  -11.288 -2.125  1.00 28.59 ? 96  LYS A CA  1 
ATOM   772  C  C   . LYS A 1 97  ? 14.521  -10.073 -1.191  1.00 26.94 ? 96  LYS A C   1 
ATOM   773  O  O   . LYS A 1 97  ? 15.577  -9.749  -0.663  1.00 29.16 ? 96  LYS A O   1 
ATOM   774  C  CB  . LYS A 1 97  ? 14.350  -10.829 -3.589  1.00 35.32 ? 96  LYS A CB  1 
ATOM   775  C  CG  . LYS A 1 97  ? 15.446  -9.819  -3.960  1.00 41.19 ? 96  LYS A CG  1 
ATOM   776  C  CD  . LYS A 1 97  ? 15.756  -9.798  -5.442  1.00 49.53 ? 96  LYS A CD  1 
ATOM   777  C  CE  . LYS A 1 97  ? 14.599  -9.208  -6.225  1.00 53.13 ? 96  LYS A CE  1 
ATOM   778  N  NZ  . LYS A 1 97  ? 14.985  -9.061  -7.651  1.00 58.63 ? 96  LYS A NZ  1 
ATOM   779  N  N   . HIS A 1 98  ? 13.376  -9.427  -0.971  1.00 24.03 ? 97  HIS A N   1 
ATOM   780  C  CA  . HIS A 1 98  ? 13.294  -8.216  -0.121  1.00 22.86 ? 97  HIS A CA  1 
ATOM   781  C  C   . HIS A 1 98  ? 13.154  -8.554  1.360   1.00 21.12 ? 97  HIS A C   1 
ATOM   782  O  O   . HIS A 1 98  ? 13.569  -7.765  2.177   1.00 19.88 ? 97  HIS A O   1 
ATOM   783  C  CB  . HIS A 1 98  ? 12.157  -7.286  -0.564  1.00 22.42 ? 97  HIS A CB  1 
ATOM   784  C  CG  . HIS A 1 98  ? 12.126  -7.078  -2.052  1.00 23.49 ? 97  HIS A CG  1 
ATOM   785  N  ND1 . HIS A 1 98  ? 13.284  -6.902  -2.787  1.00 23.32 ? 97  HIS A ND1 1 
ATOM   786  C  CD2 . HIS A 1 98  ? 11.105  -7.038  -2.940  1.00 22.64 ? 97  HIS A CD2 1 
ATOM   787  C  CE1 . HIS A 1 98  ? 12.973  -6.777  -4.065  1.00 22.80 ? 97  HIS A CE1 1 
ATOM   788  N  NE2 . HIS A 1 98  ? 11.659  -6.860  -4.190  1.00 23.76 ? 97  HIS A NE2 1 
ATOM   789  N  N   . LYS A 1 99  ? 12.537  -9.697  1.672   1.00 24.93 ? 98  LYS A N   1 
ATOM   790  C  CA  . LYS A 1 99  ? 12.345  -10.193 3.065   1.00 25.96 ? 98  LYS A CA  1 
ATOM   791  C  C   . LYS A 1 99  ? 11.482  -9.256  3.893   1.00 25.05 ? 98  LYS A C   1 
ATOM   792  O  O   . LYS A 1 99  ? 11.861  -8.794  4.980   1.00 26.52 ? 98  LYS A O   1 
ATOM   793  C  CB  . LYS A 1 99  ? 13.705  -10.499 3.716   1.00 29.57 ? 98  LYS A CB  1 
ATOM   794  C  CG  . LYS A 1 99  ? 14.606  -11.303 2.768   1.00 32.77 ? 98  LYS A CG  1 
ATOM   795  C  CD  . LYS A 1 99  ? 15.336  -12.459 3.408   1.00 39.09 ? 98  LYS A CD  1 
ATOM   796  C  CE  . LYS A 1 99  ? 16.366  -11.962 4.426   1.00 39.86 ? 98  LYS A CE  1 
ATOM   797  N  NZ  . LYS A 1 99  ? 16.935  -13.138 5.126   1.00 41.40 ? 98  LYS A NZ  1 
ATOM   798  N  N   . ILE A 1 100 ? 10.271  -9.074  3.379   1.00 22.84 ? 99  ILE A N   1 
ATOM   799  C  CA  . ILE A 1 100 ? 9.294   -8.189  3.971   1.00 21.98 ? 99  ILE A CA  1 
ATOM   800  C  C   . ILE A 1 100 ? 8.299   -9.009  4.725   1.00 22.70 ? 99  ILE A C   1 
ATOM   801  O  O   . ILE A 1 100 ? 7.516   -9.716  4.076   1.00 22.74 ? 99  ILE A O   1 
ATOM   802  C  CB  . ILE A 1 100 ? 8.520   -7.439  2.853   1.00 19.69 ? 99  ILE A CB  1 
ATOM   803  C  CG1 . ILE A 1 100 ? 9.476   -6.658  1.945   1.00 19.71 ? 99  ILE A CG1 1 
ATOM   804  C  CG2 . ILE A 1 100 ? 7.485   -6.480  3.437   1.00 18.02 ? 99  ILE A CG2 1 
ATOM   805  C  CD1 . ILE A 1 100 ? 10.452  -5.785  2.711   1.00 20.62 ? 99  ILE A CD1 1 
ATOM   806  N  N   . PRO A 1 101 ? 8.304   -8.938  6.077   1.00 21.88 ? 100 PRO A N   1 
ATOM   807  C  CA  . PRO A 1 101 ? 7.259   -9.649  6.803   1.00 21.06 ? 100 PRO A CA  1 
ATOM   808  C  C   . PRO A 1 101 ? 5.838   -9.232  6.434   1.00 19.70 ? 100 PRO A C   1 
ATOM   809  O  O   . PRO A 1 101 ? 5.583   -8.072  6.107   1.00 19.90 ? 100 PRO A O   1 
ATOM   810  C  CB  . PRO A 1 101 ? 7.523   -9.304  8.286   1.00 21.15 ? 100 PRO A CB  1 
ATOM   811  C  CG  . PRO A 1 101 ? 8.961   -8.907  8.325   1.00 21.39 ? 100 PRO A CG  1 
ATOM   812  C  CD  . PRO A 1 101 ? 9.258   -8.300  6.978   1.00 21.86 ? 100 PRO A CD  1 
ATOM   813  N  N   . ILE A 1 102 ? 4.896   -10.174 6.562   1.00 17.98 ? 101 ILE A N   1 
ATOM   814  C  CA  . ILE A 1 102 ? 3.483   -9.888  6.306   1.00 17.26 ? 101 ILE A CA  1 
ATOM   815  C  C   . ILE A 1 102 ? 3.050   -8.704  7.160   1.00 14.83 ? 101 ILE A C   1 
ATOM   816  O  O   . ILE A 1 102 ? 2.306   -7.856  6.680   1.00 13.93 ? 101 ILE A O   1 
ATOM   817  C  CB  . ILE A 1 102 ? 2.536   -11.143 6.475   1.00 18.54 ? 101 ILE A CB  1 
ATOM   818  C  CG1 . ILE A 1 102 ? 2.702   -12.107 5.299   1.00 21.03 ? 101 ILE A CG1 1 
ATOM   819  C  CG2 . ILE A 1 102 ? 1.066   -10.740 6.547   1.00 20.60 ? 101 ILE A CG2 1 
ATOM   820  C  CD1 . ILE A 1 102 ? 2.586   -11.582 3.894   1.00 20.96 ? 101 ILE A CD1 1 
ATOM   821  N  N   . LYS A 1 103 ? 3.591   -8.607  8.387   1.00 14.62 ? 102 LYS A N   1 
ATOM   822  C  CA  . LYS A 1 103 ? 3.310   -7.518  9.305   1.00 15.10 ? 102 LYS A CA  1 
ATOM   823  C  C   . LYS A 1 103 ? 3.586   -6.177  8.660   1.00 14.83 ? 102 LYS A C   1 
ATOM   824  O  O   . LYS A 1 103 ? 2.857   -5.234  8.904   1.00 15.54 ? 102 LYS A O   1 
ATOM   825  C  CB  . LYS A 1 103 ? 4.204   -7.643  10.596  1.00 17.08 ? 102 LYS A CB  1 
ATOM   826  C  CG  . LYS A 1 103 ? 3.833   -6.752  11.739  1.00 18.95 ? 102 LYS A CG  1 
ATOM   827  C  CD  . LYS A 1 103 ? 2.536   -7.247  12.343  1.00 23.18 ? 102 LYS A CD  1 
ATOM   828  C  CE  . LYS A 1 103 ? 1.946   -6.327  13.394  1.00 26.72 ? 102 LYS A CE  1 
ATOM   829  N  NZ  . LYS A 1 103 ? 0.614   -6.907  13.776  1.00 26.71 ? 102 LYS A NZ  1 
ATOM   830  N  N   . TYR A 1 104 ? 4.627   -6.065  7.837   1.00 14.91 ? 103 TYR A N   1 
ATOM   831  C  CA  . TYR A 1 104 ? 4.918   -4.796  7.202   1.00 14.55 ? 103 TYR A CA  1 
ATOM   832  C  C   . TYR A 1 104 ? 3.844   -4.428  6.183   1.00 13.80 ? 103 TYR A C   1 
ATOM   833  O  O   . TYR A 1 104 ? 3.560   -3.252  5.981   1.00 11.84 ? 103 TYR A O   1 
ATOM   834  C  CB  . TYR A 1 104 ? 6.295   -4.787  6.512   1.00 16.75 ? 103 TYR A CB  1 
ATOM   835  C  CG  . TYR A 1 104 ? 7.525   -4.815  7.441   1.00 16.83 ? 103 TYR A CG  1 
ATOM   836  C  CD1 . TYR A 1 104 ? 7.446   -5.146  8.752   1.00 18.55 ? 103 TYR A CD1 1 
ATOM   837  C  CD2 . TYR A 1 104 ? 8.777   -4.524  6.924   1.00 17.57 ? 103 TYR A CD2 1 
ATOM   838  C  CE1 . TYR A 1 104 ? 8.601   -5.192  9.540   1.00 19.91 ? 103 TYR A CE1 1 
ATOM   839  C  CE2 . TYR A 1 104 ? 9.921   -4.603  7.675   1.00 18.17 ? 103 TYR A CE2 1 
ATOM   840  C  CZ  . TYR A 1 104 ? 9.834   -4.923  8.961   1.00 17.09 ? 103 TYR A CZ  1 
ATOM   841  O  OH  . TYR A 1 104 ? 10.987  -4.937  9.665   1.00 20.36 ? 103 TYR A OH  1 
ATOM   842  N  N   . LEU A 1 105 ? 3.200   -5.423  5.570   1.00 12.50 ? 104 LEU A N   1 
ATOM   843  C  CA  . LEU A 1 105 ? 2.058   -5.140  4.664   1.00 12.39 ? 104 LEU A CA  1 
ATOM   844  C  C   . LEU A 1 105 ? 0.871   -4.600  5.435   1.00 11.35 ? 104 LEU A C   1 
ATOM   845  O  O   . LEU A 1 105 ? 0.190   -3.718  4.939   1.00 11.10 ? 104 LEU A O   1 
ATOM   846  C  CB  . LEU A 1 105 ? 1.700   -6.340  3.774   1.00 14.32 ? 104 LEU A CB  1 
ATOM   847  C  CG  . LEU A 1 105 ? 2.809   -7.073  2.952   1.00 17.63 ? 104 LEU A CG  1 
ATOM   848  C  CD1 . LEU A 1 105 ? 2.200   -8.185  2.066   1.00 20.17 ? 104 LEU A CD1 1 
ATOM   849  C  CD2 . LEU A 1 105 ? 3.580   -6.124  2.106   1.00 19.19 ? 104 LEU A CD2 1 
ATOM   850  N  N   . GLU A 1 106 ? 0.656   -5.039  6.679   1.00 10.70 ? 105 GLU A N   1 
ATOM   851  C  CA  . GLU A 1 106 ? -0.326  -4.434  7.581   1.00 12.36 ? 105 GLU A CA  1 
ATOM   852  C  C   . GLU A 1 106 ? 0.008   -2.990  7.876   1.00 11.45 ? 105 GLU A C   1 
ATOM   853  O  O   . GLU A 1 106 ? -0.850  -2.141  7.836   1.00 10.14 ? 105 GLU A O   1 
ATOM   854  C  CB  . GLU A 1 106 ? -0.453  -5.247  8.918   1.00 15.62 ? 105 GLU A CB  1 
ATOM   855  C  CG  . GLU A 1 106 ? -1.504  -4.750  9.854   1.00 17.14 ? 105 GLU A CG  1 
ATOM   856  C  CD  . GLU A 1 106 ? -1.561  -5.552  11.164  1.00 21.88 ? 105 GLU A CD  1 
ATOM   857  O  OE1 . GLU A 1 106 ? -0.727  -6.479  11.420  1.00 18.45 ? 105 GLU A OE1 1 
ATOM   858  O  OE2 . GLU A 1 106 ? -2.432  -5.188  11.961  1.00 25.11 ? 105 GLU A OE2 1 
ATOM   859  N  N   . PHE A 1 107 ? 1.298   -2.725  8.213   1.00 11.22 ? 106 PHE A N   1 
ATOM   860  C  CA  . PHE A 1 107 ? 1.748   -1.345  8.425   1.00 11.69 ? 106 PHE A CA  1 
ATOM   861  C  C   . PHE A 1 107 ? 1.502   -0.403  7.250   1.00 11.11 ? 106 PHE A C   1 
ATOM   862  O  O   . PHE A 1 107 ? 1.013   0.690   7.451   1.00 11.36 ? 106 PHE A O   1 
ATOM   863  C  CB  . PHE A 1 107 ? 3.230   -1.258  8.780   1.00 12.06 ? 106 PHE A CB  1 
ATOM   864  C  CG  . PHE A 1 107 ? 3.664   -1.982  10.023  1.00 12.74 ? 106 PHE A CG  1 
ATOM   865  C  CD1 . PHE A 1 107 ? 2.784   -2.322  11.081  1.00 12.71 ? 106 PHE A CD1 1 
ATOM   866  C  CD2 . PHE A 1 107 ? 5.059   -2.337  10.131  1.00 14.12 ? 106 PHE A CD2 1 
ATOM   867  C  CE1 . PHE A 1 107 ? 3.267   -2.989  12.228  1.00 14.64 ? 106 PHE A CE1 1 
ATOM   868  C  CE2 . PHE A 1 107 ? 5.488   -3.039  11.271  1.00 14.45 ? 106 PHE A CE2 1 
ATOM   869  C  CZ  . PHE A 1 107 ? 4.590   -3.328  12.317  1.00 14.86 ? 106 PHE A CZ  1 
ATOM   870  N  N   . ILE A 1 108 ? 1.809   -0.810  6.035   1.00 11.45 ? 107 ILE A N   1 
ATOM   871  C  CA  . ILE A 1 108 ? 1.619   0.076   4.870   1.00 12.22 ? 107 ILE A CA  1 
ATOM   872  C  C   . ILE A 1 108 ? 0.106   0.203   4.614   1.00 12.72 ? 107 ILE A C   1 
ATOM   873  O  O   . ILE A 1 108 ? -0.346  1.270   4.282   1.00 12.94 ? 107 ILE A O   1 
ATOM   874  C  CB  . ILE A 1 108 ? 2.421   -0.360  3.626   1.00 13.26 ? 107 ILE A CB  1 
ATOM   875  C  CG1 . ILE A 1 108 ? 2.575   0.831   2.651   1.00 13.70 ? 107 ILE A CG1 1 
ATOM   876  C  CG2 . ILE A 1 108 ? 1.760   -1.497  2.883   1.00 13.52 ? 107 ILE A CG2 1 
ATOM   877  C  CD1 . ILE A 1 108 ? 3.630   0.609   1.606   1.00 16.24 ? 107 ILE A CD1 1 
ATOM   878  N  N   . SER A 1 109 ? -0.659  -0.830  4.914   1.00 11.17 ? 108 SER A N   1 
ATOM   879  C  CA  . SER A 1 109 ? -2.129  -0.697  4.823   1.00 12.51 ? 108 SER A CA  1 
ATOM   880  C  C   . SER A 1 109 ? -2.706  0.344   5.784   1.00 11.37 ? 108 SER A C   1 
ATOM   881  O  O   . SER A 1 109 ? -3.547  1.153   5.424   1.00 9.73  ? 108 SER A O   1 
ATOM   882  C  CB  . SER A 1 109 ? -2.799  -2.027  5.021   1.00 11.30 ? 108 SER A CB  1 
ATOM   883  O  OG  . SER A 1 109 ? -2.252  -2.937  4.059   1.00 14.29 ? 108 SER A OG  1 
ATOM   884  N  N   . GLU A 1 110 ? -2.184  0.406   7.006   1.00 13.27 ? 109 GLU A N   1 
ATOM   885  C  CA  . GLU A 1 110 ? -2.589  1.417   7.982   1.00 13.83 ? 109 GLU A CA  1 
ATOM   886  C  C   . GLU A 1 110 ? -2.184  2.838   7.507   1.00 13.19 ? 109 GLU A C   1 
ATOM   887  O  O   . GLU A 1 110 ? -2.934  3.812   7.690   1.00 11.47 ? 109 GLU A O   1 
ATOM   888  C  CB  . GLU A 1 110 ? -1.964  1.107   9.353   1.00 17.26 ? 109 GLU A CB  1 
ATOM   889  C  CG  . GLU A 1 110 ? -2.587  -0.186  9.914   1.00 22.86 ? 109 GLU A CG  1 
ATOM   890  C  CD  . GLU A 1 110 ? -2.088  -0.617  11.275  1.00 34.14 ? 109 GLU A CD  1 
ATOM   891  O  OE1 . GLU A 1 110 ? -0.859  -0.441  11.560  1.00 34.17 ? 109 GLU A OE1 1 
ATOM   892  O  OE2 . GLU A 1 110 ? -2.937  -1.184  12.033  1.00 42.78 ? 109 GLU A OE2 1 
ATOM   893  N  N   . ALA A 1 111 ? -1.003  2.922   6.910   1.00 11.19 ? 110 ALA A N   1 
ATOM   894  C  CA  . ALA A 1 111 ? -0.530  4.203   6.352   1.00 10.88 ? 110 ALA A CA  1 
ATOM   895  C  C   . ALA A 1 111 ? -1.414  4.711   5.173   1.00 11.09 ? 110 ALA A C   1 
ATOM   896  O  O   . ALA A 1 111 ? -1.751  5.902   5.089   1.00 10.59 ? 110 ALA A O   1 
ATOM   897  C  CB  . ALA A 1 111 ? 0.912   4.124   5.923   1.00 10.65 ? 110 ALA A CB  1 
ATOM   898  N  N   . ILE A 1 112 ? -1.813  3.774   4.330   1.00 11.58 ? 111 ILE A N   1 
ATOM   899  C  CA  . ILE A 1 112 ? -2.676  4.086   3.203   1.00 12.97 ? 111 ILE A CA  1 
ATOM   900  C  C   . ILE A 1 112 ? -4.009  4.580   3.741   1.00 14.65 ? 111 ILE A C   1 
ATOM   901  O  O   . ILE A 1 112 ? -4.510  5.644   3.350   1.00 15.60 ? 111 ILE A O   1 
ATOM   902  C  CB  . ILE A 1 112 ? -2.885  2.873   2.338   1.00 11.60 ? 111 ILE A CB  1 
ATOM   903  C  CG1 . ILE A 1 112 ? -1.633  2.469   1.589   1.00 12.42 ? 111 ILE A CG1 1 
ATOM   904  C  CG2 . ILE A 1 112 ? -4.092  3.100   1.414   1.00 11.90 ? 111 ILE A CG2 1 
ATOM   905  C  CD1 . ILE A 1 112 ? -1.644  1.033   1.097   1.00 12.00 ? 111 ILE A CD1 1 
ATOM   906  N  N   . ILE A 1 113 ? -4.572  3.872   4.705   1.00 14.17 ? 112 ILE A N   1 
ATOM   907  C  CA  . ILE A 1 113 ? -5.834  4.325   5.275   1.00 17.41 ? 112 ILE A CA  1 
ATOM   908  C  C   . ILE A 1 113 ? -5.777  5.689   5.971   1.00 17.60 ? 112 ILE A C   1 
ATOM   909  O  O   . ILE A 1 113 ? -6.654  6.527   5.758   1.00 19.16 ? 112 ILE A O   1 
ATOM   910  C  CB  . ILE A 1 113 ? -6.504  3.250   6.135   1.00 19.29 ? 112 ILE A CB  1 
ATOM   911  C  CG1 . ILE A 1 113 ? -6.964  2.074   5.261   1.00 22.49 ? 112 ILE A CG1 1 
ATOM   912  C  CG2 . ILE A 1 113 ? -7.616  3.884   6.964   1.00 21.80 ? 112 ILE A CG2 1 
ATOM   913  C  CD1 . ILE A 1 113 ? -6.714  0.719   5.915   1.00 23.96 ? 112 ILE A CD1 1 
ATOM   914  N  N   . HIS A 1 114 ? -4.732  5.911   6.759   1.00 18.88 ? 113 HIS A N   1 
ATOM   915  C  CA  . HIS A 1 114 ? -4.468  7.181   7.351   1.00 19.81 ? 113 HIS A CA  1 
ATOM   916  C  C   . HIS A 1 114 ? -4.435  8.316   6.335   1.00 19.67 ? 113 HIS A C   1 
ATOM   917  O  O   . HIS A 1 114 ? -5.053  9.372   6.541   1.00 20.80 ? 113 HIS A O   1 
ATOM   918  C  CB  . HIS A 1 114 ? -3.157  7.161   8.132   1.00 24.68 ? 113 HIS A CB  1 
ATOM   919  C  CG  . HIS A 1 114 ? -2.891  8.443   8.817   1.00 29.34 ? 113 HIS A CG  1 
ATOM   920  N  ND1 . HIS A 1 114 ? -3.526  8.782   9.992   1.00 35.53 ? 113 HIS A ND1 1 
ATOM   921  C  CD2 . HIS A 1 114 ? -2.191  9.536   8.428   1.00 31.20 ? 113 HIS A CD2 1 
ATOM   922  C  CE1 . HIS A 1 114 ? -3.196  10.018  10.323  1.00 36.60 ? 113 HIS A CE1 1 
ATOM   923  N  NE2 . HIS A 1 114 ? -2.395  10.499  9.387   1.00 38.99 ? 113 HIS A NE2 1 
ATOM   924  N  N   . VAL A 1 115 ? -3.662  8.138   5.269   1.00 16.33 ? 114 VAL A N   1 
ATOM   925  C  CA  . VAL A 1 115 ? -3.507  9.183   4.289   1.00 15.80 ? 114 VAL A CA  1 
ATOM   926  C  C   . VAL A 1 115 ? -4.805  9.410   3.472   1.00 14.86 ? 114 VAL A C   1 
ATOM   927  O  O   . VAL A 1 115 ? -5.163  10.538  3.206   1.00 15.75 ? 114 VAL A O   1 
ATOM   928  C  CB  . VAL A 1 115 ? -2.230  8.931   3.414   1.00 13.04 ? 114 VAL A CB  1 
ATOM   929  C  CG1 . VAL A 1 115 ? -2.177  9.784   2.124   1.00 14.05 ? 114 VAL A CG1 1 
ATOM   930  C  CG2 . VAL A 1 115 ? -0.974  9.096   4.337   1.00 12.44 ? 114 VAL A CG2 1 
ATOM   931  N  N   . LEU A 1 116 ? -5.446  8.320   3.077   1.00 15.44 ? 115 LEU A N   1 
ATOM   932  C  CA  . LEU A 1 116 ? -6.695  8.385   2.321   1.00 18.98 ? 115 LEU A CA  1 
ATOM   933  C  C   . LEU A 1 116 ? -7.680  9.192   3.137   1.00 18.61 ? 115 LEU A C   1 
ATOM   934  O  O   . LEU A 1 116 ? -8.469  9.999   2.559   1.00 22.11 ? 115 LEU A O   1 
ATOM   935  C  CB  . LEU A 1 116 ? -7.279  7.019   2.031   1.00 18.87 ? 115 LEU A CB  1 
ATOM   936  C  CG  . LEU A 1 116 ? -6.682  6.338   0.814   1.00 25.68 ? 115 LEU A CG  1 
ATOM   937  C  CD1 . LEU A 1 116 ? -7.301  4.992   0.459   1.00 24.21 ? 115 LEU A CD1 1 
ATOM   938  C  CD2 . LEU A 1 116 ? -6.751  7.216   -0.380  1.00 26.90 ? 115 LEU A CD2 1 
ATOM   939  N  N   . HIS A 1 117 ? -7.688  8.945   4.434   1.00 22.73 ? 116 HIS A N   1 
ATOM   940  C  CA  . HIS A 1 117 ? -8.608  9.641   5.333   1.00 25.23 ? 116 HIS A CA  1 
ATOM   941  C  C   . HIS A 1 117 ? -8.262  11.156  5.384   1.00 28.27 ? 116 HIS A C   1 
ATOM   942  O  O   . HIS A 1 117 ? -9.166  12.002  5.282   1.00 25.04 ? 116 HIS A O   1 
ATOM   943  C  CB  . HIS A 1 117 ? -8.656  8.937   6.714   1.00 28.58 ? 116 HIS A CB  1 
ATOM   944  C  CG  . HIS A 1 117 ? -9.469  9.682   7.716   1.00 33.82 ? 116 HIS A CG  1 
ATOM   945  N  ND1 . HIS A 1 117 ? -10.848 9.596   7.769   1.00 36.25 ? 116 HIS A ND1 1 
ATOM   946  C  CD2 . HIS A 1 117 ? -9.115  10.647  8.595   1.00 35.83 ? 116 HIS A CD2 1 
ATOM   947  C  CE1 . HIS A 1 117 ? -11.307 10.439  8.675   1.00 37.18 ? 116 HIS A CE1 1 
ATOM   948  N  NE2 . HIS A 1 117 ? -10.274 11.078  9.203   1.00 41.87 ? 116 HIS A NE2 1 
ATOM   949  N  N   . SER A 1 118 ? -6.977  11.513  5.486   1.00 28.12 ? 117 SER A N   1 
ATOM   950  C  CA  . SER A 1 118 ? -6.553  12.936  5.443   1.00 28.87 ? 117 SER A CA  1 
ATOM   951  C  C   . SER A 1 118 ? -6.919  13.647  4.152   1.00 27.19 ? 117 SER A C   1 
ATOM   952  O  O   . SER A 1 118 ? -7.414  14.774  4.170   1.00 28.66 ? 117 SER A O   1 
ATOM   953  C  CB  . SER A 1 118 ? -5.057  13.113  5.639   1.00 28.74 ? 117 SER A CB  1 
ATOM   954  O  OG  . SER A 1 118 ? -4.637  12.239  6.639   1.00 37.32 ? 117 SER A OG  1 
ATOM   955  N  N   . ARG A 1 119 ? -6.734  12.991  3.026   1.00 22.43 ? 118 ARG A N   1 
ATOM   956  C  CA  . ARG A 1 119 ? -6.857  13.695  1.789   1.00 22.97 ? 118 ARG A CA  1 
ATOM   957  C  C   . ARG A 1 119 ? -8.277  13.669  1.109   1.00 22.82 ? 118 ARG A C   1 
ATOM   958  O  O   . ARG A 1 119 ? -8.544  14.484  0.225   1.00 22.37 ? 118 ARG A O   1 
ATOM   959  C  CB  . ARG A 1 119 ? -5.761  13.235  0.891   1.00 23.47 ? 118 ARG A CB  1 
ATOM   960  C  CG  . ARG A 1 119 ? -4.386  13.567  1.552   1.00 24.63 ? 118 ARG A CG  1 
ATOM   961  C  CD  . ARG A 1 119 ? -3.208  13.047  0.742   1.00 26.46 ? 118 ARG A CD  1 
ATOM   962  N  NE  . ARG A 1 119 ? -3.201  13.653  -0.552  1.00 28.34 ? 118 ARG A NE  1 
ATOM   963  C  CZ  . ARG A 1 119 ? -2.141  14.115  -1.215  1.00 26.27 ? 118 ARG A CZ  1 
ATOM   964  N  NH1 . ARG A 1 119 ? -0.896  14.075  -0.748  1.00 30.28 ? 118 ARG A NH1 1 
ATOM   965  N  NH2 . ARG A 1 119 ? -2.370  14.628  -2.386  1.00 23.89 ? 118 ARG A NH2 1 
ATOM   966  N  N   . HIS A 1 120 ? -9.146  12.752  1.527   1.00 21.86 ? 119 HIS A N   1 
ATOM   967  C  CA  . HIS A 1 120 ? -10.433 12.536  0.887   1.00 23.69 ? 119 HIS A CA  1 
ATOM   968  C  C   . HIS A 1 120 ? -11.522 12.252  1.885   1.00 26.64 ? 119 HIS A C   1 
ATOM   969  O  O   . HIS A 1 120 ? -12.340 11.357  1.667   1.00 25.04 ? 119 HIS A O   1 
ATOM   970  C  CB  . HIS A 1 120 ? -10.323 11.372  -0.079  1.00 22.91 ? 119 HIS A CB  1 
ATOM   971  C  CG  . HIS A 1 120 ? -9.169  11.503  -1.001  1.00 23.55 ? 119 HIS A CG  1 
ATOM   972  N  ND1 . HIS A 1 120 ? -9.151  12.408  -2.036  1.00 22.96 ? 119 HIS A ND1 1 
ATOM   973  C  CD2 . HIS A 1 120 ? -7.946  10.935  -0.973  1.00 23.43 ? 119 HIS A CD2 1 
ATOM   974  C  CE1 . HIS A 1 120 ? -8.000  12.332  -2.662  1.00 23.12 ? 119 HIS A CE1 1 
ATOM   975  N  NE2 . HIS A 1 120 ? -7.251  11.450  -2.039  1.00 24.29 ? 119 HIS A NE2 1 
ATOM   976  N  N   . PRO A 1 121 ? -11.566 13.044  2.963   1.00 27.95 ? 120 PRO A N   1 
ATOM   977  C  CA  . PRO A 1 121 ? -12.586 12.823  3.960   1.00 29.33 ? 120 PRO A CA  1 
ATOM   978  C  C   . PRO A 1 121 ? -13.979 12.522  3.394   1.00 26.85 ? 120 PRO A C   1 
ATOM   979  O  O   . PRO A 1 121 ? -14.575 11.540  3.797   1.00 29.10 ? 120 PRO A O   1 
ATOM   980  C  CB  . PRO A 1 121 ? -12.591 14.143  4.750   1.00 30.41 ? 120 PRO A CB  1 
ATOM   981  C  CG  . PRO A 1 121 ? -11.202 14.634  4.623   1.00 31.10 ? 120 PRO A CG  1 
ATOM   982  C  CD  . PRO A 1 121 ? -10.757 14.261  3.250   1.00 29.42 ? 120 PRO A CD  1 
ATOM   983  N  N   . GLY A 1 122 ? -14.451 13.350  2.465   1.00 25.91 ? 121 GLY A N   1 
ATOM   984  C  CA  . GLY A 1 122 ? -15.815 13.227  1.864   1.00 27.36 ? 121 GLY A CA  1 
ATOM   985  C  C   . GLY A 1 122 ? -16.053 12.027  0.993   1.00 29.38 ? 121 GLY A C   1 
ATOM   986  O  O   . GLY A 1 122 ? -17.220 11.673  0.725   1.00 29.58 ? 121 GLY A O   1 
ATOM   987  N  N   . ASN A 1 123 ? -14.976 11.397  0.523   1.00 28.07 ? 122 ASN A N   1 
ATOM   988  C  CA  . ASN A 1 123 ? -15.104 10.169  -0.271  1.00 29.37 ? 122 ASN A CA  1 
ATOM   989  C  C   . ASN A 1 123 ? -14.536 8.970   0.476   1.00 27.25 ? 122 ASN A C   1 
ATOM   990  O  O   . ASN A 1 123 ? -14.332 7.904   -0.138  1.00 26.71 ? 122 ASN A O   1 
ATOM   991  C  CB  . ASN A 1 123 ? -14.455 10.356  -1.667  1.00 31.95 ? 122 ASN A CB  1 
ATOM   992  C  CG  . ASN A 1 123 ? -15.280 11.244  -2.562  1.00 35.16 ? 122 ASN A CG  1 
ATOM   993  O  OD1 . ASN A 1 123 ? -16.253 10.781  -3.160  1.00 36.79 ? 122 ASN A OD1 1 
ATOM   994  N  ND2 . ASN A 1 123 ? -14.920 12.522  -2.651  1.00 39.32 ? 122 ASN A ND2 1 
ATOM   995  N  N   . PHE A 1 124 ? -14.261 9.150   1.786   1.00 23.89 ? 123 PHE A N   1 
ATOM   996  C  CA  . PHE A 1 124 ? -13.615 8.142   2.625   1.00 22.13 ? 123 PHE A CA  1 
ATOM   997  C  C   . PHE A 1 124 ? -14.167 8.207   4.023   1.00 23.47 ? 123 PHE A C   1 
ATOM   998  O  O   . PHE A 1 124 ? -13.444 8.186   5.013   1.00 24.25 ? 123 PHE A O   1 
ATOM   999  C  CB  . PHE A 1 124 ? -12.079 8.251   2.613   1.00 22.31 ? 123 PHE A CB  1 
ATOM   1000 C  CG  . PHE A 1 124 ? -11.375 6.969   2.921   1.00 17.61 ? 123 PHE A CG  1 
ATOM   1001 C  CD1 . PHE A 1 124 ? -11.440 5.886   2.024   1.00 21.19 ? 123 PHE A CD1 1 
ATOM   1002 C  CD2 . PHE A 1 124 ? -10.618 6.868   4.078   1.00 18.69 ? 123 PHE A CD2 1 
ATOM   1003 C  CE1 . PHE A 1 124 ? -10.752 4.692   2.311   1.00 19.07 ? 123 PHE A CE1 1 
ATOM   1004 C  CE2 . PHE A 1 124 ? -9.926  5.723   4.352   1.00 19.65 ? 123 PHE A CE2 1 
ATOM   1005 C  CZ  . PHE A 1 124 ? -10.009 4.624   3.503   1.00 18.83 ? 123 PHE A CZ  1 
ATOM   1006 N  N   . GLY A 1 125 ? -15.480 8.211   4.114   1.00 22.84 ? 124 GLY A N   1 
ATOM   1007 C  CA  . GLY A 1 125 ? -16.108 7.937   5.387   1.00 20.88 ? 124 GLY A CA  1 
ATOM   1008 C  C   . GLY A 1 125 ? -15.926 6.525   5.822   1.00 22.75 ? 124 GLY A C   1 
ATOM   1009 O  O   . GLY A 1 125 ? -15.306 5.731   5.135   1.00 19.48 ? 124 GLY A O   1 
ATOM   1010 N  N   . ALA A 1 126 ? -16.547 6.188   6.960   1.00 20.71 ? 125 ALA A N   1 
ATOM   1011 C  CA  . ALA A 1 126 ? -16.344 4.915   7.633   1.00 21.08 ? 125 ALA A CA  1 
ATOM   1012 C  C   . ALA A 1 126 ? -16.720 3.759   6.749   1.00 16.87 ? 125 ALA A C   1 
ATOM   1013 O  O   . ALA A 1 126 ? -16.043 2.764   6.793   1.00 20.74 ? 125 ALA A O   1 
ATOM   1014 C  CB  . ALA A 1 126 ? -17.161 4.874   8.953   1.00 21.32 ? 125 ALA A CB  1 
ATOM   1015 N  N   . ASP A 1 127 ? -17.719 3.894   5.913   1.00 16.12 ? 126 ASP A N   1 
ATOM   1016 C  CA  . ASP A 1 127 ? -18.106 2.856   5.004   1.00 17.97 ? 126 ASP A CA  1 
ATOM   1017 C  C   . ASP A 1 127 ? -17.007 2.502   3.971   1.00 15.43 ? 126 ASP A C   1 
ATOM   1018 O  O   . ASP A 1 127 ? -16.665 1.340   3.736   1.00 14.96 ? 126 ASP A O   1 
ATOM   1019 C  CB  . ASP A 1 127 ? -19.434 3.159   4.295   1.00 20.17 ? 126 ASP A CB  1 
ATOM   1020 C  CG  . ASP A 1 127 ? -19.433 4.424   3.464   1.00 22.21 ? 126 ASP A CG  1 
ATOM   1021 O  OD1 . ASP A 1 127 ? -18.612 5.333   3.687   1.00 26.05 ? 126 ASP A OD1 1 
ATOM   1022 O  OD2 . ASP A 1 127 ? -20.358 4.567   2.617   1.00 23.49 ? 126 ASP A OD2 1 
ATOM   1023 N  N   . ALA A 1 128 ? -16.469 3.535   3.388   1.00 15.36 ? 127 ALA A N   1 
ATOM   1024 C  CA  . ALA A 1 128 ? -15.367 3.385   2.438   1.00 13.59 ? 127 ALA A CA  1 
ATOM   1025 C  C   . ALA A 1 128 ? -14.077 2.940   3.149   1.00 13.65 ? 127 ALA A C   1 
ATOM   1026 O  O   . ALA A 1 128 ? -13.310 2.165   2.621   1.00 12.58 ? 127 ALA A O   1 
ATOM   1027 C  CB  . ALA A 1 128 ? -15.168 4.733   1.754   1.00 14.41 ? 127 ALA A CB  1 
ATOM   1028 N  N   . GLN A 1 129 ? -13.814 3.439   4.342   1.00 13.21 ? 128 GLN A N   1 
ATOM   1029 C  CA  . GLN A 1 129 ? -12.731 2.919   5.186   1.00 13.26 ? 128 GLN A CA  1 
ATOM   1030 C  C   . GLN A 1 129 ? -12.868 1.414   5.446   1.00 12.76 ? 128 GLN A C   1 
ATOM   1031 O  O   . GLN A 1 129 ? -11.875 0.665   5.326   1.00 12.28 ? 128 GLN A O   1 
ATOM   1032 C  CB  . GLN A 1 129 ? -12.673 3.716   6.514   1.00 16.76 ? 128 GLN A CB  1 
ATOM   1033 C  CG  . GLN A 1 129 ? -11.624 3.277   7.519   1.00 18.33 ? 128 GLN A CG  1 
ATOM   1034 C  CD  . GLN A 1 129 ? -11.640 4.137   8.771   1.00 24.57 ? 128 GLN A CD  1 
ATOM   1035 O  OE1 . GLN A 1 129 ? -12.324 5.195   8.848   1.00 23.01 ? 128 GLN A OE1 1 
ATOM   1036 N  NE2 . GLN A 1 129 ? -10.853 3.714   9.741   1.00 24.83 ? 128 GLN A NE2 1 
ATOM   1037 N  N   . GLY A 1 130 ? -14.083 0.946   5.745   1.00 12.02 ? 129 GLY A N   1 
ATOM   1038 C  CA  . GLY A 1 130 ? -14.287 -0.484  5.955   1.00 14.89 ? 129 GLY A CA  1 
ATOM   1039 C  C   . GLY A 1 130 ? -14.042 -1.320  4.738   1.00 12.57 ? 129 GLY A C   1 
ATOM   1040 O  O   . GLY A 1 130 ? -13.446 -2.394  4.822   1.00 12.15 ? 129 GLY A O   1 
ATOM   1041 N  N   . ALA A 1 131 ? -14.450 -0.779  3.608   1.00 12.56 ? 130 ALA A N   1 
ATOM   1042 C  CA  . ALA A 1 131 ? -14.325 -1.476  2.329   1.00 11.70 ? 130 ALA A CA  1 
ATOM   1043 C  C   . ALA A 1 131 ? -12.857 -1.527  1.966   1.00 10.41 ? 130 ALA A C   1 
ATOM   1044 O  O   . ALA A 1 131 ? -12.406 -2.577  1.647   1.00 10.98 ? 130 ALA A O   1 
ATOM   1045 C  CB  . ALA A 1 131 ? -15.097 -0.771  1.235   1.00 10.74 ? 130 ALA A CB  1 
ATOM   1046 N  N   . MET A 1 132 ? -12.147 -0.405  2.085   1.00 11.09 ? 131 MET A N   1 
ATOM   1047 C  CA  . MET A 1 132 ? -10.693 -0.381  1.836   1.00 11.70 ? 131 MET A CA  1 
ATOM   1048 C  C   . MET A 1 132 ? -9.911  -1.379  2.753   1.00 11.47 ? 131 MET A C   1 
ATOM   1049 O  O   . MET A 1 132 ? -9.066  -2.090  2.267   1.00 10.24 ? 131 MET A O   1 
ATOM   1050 C  CB  . MET A 1 132 ? -10.139 1.000   1.889   1.00 12.90 ? 131 MET A CB  1 
ATOM   1051 C  CG  . MET A 1 132 ? -8.643  1.114   1.526   1.00 12.85 ? 131 MET A CG  1 
ATOM   1052 S  SD  . MET A 1 132 ? -8.311  0.656   -0.193  1.00 15.09 ? 131 MET A SD  1 
ATOM   1053 C  CE  . MET A 1 132 ? -8.989  2.129   -0.928  1.00 15.57 ? 131 MET A CE  1 
ATOM   1054 N  N   . ASN A 1 133 ? -10.224 -1.389  4.056   1.00 13.14 ? 132 ASN A N   1 
ATOM   1055 C  CA  A ASN A 1 133 ? -9.731  -2.361  5.061   0.50 13.37 ? 132 ASN A CA  1 
ATOM   1056 C  CA  B ASN A 1 133 ? -9.566  -2.341  4.923   0.50 13.59 ? 132 ASN A CA  1 
ATOM   1057 C  C   . ASN A 1 133 ? -9.867  -3.754  4.496   1.00 12.89 ? 132 ASN A C   1 
ATOM   1058 O  O   . ASN A 1 133 ? -8.920  -4.570  4.463   1.00 11.79 ? 132 ASN A O   1 
ATOM   1059 C  CB  A ASN A 1 133 ? -10.552 -2.294  6.380   0.50 14.24 ? 132 ASN A CB  1 
ATOM   1060 C  CB  B ASN A 1 133 ? -9.890  -2.143  6.376   0.50 14.57 ? 132 ASN A CB  1 
ATOM   1061 C  CG  A ASN A 1 133 ? -10.132 -1.141  7.311   0.50 15.21 ? 132 ASN A CG  1 
ATOM   1062 C  CG  B ASN A 1 133 ? -9.133  -3.096  7.253   0.50 15.34 ? 132 ASN A CG  1 
ATOM   1063 O  OD1 A ASN A 1 133 ? -9.114  -0.512  7.111   0.50 14.26 ? 132 ASN A OD1 1 
ATOM   1064 O  OD1 B ASN A 1 133 ? -7.895  -2.996  7.421   0.50 15.55 ? 132 ASN A OD1 1 
ATOM   1065 N  ND2 A ASN A 1 133 ? -10.957 -0.869  8.334   0.50 16.51 ? 132 ASN A ND2 1 
ATOM   1066 N  ND2 B ASN A 1 133 ? -9.859  -4.029  7.837   0.50 15.47 ? 132 ASN A ND2 1 
ATOM   1067 N  N   . LYS A 1 134 ? -11.084 -4.056  4.103   1.00 12.68 ? 133 LYS A N   1 
ATOM   1068 C  CA  . LYS A 1 134 ? -11.386 -5.382  3.606   1.00 12.57 ? 133 LYS A CA  1 
ATOM   1069 C  C   . LYS A 1 134 ? -10.570 -5.743  2.380   1.00 11.53 ? 133 LYS A C   1 
ATOM   1070 O  O   . LYS A 1 134 ? -10.131 -6.858  2.262   1.00 9.68  ? 133 LYS A O   1 
ATOM   1071 C  CB  . LYS A 1 134 ? -12.852 -5.576  3.242   1.00 16.42 ? 133 LYS A CB  1 
ATOM   1072 C  CG  . LYS A 1 134 ? -13.765 -6.003  4.365   1.00 20.54 ? 133 LYS A CG  1 
ATOM   1073 C  CD  . LYS A 1 134 ? -15.216 -6.100  3.924   1.00 24.22 ? 133 LYS A CD  1 
ATOM   1074 C  CE  . LYS A 1 134 ? -15.543 -7.289  3.050   1.00 27.25 ? 133 LYS A CE  1 
ATOM   1075 N  NZ  . LYS A 1 134 ? -16.997 -7.706  3.234   1.00 26.79 ? 133 LYS A NZ  1 
ATOM   1076 N  N   . ALA A 1 135 ? -10.452 -4.801  1.458   1.00 11.03 ? 134 ALA A N   1 
ATOM   1077 C  CA  . ALA A 1 135 ? -9.646  -5.040  0.227   1.00 10.69 ? 134 ALA A CA  1 
ATOM   1078 C  C   . ALA A 1 135 ? -8.177  -5.250  0.519   1.00 9.86  ? 134 ALA A C   1 
ATOM   1079 O  O   . ALA A 1 135 ? -7.512  -6.129  -0.077  1.00 10.34 ? 134 ALA A O   1 
ATOM   1080 C  CB  . ALA A 1 135 ? -9.790  -3.883  -0.714  1.00 10.56 ? 134 ALA A CB  1 
ATOM   1081 N  N   . LEU A 1 136 ? -7.642  -4.400  1.391   1.00 10.48 ? 135 LEU A N   1 
ATOM   1082 C  CA  . LEU A 1 136 ? -6.248  -4.584  1.801   1.00 12.18 ? 135 LEU A CA  1 
ATOM   1083 C  C   . LEU A 1 136 ? -5.962  -5.919  2.573   1.00 12.33 ? 135 LEU A C   1 
ATOM   1084 O  O   . LEU A 1 136 ? -4.911  -6.555  2.404   1.00 11.00 ? 135 LEU A O   1 
ATOM   1085 C  CB  . LEU A 1 136 ? -5.904  -3.377  2.601   1.00 13.32 ? 135 LEU A CB  1 
ATOM   1086 C  CG  . LEU A 1 136 ? -5.834  -2.116  1.709   1.00 14.80 ? 135 LEU A CG  1 
ATOM   1087 C  CD1 . LEU A 1 136 ? -5.433  -0.894  2.517   1.00 15.62 ? 135 LEU A CD1 1 
ATOM   1088 C  CD2 . LEU A 1 136 ? -4.933  -2.231  0.537   1.00 17.27 ? 135 LEU A CD2 1 
ATOM   1089 N  N   . GLU A 1 137 ? -6.891  -6.313  3.418   1.00 12.46 ? 136 GLU A N   1 
ATOM   1090 C  CA  . GLU A 1 137 ? -6.814  -7.601  4.121   1.00 14.73 ? 136 GLU A CA  1 
ATOM   1091 C  C   . GLU A 1 137 ? -6.883  -8.772  3.150   1.00 12.35 ? 136 GLU A C   1 
ATOM   1092 O  O   . GLU A 1 137 ? -6.180  -9.741  3.298   1.00 13.51 ? 136 GLU A O   1 
ATOM   1093 C  CB  . GLU A 1 137 ? -8.013  -7.737  5.061   1.00 18.48 ? 136 GLU A CB  1 
ATOM   1094 C  CG  . GLU A 1 137 ? -7.858  -6.936  6.327   1.00 24.54 ? 136 GLU A CG  1 
ATOM   1095 C  CD  . GLU A 1 137 ? -9.005  -7.223  7.253   1.00 33.30 ? 136 GLU A CD  1 
ATOM   1096 O  OE1 . GLU A 1 137 ? -10.184 -7.009  6.828   1.00 32.18 ? 136 GLU A OE1 1 
ATOM   1097 O  OE2 . GLU A 1 137 ? -8.701  -7.708  8.367   1.00 41.01 ? 136 GLU A OE2 1 
ATOM   1098 N  N   . LEU A 1 138 ? -7.768  -8.689  2.179   1.00 12.95 ? 137 LEU A N   1 
ATOM   1099 C  CA  . LEU A 1 138 ? -7.811  -9.738  1.138   1.00 13.21 ? 137 LEU A CA  1 
ATOM   1100 C  C   . LEU A 1 138 ? -6.402  -9.909  0.465   1.00 13.32 ? 137 LEU A C   1 
ATOM   1101 O  O   . LEU A 1 138 ? -5.899  -11.025 0.308   1.00 13.24 ? 137 LEU A O   1 
ATOM   1102 C  CB  . LEU A 1 138 ? -8.919  -9.445  0.102   1.00 15.06 ? 137 LEU A CB  1 
ATOM   1103 C  CG  . LEU A 1 138 ? -9.070  -10.406 -1.097  1.00 17.47 ? 137 LEU A CG  1 
ATOM   1104 C  CD1 . LEU A 1 138 ? -9.336  -11.856 -0.603  1.00 21.13 ? 137 LEU A CD1 1 
ATOM   1105 C  CD2 . LEU A 1 138 ? -10.122 -9.917  -2.116  1.00 18.60 ? 137 LEU A CD2 1 
ATOM   1106 N  N   . PHE A 1 139 ? -5.830  -8.809  -0.001  1.00 13.40 ? 138 PHE A N   1 
ATOM   1107 C  CA  . PHE A 1 139 ? -4.475  -8.721  -0.587  1.00 15.24 ? 138 PHE A CA  1 
ATOM   1108 C  C   . PHE A 1 139 ? -3.446  -9.419  0.357   1.00 14.36 ? 138 PHE A C   1 
ATOM   1109 O  O   . PHE A 1 139 ? -2.645  -10.276 -0.043  1.00 12.44 ? 138 PHE A O   1 
ATOM   1110 C  CB  . PHE A 1 139 ? -4.180  -7.220  -0.845  1.00 17.62 ? 138 PHE A CB  1 
ATOM   1111 C  CG  . PHE A 1 139 ? -2.726  -6.869  -1.057  1.00 22.80 ? 138 PHE A CG  1 
ATOM   1112 C  CD1 . PHE A 1 139 ? -2.045  -7.308  -2.175  1.00 27.07 ? 138 PHE A CD1 1 
ATOM   1113 C  CD2 . PHE A 1 139 ? -2.056  -6.027  -0.156  1.00 25.72 ? 138 PHE A CD2 1 
ATOM   1114 C  CE1 . PHE A 1 139 ? -0.688  -6.984  -2.362  1.00 28.05 ? 138 PHE A CE1 1 
ATOM   1115 C  CE2 . PHE A 1 139 ? -0.720  -5.678  -0.328  1.00 30.16 ? 138 PHE A CE2 1 
ATOM   1116 C  CZ  . PHE A 1 139 ? -0.029  -6.168  -1.446  1.00 31.25 ? 138 PHE A CZ  1 
ATOM   1117 N  N   . ARG A 1 140 ? -3.524  -9.068  1.618   1.00 13.91 ? 139 ARG A N   1 
ATOM   1118 C  CA  . ARG A 1 140 ? -2.570  -9.630  2.658   1.00 14.43 ? 139 ARG A CA  1 
ATOM   1119 C  C   . ARG A 1 140 ? -2.745  -11.094 2.858   1.00 13.73 ? 139 ARG A C   1 
ATOM   1120 O  O   . ARG A 1 140 ? -1.739  -11.847 3.012   1.00 12.69 ? 139 ARG A O   1 
ATOM   1121 C  CB  . ARG A 1 140 ? -2.818  -8.982  4.019   1.00 17.08 ? 139 ARG A CB  1 
ATOM   1122 C  CG  . ARG A 1 140 ? -2.097  -7.720  4.263   1.00 20.33 ? 139 ARG A CG  1 
ATOM   1123 C  CD  . ARG A 1 140 ? -1.685  -7.604  5.772   1.00 17.98 ? 139 ARG A CD  1 
ATOM   1124 N  NE  . ARG A 1 140 ? -2.810  -7.496  6.714   1.00 15.08 ? 139 ARG A NE  1 
ATOM   1125 C  CZ  . ARG A 1 140 ? -3.669  -6.503  6.805   1.00 15.32 ? 139 ARG A CZ  1 
ATOM   1126 N  NH1 . ARG A 1 140 ? -3.760  -5.505  5.889   1.00 18.46 ? 139 ARG A NH1 1 
ATOM   1127 N  NH2 . ARG A 1 140 ? -4.594  -6.562  7.734   1.00 14.53 ? 139 ARG A NH2 1 
ATOM   1128 N  N   . LYS A 1 141 ? -4.011  -11.505 2.874   1.00 13.52 ? 140 LYS A N   1 
ATOM   1129 C  CA  . LYS A 1 141 ? -4.373  -12.893 3.131   1.00 16.11 ? 140 LYS A CA  1 
ATOM   1130 C  C   . LYS A 1 141 ? -3.826  -13.718 1.980   1.00 15.31 ? 140 LYS A C   1 
ATOM   1131 O  O   . LYS A 1 141 ? -3.178  -14.744 2.189   1.00 13.95 ? 140 LYS A O   1 
ATOM   1132 C  CB  . LYS A 1 141 ? -5.893  -13.022 3.226   1.00 18.14 ? 140 LYS A CB  1 
ATOM   1133 C  CG  . LYS A 1 141 ? -6.438  -14.419 3.048   1.00 23.90 ? 140 LYS A CG  1 
ATOM   1134 C  CD  . LYS A 1 141 ? -7.953  -14.343 2.904   1.00 29.82 ? 140 LYS A CD  1 
ATOM   1135 C  CE  . LYS A 1 141 ? -8.637  -15.728 2.974   1.00 36.75 ? 140 LYS A CE  1 
ATOM   1136 N  NZ  . LYS A 1 141 ? -8.695  -16.642 1.771   1.00 38.91 ? 140 LYS A NZ  1 
ATOM   1137 N  N   . ASP A 1 142 ? -4.040  -13.246 0.753   1.00 14.22 ? 141 ASP A N   1 
ATOM   1138 C  CA  . ASP A 1 142 ? -3.560  -13.964 -0.434  1.00 15.77 ? 141 ASP A CA  1 
ATOM   1139 C  C   . ASP A 1 142 ? -2.044  -13.992 -0.574  1.00 14.59 ? 141 ASP A C   1 
ATOM   1140 O  O   . ASP A 1 142 ? -1.449  -15.005 -0.888  1.00 15.53 ? 141 ASP A O   1 
ATOM   1141 C  CB  . ASP A 1 142 ? -4.215  -13.378 -1.643  1.00 16.77 ? 141 ASP A CB  1 
ATOM   1142 C  CG  . ASP A 1 142 ? -5.697  -13.762 -1.783  1.00 18.52 ? 141 ASP A CG  1 
ATOM   1143 O  OD1 . ASP A 1 142 ? -6.247  -14.544 -0.991  1.00 17.20 ? 141 ASP A OD1 1 
ATOM   1144 O  OD2 . ASP A 1 142 ? -6.311  -13.249 -2.718  1.00 17.71 ? 141 ASP A OD2 1 
ATOM   1145 N  N   . ILE A 1 143 ? -1.397  -12.904 -0.182  1.00 14.23 ? 142 ILE A N   1 
ATOM   1146 C  CA  . ILE A 1 143 ? 0.044   -12.880 -0.119  1.00 15.75 ? 142 ILE A CA  1 
ATOM   1147 C  C   . ILE A 1 143 ? 0.576   -13.839 0.939   1.00 15.12 ? 142 ILE A C   1 
ATOM   1148 O  O   . ILE A 1 143 ? 1.582   -14.551 0.713   1.00 15.58 ? 142 ILE A O   1 
ATOM   1149 C  CB  . ILE A 1 143 ? 0.591   -11.425 0.136   1.00 16.35 ? 142 ILE A CB  1 
ATOM   1150 C  CG1 . ILE A 1 143 ? 0.445   -10.568 -1.086  1.00 19.16 ? 142 ILE A CG1 1 
ATOM   1151 C  CG2 . ILE A 1 143 ? 2.067   -11.449 0.544   1.00 17.50 ? 142 ILE A CG2 1 
ATOM   1152 C  CD1 . ILE A 1 143 ? 1.396   -10.887 -2.175  1.00 21.46 ? 142 ILE A CD1 1 
ATOM   1153 N  N   . ALA A 1 144 ? -0.063  -13.848 2.115   1.00 13.45 ? 143 ALA A N   1 
ATOM   1154 C  CA  . ALA A 1 144 ? 0.394   -14.702 3.238   1.00 14.93 ? 143 ALA A CA  1 
ATOM   1155 C  C   . ALA A 1 144 ? 0.351   -16.162 2.878   1.00 14.23 ? 143 ALA A C   1 
ATOM   1156 O  O   . ALA A 1 144 ? 1.240   -16.920 3.285   1.00 12.93 ? 143 ALA A O   1 
ATOM   1157 C  CB  . ALA A 1 144 ? -0.471  -14.438 4.451   1.00 16.13 ? 143 ALA A CB  1 
ATOM   1158 N  N   . ALA A 1 145 ? -0.653  -16.541 2.085   1.00 12.36 ? 144 ALA A N   1 
ATOM   1159 C  CA  . ALA A 1 145 ? -0.787  -17.923 1.644   1.00 14.73 ? 144 ALA A CA  1 
ATOM   1160 C  C   . ALA A 1 145 ? 0.393   -18.301 0.728   1.00 15.79 ? 144 ALA A C   1 
ATOM   1161 O  O   . ALA A 1 145 ? 0.945   -19.399 0.862   1.00 16.15 ? 144 ALA A O   1 
ATOM   1162 C  CB  . ALA A 1 145 ? -2.158  -18.161 1.011   1.00 14.79 ? 144 ALA A CB  1 
ATOM   1163 N  N   . LYS A 1 146 ? 0.846   -17.380 -0.124  1.00 15.85 ? 145 LYS A N   1 
ATOM   1164 C  CA  . LYS A 1 146 ? 2.026   -17.630 -0.977  1.00 18.89 ? 145 LYS A CA  1 
ATOM   1165 C  C   . LYS A 1 146 ? 3.307   -17.618 -0.112  1.00 17.18 ? 145 LYS A C   1 
ATOM   1166 O  O   . LYS A 1 146 ? 4.194   -18.463 -0.282  1.00 17.07 ? 145 LYS A O   1 
ATOM   1167 C  CB  . LYS A 1 146 ? 2.154   -16.567 -2.049  1.00 21.20 ? 145 LYS A CB  1 
ATOM   1168 C  CG  . LYS A 1 146 ? 1.003   -16.422 -3.022  1.00 27.29 ? 145 LYS A CG  1 
ATOM   1169 C  CD  . LYS A 1 146 ? 0.824   -17.594 -3.973  1.00 35.40 ? 145 LYS A CD  1 
ATOM   1170 C  CE  . LYS A 1 146 ? -0.146  -17.214 -5.100  1.00 41.97 ? 145 LYS A CE  1 
ATOM   1171 N  NZ  . LYS A 1 146 ? 0.467   -17.572 -6.412  1.00 49.06 ? 145 LYS A NZ  1 
ATOM   1172 N  N   . TYR A 1 147 ? 3.384   -16.712 0.865   1.00 16.08 ? 146 TYR A N   1 
ATOM   1173 C  CA  . TYR A 1 147 ? 4.530   -16.810 1.810   1.00 15.62 ? 146 TYR A CA  1 
ATOM   1174 C  C   . TYR A 1 147 ? 4.651   -18.198 2.492   1.00 17.67 ? 146 TYR A C   1 
ATOM   1175 O  O   . TYR A 1 147 ? 5.778   -18.752 2.636   1.00 17.36 ? 146 TYR A O   1 
ATOM   1176 C  CB  . TYR A 1 147 ? 4.429   -15.758 2.902   1.00 16.59 ? 146 TYR A CB  1 
ATOM   1177 C  CG  . TYR A 1 147 ? 4.993   -14.384 2.532   1.00 16.70 ? 146 TYR A CG  1 
ATOM   1178 C  CD1 . TYR A 1 147 ? 4.905   -13.864 1.272   1.00 16.10 ? 146 TYR A CD1 1 
ATOM   1179 C  CD2 . TYR A 1 147 ? 5.591   -13.589 3.519   1.00 18.41 ? 146 TYR A CD2 1 
ATOM   1180 C  CE1 . TYR A 1 147 ? 5.392   -12.563 1.022   1.00 15.77 ? 146 TYR A CE1 1 
ATOM   1181 C  CE2 . TYR A 1 147 ? 6.068   -12.340 3.249   1.00 18.26 ? 146 TYR A CE2 1 
ATOM   1182 C  CZ  . TYR A 1 147 ? 5.980   -11.847 1.992   1.00 15.80 ? 146 TYR A CZ  1 
ATOM   1183 O  OH  . TYR A 1 147 ? 6.537   -10.568 1.771   1.00 20.71 ? 146 TYR A OH  1 
ATOM   1184 N  N   . LYS A 1 148 ? 3.505   -18.704 2.969   1.00 17.66 ? 147 LYS A N   1 
ATOM   1185 C  CA  . LYS A 1 148 ? 3.464   -19.999 3.682   1.00 19.28 ? 147 LYS A CA  1 
ATOM   1186 C  C   . LYS A 1 148 ? 3.852   -21.172 2.754   1.00 18.08 ? 147 LYS A C   1 
ATOM   1187 O  O   . LYS A 1 148 ? 4.704   -22.042 3.138   1.00 18.12 ? 147 LYS A O   1 
ATOM   1188 C  CB  . LYS A 1 148 ? 2.099   -20.237 4.312   1.00 21.96 ? 147 LYS A CB  1 
ATOM   1189 C  CG  . LYS A 1 148 ? 2.061   -21.442 5.272   1.00 23.52 ? 147 LYS A CG  1 
ATOM   1190 C  CD  . LYS A 1 148 ? 0.629   -21.676 5.749   1.00 26.82 ? 147 LYS A CD  1 
ATOM   1191 C  CE  . LYS A 1 148 ? 0.474   -22.929 6.669   1.00 34.64 ? 147 LYS A CE  1 
ATOM   1192 N  NZ  . LYS A 1 148 ? 0.698   -24.248 5.964   1.00 35.70 ? 147 LYS A NZ  1 
ATOM   1193 N  N   . GLU A 1 149 ? 3.411   -21.124 1.509   1.00 18.85 ? 148 GLU A N   1 
ATOM   1194 C  CA  . GLU A 1 149 ? 3.862   -22.095 0.500   1.00 22.77 ? 148 GLU A CA  1 
ATOM   1195 C  C   . GLU A 1 149 ? 5.390   -22.130 0.369   1.00 25.20 ? 148 GLU A C   1 
ATOM   1196 O  O   . GLU A 1 149 ? 5.999   -23.221 0.284   1.00 24.87 ? 148 GLU A O   1 
ATOM   1197 C  CB  . GLU A 1 149 ? 3.284   -21.755 -0.859  1.00 23.81 ? 148 GLU A CB  1 
ATOM   1198 C  CG  . GLU A 1 149 ? 3.634   -22.710 -1.996  1.00 28.15 ? 148 GLU A CG  1 
ATOM   1199 C  CD  . GLU A 1 149 ? 3.024   -22.240 -3.317  1.00 30.23 ? 148 GLU A CD  1 
ATOM   1200 O  OE1 . GLU A 1 149 ? 2.150   -21.366 -3.285  1.00 29.14 ? 148 GLU A OE1 1 
ATOM   1201 O  OE2 . GLU A 1 149 ? 3.469   -22.678 -4.403  1.00 37.39 ? 148 GLU A OE2 1 
ATOM   1202 N  N   . LEU A 1 150 ? 5.995   -20.936 0.302   1.00 20.09 ? 149 LEU A N   1 
ATOM   1203 C  CA  . LEU A 1 150 ? 7.450   -20.775 0.133   1.00 21.01 ? 149 LEU A CA  1 
ATOM   1204 C  C   . LEU A 1 150 ? 8.254   -20.921 1.424   1.00 19.36 ? 149 LEU A C   1 
ATOM   1205 O  O   . LEU A 1 150 ? 9.510   -20.792 1.396   1.00 18.96 ? 149 LEU A O   1 
ATOM   1206 C  CB  . LEU A 1 150 ? 7.758   -19.382 -0.491  1.00 22.37 ? 149 LEU A CB  1 
ATOM   1207 C  CG  . LEU A 1 150 ? 7.337   -19.144 -1.941  1.00 26.91 ? 149 LEU A CG  1 
ATOM   1208 C  CD1 . LEU A 1 150 ? 7.320   -17.649 -2.297  1.00 27.46 ? 149 LEU A CD1 1 
ATOM   1209 C  CD2 . LEU A 1 150 ? 8.253   -19.926 -2.853  1.00 27.52 ? 149 LEU A CD2 1 
ATOM   1210 N  N   . GLY A 1 151 ? 7.571   -21.116 2.565   1.00 19.42 ? 150 GLY A N   1 
ATOM   1211 C  CA  . GLY A 1 151 ? 8.195   -21.303 3.835   1.00 21.81 ? 150 GLY A CA  1 
ATOM   1212 C  C   . GLY A 1 151 ? 8.670   -20.072 4.546   1.00 22.49 ? 150 GLY A C   1 
ATOM   1213 O  O   . GLY A 1 151 ? 9.625   -20.146 5.303   1.00 22.49 ? 150 GLY A O   1 
ATOM   1214 N  N   . TYR A 1 152 ? 8.016   -18.944 4.278   1.00 26.10 ? 151 TYR A N   1 
ATOM   1215 C  CA  . TYR A 1 152 ? 8.230   -17.660 4.983   1.00 31.15 ? 151 TYR A CA  1 
ATOM   1216 C  C   . TYR A 1 152 ? 7.072   -17.290 5.907   1.00 32.71 ? 151 TYR A C   1 
ATOM   1217 O  O   . TYR A 1 152 ? 7.308   -16.499 6.823   1.00 45.20 ? 151 TYR A O   1 
ATOM   1218 C  CB  . TYR A 1 152 ? 8.406   -16.524 3.975   1.00 31.17 ? 151 TYR A CB  1 
ATOM   1219 C  CG  . TYR A 1 152 ? 9.611   -16.703 3.164   1.00 34.10 ? 151 TYR A CG  1 
ATOM   1220 C  CD1 . TYR A 1 152 ? 10.835  -16.040 3.529   1.00 34.10 ? 151 TYR A CD1 1 
ATOM   1221 C  CD2 . TYR A 1 152 ? 9.601   -17.545 2.035   1.00 35.44 ? 151 TYR A CD2 1 
ATOM   1222 C  CE1 . TYR A 1 152 ? 12.008  -16.238 2.779   1.00 32.16 ? 151 TYR A CE1 1 
ATOM   1223 C  CE2 . TYR A 1 152 ? 10.787  -17.775 1.285   1.00 34.52 ? 151 TYR A CE2 1 
ATOM   1224 C  CZ  . TYR A 1 152 ? 11.981  -17.087 1.644   1.00 37.64 ? 151 TYR A CZ  1 
ATOM   1225 O  OH  . TYR A 1 152 ? 13.160  -17.287 0.907   1.00 39.53 ? 151 TYR A OH  1 
HETATM 1226 S  S   . SO4 B 2 .   ? 12.096  14.892  12.329  1.00 12.38 ? 201 SO4 A S   1 
HETATM 1227 O  O1  . SO4 B 2 .   ? 11.558  16.234  11.916  1.00 14.22 ? 201 SO4 A O1  1 
HETATM 1228 O  O2  . SO4 B 2 .   ? 13.494  15.121  12.636  1.00 11.57 ? 201 SO4 A O2  1 
HETATM 1229 O  O3  . SO4 B 2 .   ? 11.968  13.973  11.234  1.00 12.22 ? 201 SO4 A O3  1 
HETATM 1230 O  O4  . SO4 B 2 .   ? 11.474  14.336  13.527  1.00 10.80 ? 201 SO4 A O4  1 
HETATM 1231 S  S   . SO4 C 2 .   ? -2.147  13.835  10.183  0.90 49.98 ? 202 SO4 A S   1 
HETATM 1232 O  O1  . SO4 C 2 .   ? -2.397  15.220  10.596  0.90 45.04 ? 202 SO4 A O1  1 
HETATM 1233 O  O2  . SO4 C 2 .   ? -2.537  13.733  8.742   0.90 53.28 ? 202 SO4 A O2  1 
HETATM 1234 O  O3  . SO4 C 2 .   ? -0.745  13.504  10.488  0.90 42.80 ? 202 SO4 A O3  1 
HETATM 1235 O  O4  . SO4 C 2 .   ? -3.024  12.961  11.009  0.90 48.54 ? 202 SO4 A O4  1 
HETATM 1236 S  S   . SO4 D 2 .   ? -13.478 15.216  -0.270  1.00 52.56 ? 203 SO4 A S   1 
HETATM 1237 O  O1  . SO4 D 2 .   ? -13.076 16.361  -1.141  1.00 56.86 ? 203 SO4 A O1  1 
HETATM 1238 O  O2  . SO4 D 2 .   ? -12.995 15.518  1.085   1.00 52.08 ? 203 SO4 A O2  1 
HETATM 1239 O  O3  . SO4 D 2 .   ? -13.013 13.857  -0.800  1.00 48.53 ? 203 SO4 A O3  1 
HETATM 1240 O  O4  . SO4 D 2 .   ? -14.961 15.285  -0.330  1.00 57.14 ? 203 SO4 A O4  1 
HETATM 1241 O  O2D . 4HE E 3 .   ? 15.653  -0.919  -4.075  1.00 29.20 ? 204 4HE A O2D 1 
HETATM 1242 C  CGD . 4HE E 3 .   ? 14.767  -1.706  -4.526  1.00 30.26 ? 204 4HE A CGD 1 
HETATM 1243 O  O1D . 4HE E 3 .   ? 15.039  -2.339  -5.570  1.00 31.05 ? 204 4HE A O1D 1 
HETATM 1244 C  CBD . 4HE E 3 .   ? 13.442  -1.992  -3.805  1.00 26.22 ? 204 4HE A CBD 1 
HETATM 1245 C  CAD . 4HE E 3 .   ? 13.210  -3.521  -3.640  1.00 24.13 ? 204 4HE A CAD 1 
HETATM 1246 C  C3D . 4HE E 3 .   ? 11.936  -3.515  -2.895  1.00 20.57 ? 204 4HE A C3D 1 
HETATM 1247 C  C2D . 4HE E 3 .   ? 11.877  -3.334  -1.447  1.00 20.11 ? 204 4HE A C2D 1 
HETATM 1248 C  CMD . 4HE E 3 .   ? 12.937  -3.219  -0.408  1.00 20.33 ? 204 4HE A CMD 1 
HETATM 1249 C  C4D . 4HE E 3 .   ? 10.552  -3.589  -3.378  1.00 17.25 ? 204 4HE A C4D 1 
HETATM 1250 C  CHA . 4HE E 3 .   ? 10.235  -3.751  -4.761  1.00 18.98 ? 204 4HE A CHA 1 
HETATM 1251 N  ND  . 4HE E 3 .   ? 9.702   -3.527  -2.337  1.00 18.03 ? 204 4HE A ND  1 
HETATM 1252 C  C1D . 4HE E 3 .   ? 10.461  -3.376  -1.135  1.00 18.60 ? 204 4HE A C1D 1 
HETATM 1253 C  CHD . 4HE E 3 .   ? 9.939   -3.253  0.236   1.00 17.22 ? 204 4HE A CHD 1 
HETATM 1254 FE FE  . 4HE E 3 .   ? 7.642   -3.436  -2.381  1.00 21.11 ? 204 4HE A FE  1 
HETATM 1255 N  NB  . 4HE E 3 .   ? 5.573   -3.311  -2.477  1.00 19.53 ? 204 4HE A NB  1 
HETATM 1256 C  C4B . 4HE E 3 .   ? 4.682   -3.341  -1.364  1.00 21.30 ? 204 4HE A C4B 1 
HETATM 1257 C  C3B . 4HE E 3 .   ? 3.291   -3.258  -1.845  1.00 21.19 ? 204 4HE A C3B 1 
HETATM 1258 C  CAB . 4HE E 3 .   ? 2.195   -3.188  -0.896  1.00 24.37 ? 204 4HE A CAB 1 
HETATM 1259 C  CBB . 4HE E 3 .   ? 1.052   -2.603  -1.195  1.00 26.99 ? 204 4HE A CBB 1 
HETATM 1260 C  C2B . 4HE E 3 .   ? 3.392   -3.168  -3.315  1.00 20.87 ? 204 4HE A C2B 1 
HETATM 1261 C  CMB . 4HE E 3 .   ? 2.291   -3.041  -4.340  1.00 23.87 ? 204 4HE A CMB 1 
HETATM 1262 C  C1B . 4HE E 3 .   ? 4.845   -3.182  -3.588  1.00 20.07 ? 204 4HE A C1B 1 
HETATM 1263 C  CHB . 4HE E 3 .   ? 5.313   -3.114  -4.937  1.00 20.21 ? 204 4HE A CHB 1 
HETATM 1264 N  NC  . 4HE E 3 .   ? 7.521   -3.362  -0.249  1.00 18.48 ? 204 4HE A NC  1 
HETATM 1265 C  C4C . 4HE E 3 .   ? 8.559   -3.251  0.578   1.00 17.86 ? 204 4HE A C4C 1 
HETATM 1266 C  C3C . 4HE E 3 .   ? 8.135   -3.087  1.988   1.00 18.35 ? 204 4HE A C3C 1 
HETATM 1267 C  CAC . 4HE E 3 .   ? 9.017   -2.871  3.158   1.00 20.46 ? 204 4HE A CAC 1 
HETATM 1268 C  CBC . 4HE E 3 .   ? 8.507   -2.412  4.325   1.00 20.06 ? 204 4HE A CBC 1 
HETATM 1269 C  C2C . 4HE E 3 .   ? 6.665   -3.099  1.929   1.00 19.70 ? 204 4HE A C2C 1 
HETATM 1270 C  CMC . 4HE E 3 .   ? 5.602   -2.990  2.998   1.00 22.83 ? 204 4HE A CMC 1 
HETATM 1271 C  C1C . 4HE E 3 .   ? 6.427   -3.289  0.496   1.00 19.96 ? 204 4HE A C1C 1 
HETATM 1272 C  CHC . 4HE E 3 .   ? 5.053   -3.329  0.042   1.00 19.86 ? 204 4HE A CHC 1 
HETATM 1273 N  NA  . 4HE E 3 .   ? 7.725   -3.465  -4.481  1.00 21.92 ? 204 4HE A NA  1 
HETATM 1274 C  C1A . 4HE E 3 .   ? 8.836   -3.618  -5.204  1.00 20.65 ? 204 4HE A C1A 1 
HETATM 1275 C  C4A . 4HE E 3 .   ? 6.677   -3.300  -5.314  1.00 23.31 ? 204 4HE A C4A 1 
HETATM 1276 C  C3A . 4HE E 3 .   ? 7.040   -3.329  -6.734  1.00 22.21 ? 204 4HE A C3A 1 
HETATM 1277 C  CMA . 4HE E 3 .   ? 6.211   -3.192  -7.986  1.00 26.41 ? 204 4HE A CMA 1 
HETATM 1278 C  C2A . 4HE E 3 .   ? 8.494   -3.543  -6.619  1.00 22.33 ? 204 4HE A C2A 1 
HETATM 1279 C  CAA . 4HE E 3 .   ? 9.476   -3.720  -7.717  1.00 24.28 ? 204 4HE A CAA 1 
HETATM 1280 C  CBA . 4HE E 3 .   ? 9.234   -5.135  -8.295  1.00 26.05 ? 204 4HE A CBA 1 
HETATM 1281 C  CGA . 4HE E 3 .   ? 9.636   -6.280  -7.354  1.00 25.77 ? 204 4HE A CGA 1 
HETATM 1282 O  O1A . 4HE E 3 .   ? 8.780   -7.186  -7.146  1.00 25.66 ? 204 4HE A O1A 1 
HETATM 1283 O  O2A . 4HE E 3 .   ? 10.781  -6.322  -6.757  1.00 24.90 ? 204 4HE A O2A 1 
HETATM 1284 C  C1  . 4HE E 3 .   ? 7.884   -1.445  -2.305  1.00 20.05 ? 204 4HE A C1  1 
HETATM 1285 C  C2  . 4HE E 3 .   ? 8.858   -0.858  -3.126  1.00 21.51 ? 204 4HE A C2  1 
HETATM 1286 C  C3  . 4HE E 3 .   ? 9.047   0.481   -3.087  1.00 22.70 ? 204 4HE A C3  1 
HETATM 1287 C  C4  . 4HE E 3 .   ? 8.322   1.247   -2.166  1.00 23.50 ? 204 4HE A C4  1 
HETATM 1288 C  C5  . 4HE E 3 .   ? 7.400   0.687   -1.283  1.00 24.08 ? 204 4HE A C5  1 
HETATM 1289 C  C6  . 4HE E 3 .   ? 7.173   -0.672  -1.353  1.00 21.83 ? 204 4HE A C6  1 
HETATM 1290 CL CL1 . 4HE E 3 .   ? 8.549   3.031   -2.104  1.00 26.76 ? 204 4HE A CL1 1 
HETATM 1291 C  C1  . GOL F 4 .   ? -23.276 -3.578  -0.048  1.00 45.34 ? 205 GOL A C1  1 
HETATM 1292 O  O1  . GOL F 4 .   ? -23.741 -4.238  1.131   1.00 47.46 ? 205 GOL A O1  1 
HETATM 1293 C  C2  . GOL F 4 .   ? -24.251 -3.826  -1.198  1.00 44.58 ? 205 GOL A C2  1 
HETATM 1294 O  O2  . GOL F 4 .   ? -24.247 -2.641  -1.992  1.00 46.90 ? 205 GOL A O2  1 
HETATM 1295 C  C3  . GOL F 4 .   ? -23.926 -5.033  -2.092  1.00 44.15 ? 205 GOL A C3  1 
HETATM 1296 O  O3  . GOL F 4 .   ? -23.314 -4.670  -3.366  1.00 33.57 ? 205 GOL A O3  1 
HETATM 1297 O  O   . HOH G 5 .   ? -12.451 -2.323  9.360   1.00 35.39 ? 301 HOH A O   1 
HETATM 1298 O  O   . HOH G 5 .   ? 11.911  15.974  -4.960  1.00 27.48 ? 302 HOH A O   1 
HETATM 1299 O  O   . HOH G 5 .   ? -2.553  -5.008  2.927   1.00 38.85 ? 303 HOH A O   1 
HETATM 1300 O  O   . HOH G 5 .   ? -6.702  -4.645  8.665   1.00 21.29 ? 304 HOH A O   1 
HETATM 1301 O  O   . HOH G 5 .   ? 14.486  -8.380  -9.908  1.00 31.60 ? 305 HOH A O   1 
HETATM 1302 O  O   . HOH G 5 .   ? -13.548 6.925   7.675   1.00 29.85 ? 306 HOH A O   1 
HETATM 1303 O  O   . HOH G 5 .   ? 10.364  16.977  -2.851  1.00 28.59 ? 307 HOH A O   1 
HETATM 1304 O  O   . HOH G 5 .   ? -20.650 6.190   0.750   1.00 32.31 ? 308 HOH A O   1 
HETATM 1305 O  O   . HOH G 5 .   ? -10.862 14.175  -2.440  1.00 25.58 ? 309 HOH A O   1 
HETATM 1306 O  O   . HOH G 5 .   ? 16.888  3.027   8.319   1.00 29.93 ? 310 HOH A O   1 
HETATM 1307 O  O   . HOH G 5 .   ? -17.981 -0.843  -9.795  1.00 18.65 ? 311 HOH A O   1 
HETATM 1308 O  O   . HOH G 5 .   ? 16.159  -0.381  -1.645  1.00 22.34 ? 312 HOH A O   1 
HETATM 1309 O  O   . HOH G 5 .   ? 16.431  14.006  0.667   1.00 12.54 ? 313 HOH A O   1 
HETATM 1310 O  O   . HOH G 5 .   ? -2.404  1.360   -11.336 1.00 23.51 ? 314 HOH A O   1 
HETATM 1311 O  O   . HOH G 5 .   ? -1.168  17.308  11.459  1.00 22.00 ? 315 HOH A O   1 
HETATM 1312 O  O   . HOH G 5 .   ? 13.590  -4.105  9.153   1.00 24.38 ? 316 HOH A O   1 
HETATM 1313 O  O   . HOH G 5 .   ? 17.205  6.391   -3.387  1.00 15.35 ? 317 HOH A O   1 
HETATM 1314 O  O   . HOH G 5 .   ? -16.791 13.911  -3.770  1.00 31.99 ? 318 HOH A O   1 
HETATM 1315 O  O   . HOH G 5 .   ? -5.821  13.492  -5.490  1.00 21.78 ? 319 HOH A O   1 
HETATM 1316 O  O   . HOH G 5 .   ? 15.043  2.972   10.509  1.00 16.45 ? 320 HOH A O   1 
HETATM 1317 O  O   . HOH G 5 .   ? 20.863  4.909   1.159   1.00 13.53 ? 321 HOH A O   1 
HETATM 1318 O  O   . HOH G 5 .   ? 2.775   11.397  5.889   1.00 20.45 ? 322 HOH A O   1 
HETATM 1319 O  O   . HOH G 5 .   ? -4.523  0.738   -12.970 1.00 36.35 ? 323 HOH A O   1 
HETATM 1320 O  O   . HOH G 5 .   ? 3.910   -24.959 -5.644  1.00 24.76 ? 324 HOH A O   1 
HETATM 1321 O  O   . HOH G 5 .   ? 20.852  15.364  4.997   1.00 42.61 ? 325 HOH A O   1 
HETATM 1322 O  O   . HOH G 5 .   ? 5.166   9.041   -4.212  1.00 20.97 ? 326 HOH A O   1 
HETATM 1323 O  O   . HOH G 5 .   ? 5.372   16.105  10.828  1.00 33.14 ? 327 HOH A O   1 
HETATM 1324 O  O   . HOH G 5 .   ? 16.218  17.725  7.807   1.00 13.63 ? 328 HOH A O   1 
HETATM 1325 O  O   . HOH G 5 .   ? -9.504  -15.261 -9.703  1.00 38.16 ? 329 HOH A O   1 
HETATM 1326 O  O   . HOH G 5 .   ? 8.527   13.672  13.762  1.00 21.16 ? 330 HOH A O   1 
HETATM 1327 O  O   . HOH G 5 .   ? 0.314   1.964   11.607  1.00 32.43 ? 331 HOH A O   1 
HETATM 1328 O  O   . HOH G 5 .   ? 9.866   7.943   13.814  1.00 20.75 ? 332 HOH A O   1 
HETATM 1329 O  O   . HOH G 5 .   ? -1.588  13.323  3.746   1.00 28.27 ? 333 HOH A O   1 
HETATM 1330 O  O   . HOH G 5 .   ? -18.137 -0.860  4.155   1.00 26.58 ? 334 HOH A O   1 
HETATM 1331 O  O   . HOH G 5 .   ? -20.569 -9.299  -8.772  1.00 39.35 ? 335 HOH A O   1 
HETATM 1332 O  O   . HOH G 5 .   ? -5.556  -3.517  6.096   1.00 43.89 ? 336 HOH A O   1 
HETATM 1333 O  O   . HOH G 5 .   ? 11.066  11.535  10.547  1.00 33.84 ? 337 HOH A O   1 
HETATM 1334 O  O   . HOH G 5 .   ? -15.473 6.162   -1.844  1.00 17.70 ? 338 HOH A O   1 
HETATM 1335 O  O   . HOH G 5 .   ? 16.021  6.604   -9.111  1.00 27.25 ? 339 HOH A O   1 
HETATM 1336 O  O   . HOH G 5 .   ? 15.455  13.298  12.964  1.00 19.57 ? 340 HOH A O   1 
HETATM 1337 O  O   . HOH G 5 .   ? 9.015   16.576  11.043  1.00 13.90 ? 341 HOH A O   1 
HETATM 1338 O  O   . HOH G 5 .   ? -16.765 12.241  -6.360  1.00 24.73 ? 342 HOH A O   1 
HETATM 1339 O  O   . HOH G 5 .   ? -17.624 7.412   2.228   1.00 28.58 ? 343 HOH A O   1 
HETATM 1340 O  O   . HOH G 5 .   ? -16.210 3.330   -7.981  1.00 21.61 ? 344 HOH A O   1 
HETATM 1341 O  O   . HOH G 5 .   ? 4.221   13.435  8.914   1.00 24.65 ? 345 HOH A O   1 
HETATM 1342 O  O   . HOH G 5 .   ? 15.420  -5.651  1.937   1.00 22.90 ? 346 HOH A O   1 
HETATM 1343 O  O   . HOH G 5 .   ? 11.913  18.908  2.688   1.00 15.11 ? 347 HOH A O   1 
HETATM 1344 O  O   . HOH G 5 .   ? 12.316  17.117  9.427   1.00 12.02 ? 348 HOH A O   1 
HETATM 1345 O  O   . HOH G 5 .   ? 12.028  6.627   10.644  1.00 20.61 ? 349 HOH A O   1 
HETATM 1346 O  O   . HOH G 5 .   ? -3.540  -16.612 4.176   1.00 18.75 ? 350 HOH A O   1 
HETATM 1347 O  O   . HOH G 5 .   ? -7.992  -7.038  -5.740  1.00 14.31 ? 351 HOH A O   1 
HETATM 1348 O  O   . HOH G 5 .   ? 0.075   -4.896  -9.511  1.00 17.39 ? 352 HOH A O   1 
HETATM 1349 O  O   . HOH G 5 .   ? 7.533   5.443   15.487  1.00 29.11 ? 353 HOH A O   1 
HETATM 1350 O  O   . HOH G 5 .   ? -2.373  -6.770  14.239  1.00 19.42 ? 354 HOH A O   1 
HETATM 1351 O  O   . HOH G 5 .   ? -22.024 -7.908  -4.667  1.00 26.79 ? 355 HOH A O   1 
HETATM 1352 O  O   . HOH G 5 .   ? -5.719  -3.886  -13.237 1.00 27.64 ? 356 HOH A O   1 
HETATM 1353 O  O   . HOH G 5 .   ? -9.244  -12.597 -3.957  1.00 37.59 ? 357 HOH A O   1 
HETATM 1354 O  O   . HOH G 5 .   ? -17.904 8.206   8.328   1.00 24.31 ? 358 HOH A O   1 
HETATM 1355 O  O   . HOH G 5 .   ? 9.684   12.584  -1.472  1.00 14.73 ? 359 HOH A O   1 
HETATM 1356 O  O   . HOH G 5 .   ? -9.629  11.814  -9.605  1.00 28.86 ? 360 HOH A O   1 
HETATM 1357 O  O   . HOH G 5 .   ? -14.794 -9.716  -4.031  1.00 40.37 ? 361 HOH A O   1 
HETATM 1358 O  O   . HOH G 5 .   ? 16.963  -2.723  0.060   1.00 20.36 ? 362 HOH A O   1 
HETATM 1359 O  O   . HOH G 5 .   ? 15.792  8.904   12.073  1.00 30.05 ? 363 HOH A O   1 
HETATM 1360 O  O   . HOH G 5 .   ? -13.812 8.990   -7.959  1.00 33.82 ? 364 HOH A O   1 
HETATM 1361 O  O   . HOH G 5 .   ? 1.948   2.872   9.037   1.00 13.42 ? 365 HOH A O   1 
HETATM 1362 O  O   . HOH G 5 .   ? -16.885 -6.924  -11.938 1.00 28.08 ? 366 HOH A O   1 
HETATM 1363 O  O   . HOH G 5 .   ? -24.523 -2.149  -4.836  1.00 36.86 ? 367 HOH A O   1 
HETATM 1364 O  O   . HOH G 5 .   ? 8.256   0.708   15.231  1.00 19.05 ? 368 HOH A O   1 
HETATM 1365 O  O   . HOH G 5 .   ? -17.124 -8.129  -7.175  1.00 36.52 ? 369 HOH A O   1 
HETATM 1366 O  O   . HOH G 5 .   ? -10.298 0.076   11.007  1.00 43.89 ? 370 HOH A O   1 
HETATM 1367 O  O   . HOH G 5 .   ? 5.999   -7.077  -8.079  1.00 31.15 ? 371 HOH A O   1 
HETATM 1368 O  O   . HOH G 5 .   ? 5.729   -12.811 7.567   1.00 29.13 ? 372 HOH A O   1 
HETATM 1369 O  O   . HOH G 5 .   ? 1.655   -6.545  -7.837  1.00 24.81 ? 373 HOH A O   1 
HETATM 1370 O  O   . HOH G 5 .   ? 3.944   13.566  4.872   1.00 27.77 ? 374 HOH A O   1 
HETATM 1371 O  O   . HOH G 5 .   ? -1.034  11.693  -10.483 1.00 32.02 ? 375 HOH A O   1 
HETATM 1372 O  O   . HOH G 5 .   ? 1.933   11.429  -9.883  1.00 28.40 ? 376 HOH A O   1 
HETATM 1373 O  O   . HOH G 5 .   ? 20.177  12.521  4.547   1.00 38.37 ? 377 HOH A O   1 
HETATM 1374 O  O   . HOH G 5 .   ? -9.959  3.317   -9.230  1.00 16.61 ? 378 HOH A O   1 
HETATM 1375 O  O   . HOH G 5 .   ? -7.558  -7.304  -2.841  1.00 28.64 ? 379 HOH A O   1 
HETATM 1376 O  O   . HOH G 5 .   ? -5.381  14.825  -2.324  1.00 27.09 ? 380 HOH A O   1 
HETATM 1377 O  O   . HOH G 5 .   ? -0.541  4.567   10.215  1.00 20.27 ? 381 HOH A O   1 
HETATM 1378 O  O   . HOH G 5 .   ? 0.730   16.533  -1.685  1.00 41.05 ? 382 HOH A O   1 
HETATM 1379 O  O   . HOH G 5 .   ? -5.453  -1.230  8.298   1.00 35.98 ? 383 HOH A O   1 
HETATM 1380 O  O   . HOH G 5 .   ? -19.909 -10.021 -0.083  1.00 34.67 ? 384 HOH A O   1 
HETATM 1381 O  O   . HOH G 5 .   ? 3.888   -18.538 -3.464  1.00 29.50 ? 385 HOH A O   1 
HETATM 1382 O  O   . HOH G 5 .   ? 20.013  1.349   -3.138  1.00 32.07 ? 386 HOH A O   1 
HETATM 1383 O  O   . HOH G 5 .   ? -21.245 -1.100  0.214   1.00 33.15 ? 387 HOH A O   1 
HETATM 1384 O  O   . HOH G 5 .   ? -16.093 14.841  5.155   1.00 29.96 ? 388 HOH A O   1 
HETATM 1385 O  O   . HOH G 5 .   ? -6.976  -9.513  -17.700 1.00 38.19 ? 389 HOH A O   1 
HETATM 1386 O  O   . HOH G 5 .   ? 22.018  1.967   -1.870  1.00 28.95 ? 390 HOH A O   1 
HETATM 1387 O  O   . HOH G 5 .   ? -15.093 8.412   9.332   1.00 23.52 ? 391 HOH A O   1 
HETATM 1388 O  O   . HOH G 5 .   ? 17.325  -5.487  3.392   1.00 43.00 ? 392 HOH A O   1 
HETATM 1389 O  O   . HOH G 5 .   ? 22.829  4.617   3.313   1.00 34.89 ? 393 HOH A O   1 
HETATM 1390 O  O   . HOH G 5 .   ? -1.655  -18.334 5.122   1.00 24.40 ? 394 HOH A O   1 
HETATM 1391 O  O   . HOH G 5 .   ? 9.878   -12.633 4.779   1.00 37.09 ? 395 HOH A O   1 
HETATM 1392 O  O   . HOH G 5 .   ? 0.346   -18.042 6.797   1.00 33.66 ? 396 HOH A O   1 
HETATM 1393 O  O   . HOH G 5 .   ? -10.090 6.064   -13.024 1.00 37.35 ? 397 HOH A O   1 
HETATM 1394 O  O   . HOH G 5 .   ? -1.276  18.505  -1.742  1.00 37.43 ? 398 HOH A O   1 
HETATM 1395 O  O   . HOH G 5 .   ? 23.488  6.202   5.614   1.00 31.52 ? 399 HOH A O   1 
HETATM 1396 O  O   . HOH G 5 .   ? 6.134   11.626  15.127  1.00 35.45 ? 400 HOH A O   1 
HETATM 1397 O  O   . HOH G 5 .   ? 15.232  -17.656 -3.989  1.00 27.80 ? 401 HOH A O   1 
HETATM 1398 O  O   . HOH G 5 .   ? 16.923  -17.337 -1.782  1.00 34.48 ? 402 HOH A O   1 
HETATM 1399 O  O   . HOH G 5 .   ? -15.494 6.819   11.377  1.00 36.12 ? 403 HOH A O   1 
HETATM 1400 O  O   . HOH G 5 .   ? -20.536 -0.758  2.962   1.00 26.12 ? 404 HOH A O   1 
# 
_atom_site_anisotrop.id                   1254 
_atom_site_anisotrop.type_symbol          FE 
_atom_site_anisotrop.pdbx_label_atom_id   FE 
_atom_site_anisotrop.pdbx_label_alt_id    . 
_atom_site_anisotrop.pdbx_label_comp_id   4HE 
_atom_site_anisotrop.pdbx_label_asym_id   E 
_atom_site_anisotrop.pdbx_label_seq_id    . 
_atom_site_anisotrop.pdbx_PDB_ins_code    ? 
_atom_site_anisotrop.U[1][1]              0.2905 
_atom_site_anisotrop.U[2][2]              0.2032 
_atom_site_anisotrop.U[3][3]              0.3083 
_atom_site_anisotrop.U[1][2]              -0.0019 
_atom_site_anisotrop.U[1][3]              -0.0252 
_atom_site_anisotrop.U[2][3]              0.0024 
_atom_site_anisotrop.pdbx_auth_seq_id     204 
_atom_site_anisotrop.pdbx_auth_comp_id    4HE 
_atom_site_anisotrop.pdbx_auth_asym_id    A 
_atom_site_anisotrop.pdbx_auth_atom_id    FE 
# 
loop_
_pdbx_poly_seq_scheme.asym_id 
_pdbx_poly_seq_scheme.entity_id 
_pdbx_poly_seq_scheme.seq_id 
_pdbx_poly_seq_scheme.mon_id 
_pdbx_poly_seq_scheme.ndb_seq_num 
_pdbx_poly_seq_scheme.pdb_seq_num 
_pdbx_poly_seq_scheme.auth_seq_num 
_pdbx_poly_seq_scheme.pdb_mon_id 
_pdbx_poly_seq_scheme.auth_mon_id 
_pdbx_poly_seq_scheme.pdb_strand_id 
_pdbx_poly_seq_scheme.pdb_ins_code 
_pdbx_poly_seq_scheme.hetero 
A 1 1   MET 1   0   ?   ?   ?   A . n 
A 1 2   VAL 2   1   1   VAL VAL A . n 
A 1 3   LEU 3   2   2   LEU LEU A . n 
A 1 4   SER 4   3   3   SER SER A . n 
A 1 5   GLU 5   4   4   GLU GLU A . n 
A 1 6   GLY 6   5   5   GLY GLY A . n 
A 1 7   GLU 7   6   6   GLU GLU A . n 
A 1 8   TRP 8   7   7   TRP TRP A . n 
A 1 9   GLN 9   8   8   GLN GLN A . n 
A 1 10  LEU 10  9   9   LEU LEU A . n 
A 1 11  VAL 11  10  10  VAL VAL A . n 
A 1 12  LEU 12  11  11  LEU LEU A . n 
A 1 13  HIS 13  12  12  HIS HIS A . n 
A 1 14  VAL 14  13  13  VAL VAL A . n 
A 1 15  TRP 15  14  14  TRP TRP A . n 
A 1 16  ALA 16  15  15  ALA ALA A . n 
A 1 17  LYS 17  16  16  LYS LYS A . n 
A 1 18  VAL 18  17  17  VAL VAL A . n 
A 1 19  GLU 19  18  18  GLU GLU A . n 
A 1 20  ALA 20  19  19  ALA ALA A . n 
A 1 21  ASP 21  20  20  ASP ASP A . n 
A 1 22  VAL 22  21  21  VAL VAL A . n 
A 1 23  ALA 23  22  22  ALA ALA A . n 
A 1 24  GLY 24  23  23  GLY GLY A . n 
A 1 25  HIS 25  24  24  HIS HIS A . n 
A 1 26  GLY 26  25  25  GLY GLY A . n 
A 1 27  GLN 27  26  26  GLN GLN A . n 
A 1 28  ASP 28  27  27  ASP ASP A . n 
A 1 29  ILE 29  28  28  ILE ILE A . n 
A 1 30  LEU 30  29  29  LEU LEU A . n 
A 1 31  ILE 31  30  30  ILE ILE A . n 
A 1 32  ARG 32  31  31  ARG ARG A . n 
A 1 33  LEU 33  32  32  LEU LEU A . n 
A 1 34  PHE 34  33  33  PHE PHE A . n 
A 1 35  LYS 35  34  34  LYS LYS A . n 
A 1 36  SER 36  35  35  SER SER A . n 
A 1 37  HIS 37  36  36  HIS HIS A . n 
A 1 38  PRO 38  37  37  PRO PRO A . n 
A 1 39  GLU 39  38  38  GLU GLU A . n 
A 1 40  THR 40  39  39  THR THR A . n 
A 1 41  LEU 41  40  40  LEU LEU A . n 
A 1 42  GLU 42  41  41  GLU GLU A . n 
A 1 43  LYS 43  42  42  LYS LYS A . n 
A 1 44  PHE 44  43  43  PHE PHE A . n 
A 1 45  ASP 45  44  44  ASP ASP A . n 
A 1 46  ARG 46  45  45  ARG ARG A . n 
A 1 47  PHE 47  46  46  PHE PHE A . n 
A 1 48  LYS 48  47  47  LYS LYS A . n 
A 1 49  HIS 49  48  48  HIS HIS A . n 
A 1 50  LEU 50  49  49  LEU LEU A . n 
A 1 51  LYS 51  50  50  LYS LYS A . n 
A 1 52  THR 52  51  51  THR THR A . n 
A 1 53  GLU 53  52  52  GLU GLU A . n 
A 1 54  ALA 54  53  53  ALA ALA A . n 
A 1 55  GLU 55  54  54  GLU GLU A . n 
A 1 56  MET 56  55  55  MET MET A . n 
A 1 57  LYS 57  56  56  LYS LYS A . n 
A 1 58  ALA 58  57  57  ALA ALA A . n 
A 1 59  SER 59  58  58  SER SER A . n 
A 1 60  GLU 60  59  59  GLU GLU A . n 
A 1 61  ASP 61  60  60  ASP ASP A . n 
A 1 62  LEU 62  61  61  LEU LEU A . n 
A 1 63  LYS 63  62  62  LYS LYS A . n 
A 1 64  LYS 64  63  63  LYS LYS A . n 
A 1 65  GLN 65  64  64  GLN GLN A . n 
A 1 66  GLY 66  65  65  GLY GLY A . n 
A 1 67  VAL 67  66  66  VAL VAL A . n 
A 1 68  THR 68  67  67  THR THR A . n 
A 1 69  VAL 69  68  68  VAL VAL A . n 
A 1 70  LEU 70  69  69  LEU LEU A . n 
A 1 71  THR 71  70  70  THR THR A . n 
A 1 72  ALA 72  71  71  ALA ALA A . n 
A 1 73  LEU 73  72  72  LEU LEU A . n 
A 1 74  GLY 74  73  73  GLY GLY A . n 
A 1 75  ALA 75  74  74  ALA ALA A . n 
A 1 76  ILE 76  75  75  ILE ILE A . n 
A 1 77  LEU 77  76  76  LEU LEU A . n 
A 1 78  LYS 78  77  77  LYS LYS A . n 
A 1 79  LYS 79  78  78  LYS LYS A . n 
A 1 80  LYS 80  79  79  LYS LYS A . n 
A 1 81  GLY 81  80  80  GLY GLY A . n 
A 1 82  HIS 82  81  81  HIS HIS A . n 
A 1 83  HIS 83  82  82  HIS HIS A . n 
A 1 84  GLU 84  83  83  GLU GLU A . n 
A 1 85  ALA 85  84  84  ALA ALA A . n 
A 1 86  GLU 86  85  85  GLU GLU A . n 
A 1 87  LEU 87  86  86  LEU LEU A . n 
A 1 88  LYS 88  87  87  LYS LYS A . n 
A 1 89  PRO 89  88  88  PRO PRO A . n 
A 1 90  LEU 90  89  89  LEU LEU A . n 
A 1 91  ALA 91  90  90  ALA ALA A . n 
A 1 92  GLN 92  91  91  GLN GLN A . n 
A 1 93  SER 93  92  92  SER SER A . n 
A 1 94  HIS 94  93  93  HIS HIS A . n 
A 1 95  ALA 95  94  94  ALA ALA A . n 
A 1 96  THR 96  95  95  THR THR A . n 
A 1 97  LYS 97  96  96  LYS LYS A . n 
A 1 98  HIS 98  97  97  HIS HIS A . n 
A 1 99  LYS 99  98  98  LYS LYS A . n 
A 1 100 ILE 100 99  99  ILE ILE A . n 
A 1 101 PRO 101 100 100 PRO PRO A . n 
A 1 102 ILE 102 101 101 ILE ILE A . n 
A 1 103 LYS 103 102 102 LYS LYS A . n 
A 1 104 TYR 104 103 103 TYR TYR A . n 
A 1 105 LEU 105 104 104 LEU LEU A . n 
A 1 106 GLU 106 105 105 GLU GLU A . n 
A 1 107 PHE 107 106 106 PHE PHE A . n 
A 1 108 ILE 108 107 107 ILE ILE A . n 
A 1 109 SER 109 108 108 SER SER A . n 
A 1 110 GLU 110 109 109 GLU GLU A . n 
A 1 111 ALA 111 110 110 ALA ALA A . n 
A 1 112 ILE 112 111 111 ILE ILE A . n 
A 1 113 ILE 113 112 112 ILE ILE A . n 
A 1 114 HIS 114 113 113 HIS HIS A . n 
A 1 115 VAL 115 114 114 VAL VAL A . n 
A 1 116 LEU 116 115 115 LEU LEU A . n 
A 1 117 HIS 117 116 116 HIS HIS A . n 
A 1 118 SER 118 117 117 SER SER A . n 
A 1 119 ARG 119 118 118 ARG ARG A . n 
A 1 120 HIS 120 119 119 HIS HIS A . n 
A 1 121 PRO 121 120 120 PRO PRO A . n 
A 1 122 GLY 122 121 121 GLY GLY A . n 
A 1 123 ASN 123 122 122 ASN ASN A . n 
A 1 124 PHE 124 123 123 PHE PHE A . n 
A 1 125 GLY 125 124 124 GLY GLY A . n 
A 1 126 ALA 126 125 125 ALA ALA A . n 
A 1 127 ASP 127 126 126 ASP ASP A . n 
A 1 128 ALA 128 127 127 ALA ALA A . n 
A 1 129 GLN 129 128 128 GLN GLN A . n 
A 1 130 GLY 130 129 129 GLY GLY A . n 
A 1 131 ALA 131 130 130 ALA ALA A . n 
A 1 132 MET 132 131 131 MET MET A . n 
A 1 133 ASN 133 132 132 ASN ASN A . n 
A 1 134 LYS 134 133 133 LYS LYS A . n 
A 1 135 ALA 135 134 134 ALA ALA A . n 
A 1 136 LEU 136 135 135 LEU LEU A . n 
A 1 137 GLU 137 136 136 GLU GLU A . n 
A 1 138 LEU 138 137 137 LEU LEU A . n 
A 1 139 PHE 139 138 138 PHE PHE A . n 
A 1 140 ARG 140 139 139 ARG ARG A . n 
A 1 141 LYS 141 140 140 LYS LYS A . n 
A 1 142 ASP 142 141 141 ASP ASP A . n 
A 1 143 ILE 143 142 142 ILE ILE A . n 
A 1 144 ALA 144 143 143 ALA ALA A . n 
A 1 145 ALA 145 144 144 ALA ALA A . n 
A 1 146 LYS 146 145 145 LYS LYS A . n 
A 1 147 TYR 147 146 146 TYR TYR A . n 
A 1 148 LYS 148 147 147 LYS LYS A . n 
A 1 149 GLU 149 148 148 GLU GLU A . n 
A 1 150 LEU 150 149 149 LEU LEU A . n 
A 1 151 GLY 151 150 150 GLY GLY A . n 
A 1 152 TYR 152 151 151 TYR TYR A . n 
A 1 153 GLN 153 152 ?   ?   ?   A . n 
A 1 154 GLY 154 153 ?   ?   ?   A . n 
# 
loop_
_pdbx_nonpoly_scheme.asym_id 
_pdbx_nonpoly_scheme.entity_id 
_pdbx_nonpoly_scheme.mon_id 
_pdbx_nonpoly_scheme.ndb_seq_num 
_pdbx_nonpoly_scheme.pdb_seq_num 
_pdbx_nonpoly_scheme.auth_seq_num 
_pdbx_nonpoly_scheme.pdb_mon_id 
_pdbx_nonpoly_scheme.auth_mon_id 
_pdbx_nonpoly_scheme.pdb_strand_id 
_pdbx_nonpoly_scheme.pdb_ins_code 
B 2 SO4 1   201 1   SO4 SO4 A . 
C 2 SO4 1   202 2   SO4 SO4 A . 
D 2 SO4 1   203 3   SO4 SO4 A . 
E 3 4HE 1   204 1   4HE 4HE A . 
F 4 GOL 1   205 1   GOL GOL A . 
G 5 HOH 1   301 82  HOH HOH A . 
G 5 HOH 2   302 33  HOH HOH A . 
G 5 HOH 3   303 31  HOH HOH A . 
G 5 HOH 4   304 35  HOH HOH A . 
G 5 HOH 5   305 69  HOH HOH A . 
G 5 HOH 6   306 65  HOH HOH A . 
G 5 HOH 7   307 66  HOH HOH A . 
G 5 HOH 8   308 103 HOH HOH A . 
G 5 HOH 9   309 68  HOH HOH A . 
G 5 HOH 10  310 70  HOH HOH A . 
G 5 HOH 11  311 20  HOH HOH A . 
G 5 HOH 12  312 39  HOH HOH A . 
G 5 HOH 13  313 8   HOH HOH A . 
G 5 HOH 14  314 15  HOH HOH A . 
G 5 HOH 15  315 36  HOH HOH A . 
G 5 HOH 16  316 49  HOH HOH A . 
G 5 HOH 17  317 17  HOH HOH A . 
G 5 HOH 18  318 95  HOH HOH A . 
G 5 HOH 19  319 18  HOH HOH A . 
G 5 HOH 20  320 26  HOH HOH A . 
G 5 HOH 21  321 10  HOH HOH A . 
G 5 HOH 22  322 22  HOH HOH A . 
G 5 HOH 23  323 104 HOH HOH A . 
G 5 HOH 24  324 34  HOH HOH A . 
G 5 HOH 25  325 94  HOH HOH A . 
G 5 HOH 26  326 5   HOH HOH A . 
G 5 HOH 27  327 81  HOH HOH A . 
G 5 HOH 28  328 16  HOH HOH A . 
G 5 HOH 29  329 80  HOH HOH A . 
G 5 HOH 30  330 51  HOH HOH A . 
G 5 HOH 31  331 73  HOH HOH A . 
G 5 HOH 32  332 24  HOH HOH A . 
G 5 HOH 33  333 57  HOH HOH A . 
G 5 HOH 34  334 76  HOH HOH A . 
G 5 HOH 35  335 83  HOH HOH A . 
G 5 HOH 36  336 86  HOH HOH A . 
G 5 HOH 37  337 99  HOH HOH A . 
G 5 HOH 38  338 19  HOH HOH A . 
G 5 HOH 39  339 37  HOH HOH A . 
G 5 HOH 40  340 25  HOH HOH A . 
G 5 HOH 41  341 2   HOH HOH A . 
G 5 HOH 42  342 30  HOH HOH A . 
G 5 HOH 43  343 48  HOH HOH A . 
G 5 HOH 44  344 40  HOH HOH A . 
G 5 HOH 45  345 74  HOH HOH A . 
G 5 HOH 46  346 45  HOH HOH A . 
G 5 HOH 47  347 3   HOH HOH A . 
G 5 HOH 48  348 7   HOH HOH A . 
G 5 HOH 49  349 4   HOH HOH A . 
G 5 HOH 50  350 11  HOH HOH A . 
G 5 HOH 51  351 6   HOH HOH A . 
G 5 HOH 52  352 38  HOH HOH A . 
G 5 HOH 53  353 50  HOH HOH A . 
G 5 HOH 54  354 12  HOH HOH A . 
G 5 HOH 55  355 71  HOH HOH A . 
G 5 HOH 56  356 54  HOH HOH A . 
G 5 HOH 57  357 91  HOH HOH A . 
G 5 HOH 58  358 52  HOH HOH A . 
G 5 HOH 59  359 1   HOH HOH A . 
G 5 HOH 60  360 101 HOH HOH A . 
G 5 HOH 61  361 85  HOH HOH A . 
G 5 HOH 62  362 28  HOH HOH A . 
G 5 HOH 63  363 55  HOH HOH A . 
G 5 HOH 64  364 102 HOH HOH A . 
G 5 HOH 65  365 14  HOH HOH A . 
G 5 HOH 66  366 56  HOH HOH A . 
G 5 HOH 67  367 77  HOH HOH A . 
G 5 HOH 68  368 32  HOH HOH A . 
G 5 HOH 69  369 67  HOH HOH A . 
G 5 HOH 70  370 79  HOH HOH A . 
G 5 HOH 71  371 96  HOH HOH A . 
G 5 HOH 72  372 72  HOH HOH A . 
G 5 HOH 73  373 78  HOH HOH A . 
G 5 HOH 74  374 43  HOH HOH A . 
G 5 HOH 75  375 60  HOH HOH A . 
G 5 HOH 76  376 59  HOH HOH A . 
G 5 HOH 77  377 92  HOH HOH A . 
G 5 HOH 78  378 29  HOH HOH A . 
G 5 HOH 79  379 13  HOH HOH A . 
G 5 HOH 80  380 63  HOH HOH A . 
G 5 HOH 81  381 21  HOH HOH A . 
G 5 HOH 82  382 88  HOH HOH A . 
G 5 HOH 83  383 75  HOH HOH A . 
G 5 HOH 84  384 9   HOH HOH A . 
G 5 HOH 85  385 58  HOH HOH A . 
G 5 HOH 86  386 42  HOH HOH A . 
G 5 HOH 87  387 100 HOH HOH A . 
G 5 HOH 88  388 87  HOH HOH A . 
G 5 HOH 89  389 84  HOH HOH A . 
G 5 HOH 90  390 64  HOH HOH A . 
G 5 HOH 91  391 53  HOH HOH A . 
G 5 HOH 92  392 44  HOH HOH A . 
G 5 HOH 93  393 90  HOH HOH A . 
G 5 HOH 94  394 23  HOH HOH A . 
G 5 HOH 95  395 61  HOH HOH A . 
G 5 HOH 96  396 62  HOH HOH A . 
G 5 HOH 97  397 89  HOH HOH A . 
G 5 HOH 98  398 93  HOH HOH A . 
G 5 HOH 99  399 46  HOH HOH A . 
G 5 HOH 100 400 98  HOH HOH A . 
G 5 HOH 101 401 27  HOH HOH A . 
G 5 HOH 102 402 41  HOH HOH A . 
G 5 HOH 103 403 97  HOH HOH A . 
G 5 HOH 104 404 47  HOH HOH A . 
# 
_pdbx_struct_assembly.id                   1 
_pdbx_struct_assembly.details              author_and_software_defined_assembly 
_pdbx_struct_assembly.method_details       PISA 
_pdbx_struct_assembly.oligomeric_details   monomeric 
_pdbx_struct_assembly.oligomeric_count     1 
# 
_pdbx_struct_assembly_gen.assembly_id       1 
_pdbx_struct_assembly_gen.oper_expression   1 
_pdbx_struct_assembly_gen.asym_id_list      A,B,C,D,E,F,G 
# 
_pdbx_struct_oper_list.id                   1 
_pdbx_struct_oper_list.type                 'identity operation' 
_pdbx_struct_oper_list.name                 1_555 
_pdbx_struct_oper_list.symmetry_operation   x,y,z 
_pdbx_struct_oper_list.matrix[1][1]         1.0000000000 
_pdbx_struct_oper_list.matrix[1][2]         0.0000000000 
_pdbx_struct_oper_list.matrix[1][3]         0.0000000000 
_pdbx_struct_oper_list.vector[1]            0.0000000000 
_pdbx_struct_oper_list.matrix[2][1]         0.0000000000 
_pdbx_struct_oper_list.matrix[2][2]         1.0000000000 
_pdbx_struct_oper_list.matrix[2][3]         0.0000000000 
_pdbx_struct_oper_list.vector[2]            0.0000000000 
_pdbx_struct_oper_list.matrix[3][1]         0.0000000000 
_pdbx_struct_oper_list.matrix[3][2]         0.0000000000 
_pdbx_struct_oper_list.matrix[3][3]         1.0000000000 
_pdbx_struct_oper_list.vector[3]            0.0000000000 
# 
loop_
_pdbx_struct_conn_angle.id 
_pdbx_struct_conn_angle.ptnr1_label_atom_id 
_pdbx_struct_conn_angle.ptnr1_label_alt_id 
_pdbx_struct_conn_angle.ptnr1_label_asym_id 
_pdbx_struct_conn_angle.ptnr1_label_comp_id 
_pdbx_struct_conn_angle.ptnr1_label_seq_id 
_pdbx_struct_conn_angle.ptnr1_auth_atom_id 
_pdbx_struct_conn_angle.ptnr1_auth_asym_id 
_pdbx_struct_conn_angle.ptnr1_auth_comp_id 
_pdbx_struct_conn_angle.ptnr1_auth_seq_id 
_pdbx_struct_conn_angle.ptnr1_PDB_ins_code 
_pdbx_struct_conn_angle.ptnr1_symmetry 
_pdbx_struct_conn_angle.ptnr2_label_atom_id 
_pdbx_struct_conn_angle.ptnr2_label_alt_id 
_pdbx_struct_conn_angle.ptnr2_label_asym_id 
_pdbx_struct_conn_angle.ptnr2_label_comp_id 
_pdbx_struct_conn_angle.ptnr2_label_seq_id 
_pdbx_struct_conn_angle.ptnr2_auth_atom_id 
_pdbx_struct_conn_angle.ptnr2_auth_asym_id 
_pdbx_struct_conn_angle.ptnr2_auth_comp_id 
_pdbx_struct_conn_angle.ptnr2_auth_seq_id 
_pdbx_struct_conn_angle.ptnr2_PDB_ins_code 
_pdbx_struct_conn_angle.ptnr2_symmetry 
_pdbx_struct_conn_angle.ptnr3_label_atom_id 
_pdbx_struct_conn_angle.ptnr3_label_alt_id 
_pdbx_struct_conn_angle.ptnr3_label_asym_id 
_pdbx_struct_conn_angle.ptnr3_label_comp_id 
_pdbx_struct_conn_angle.ptnr3_label_seq_id 
_pdbx_struct_conn_angle.ptnr3_auth_atom_id 
_pdbx_struct_conn_angle.ptnr3_auth_asym_id 
_pdbx_struct_conn_angle.ptnr3_auth_comp_id 
_pdbx_struct_conn_angle.ptnr3_auth_seq_id 
_pdbx_struct_conn_angle.ptnr3_PDB_ins_code 
_pdbx_struct_conn_angle.ptnr3_symmetry 
_pdbx_struct_conn_angle.value 
_pdbx_struct_conn_angle.value_esd 
1  NE2 ? A HIS 94 ? A HIS 93  ? 1_555 FE ? E 4HE . ? A 4HE 204 ? 1_555 C1 ? E 4HE . ? A 4HE 204 ? 1_555 174.8 ? 
2  NE2 ? A HIS 94 ? A HIS 93  ? 1_555 FE ? E 4HE . ? A 4HE 204 ? 1_555 NA ? E 4HE . ? A 4HE 204 ? 1_555 90.3  ? 
3  C1  ? E 4HE .  ? A 4HE 204 ? 1_555 FE ? E 4HE . ? A 4HE 204 ? 1_555 NA ? E 4HE . ? A 4HE 204 ? 1_555 92.7  ? 
4  NE2 ? A HIS 94 ? A HIS 93  ? 1_555 FE ? E 4HE . ? A 4HE 204 ? 1_555 ND ? E 4HE . ? A 4HE 204 ? 1_555 90.3  ? 
5  C1  ? E 4HE .  ? A 4HE 204 ? 1_555 FE ? E 4HE . ? A 4HE 204 ? 1_555 ND ? E 4HE . ? A 4HE 204 ? 1_555 85.6  ? 
6  NA  ? E 4HE .  ? A 4HE 204 ? 1_555 FE ? E 4HE . ? A 4HE 204 ? 1_555 ND ? E 4HE . ? A 4HE 204 ? 1_555 88.9  ? 
7  NE2 ? A HIS 94 ? A HIS 93  ? 1_555 FE ? E 4HE . ? A 4HE 204 ? 1_555 NB ? E 4HE . ? A 4HE 204 ? 1_555 90.7  ? 
8  C1  ? E 4HE .  ? A 4HE 204 ? 1_555 FE ? E 4HE . ? A 4HE 204 ? 1_555 NB ? E 4HE . ? A 4HE 204 ? 1_555 93.6  ? 
9  NA  ? E 4HE .  ? A 4HE 204 ? 1_555 FE ? E 4HE . ? A 4HE 204 ? 1_555 NB ? E 4HE . ? A 4HE 204 ? 1_555 89.6  ? 
10 ND  ? E 4HE .  ? A 4HE 204 ? 1_555 FE ? E 4HE . ? A 4HE 204 ? 1_555 NB ? E 4HE . ? A 4HE 204 ? 1_555 178.3 ? 
11 NE2 ? A HIS 94 ? A HIS 93  ? 1_555 FE ? E 4HE . ? A 4HE 204 ? 1_555 NC ? E 4HE . ? A 4HE 204 ? 1_555 90.9  ? 
12 C1  ? E 4HE .  ? A 4HE 204 ? 1_555 FE ? E 4HE . ? A 4HE 204 ? 1_555 NC ? E 4HE . ? A 4HE 204 ? 1_555 86.3  ? 
13 NA  ? E 4HE .  ? A 4HE 204 ? 1_555 FE ? E 4HE . ? A 4HE 204 ? 1_555 NC ? E 4HE . ? A 4HE 204 ? 1_555 178.4 ? 
14 ND  ? E 4HE .  ? A 4HE 204 ? 1_555 FE ? E 4HE . ? A 4HE 204 ? 1_555 NC ? E 4HE . ? A 4HE 204 ? 1_555 92.1  ? 
15 NB  ? E 4HE .  ? A 4HE 204 ? 1_555 FE ? E 4HE . ? A 4HE 204 ? 1_555 NC ? E 4HE . ? A 4HE 204 ? 1_555 89.3  ? 
# 
loop_
_pdbx_audit_revision_history.ordinal 
_pdbx_audit_revision_history.data_content_type 
_pdbx_audit_revision_history.major_revision 
_pdbx_audit_revision_history.minor_revision 
_pdbx_audit_revision_history.revision_date 
1 'Structure model' 1 0 2016-09-21 
2 'Structure model' 1 1 2016-10-19 
3 'Structure model' 1 2 2016-12-28 
4 'Structure model' 1 3 2017-09-27 
5 'Structure model' 1 4 2019-11-27 
6 'Structure model' 1 5 2023-09-27 
# 
_pdbx_audit_revision_details.ordinal             1 
_pdbx_audit_revision_details.revision_ordinal    1 
_pdbx_audit_revision_details.data_content_type   'Structure model' 
_pdbx_audit_revision_details.provider            repository 
_pdbx_audit_revision_details.type                'Initial release' 
_pdbx_audit_revision_details.description         ? 
_pdbx_audit_revision_details.details             ? 
# 
loop_
_pdbx_audit_revision_group.ordinal 
_pdbx_audit_revision_group.revision_ordinal 
_pdbx_audit_revision_group.data_content_type 
_pdbx_audit_revision_group.group 
1 2 'Structure model' 'Database references'        
2 3 'Structure model' 'Database references'        
3 4 'Structure model' 'Author supporting evidence' 
4 4 'Structure model' 'Refinement description'     
5 5 'Structure model' 'Author supporting evidence' 
6 6 'Structure model' 'Data collection'            
7 6 'Structure model' 'Database references'        
8 6 'Structure model' 'Refinement description'     
# 
loop_
_pdbx_audit_revision_category.ordinal 
_pdbx_audit_revision_category.revision_ordinal 
_pdbx_audit_revision_category.data_content_type 
_pdbx_audit_revision_category.category 
1 4 'Structure model' pdbx_audit_support            
2 4 'Structure model' software                      
3 5 'Structure model' pdbx_audit_support            
4 6 'Structure model' chem_comp_atom                
5 6 'Structure model' chem_comp_bond                
6 6 'Structure model' database_2                    
7 6 'Structure model' pdbx_initial_refinement_model 
# 
loop_
_pdbx_audit_revision_item.ordinal 
_pdbx_audit_revision_item.revision_ordinal 
_pdbx_audit_revision_item.data_content_type 
_pdbx_audit_revision_item.item 
1 4 'Structure model' '_pdbx_audit_support.funding_organization' 
2 4 'Structure model' '_software.classification'                 
3 5 'Structure model' '_pdbx_audit_support.funding_organization' 
4 6 'Structure model' '_database_2.pdbx_DOI'                     
5 6 'Structure model' '_database_2.pdbx_database_accession'      
# 
loop_
_software.citation_id 
_software.classification 
_software.compiler_name 
_software.compiler_version 
_software.contact_author 
_software.contact_author_email 
_software.date 
_software.description 
_software.dependencies 
_software.hardware 
_software.language 
_software.location 
_software.mods 
_software.name 
_software.os 
_software.os_version 
_software.type 
_software.version 
_software.pdbx_ordinal 
? phasing           ? ? ? ? ? ? ? ? ? ? ? HKL-3000    ? ? ? .        1 
? phasing           ? ? ? ? ? ? ? ? ? ? ? PHASER      ? ? ? 2.5.2    2 
? refinement        ? ? ? ? ? ? ? ? ? ? ? REFMAC      ? ? ? 5.8.0131 3 
? 'data extraction' ? ? ? ? ? ? ? ? ? ? ? PDB_EXTRACT ? ? ? 3.20     4 
? 'data collection' ? ? ? ? ? ? ? ? ? ? ? HKL-3000    ? ? ? .        5 
? 'data reduction'  ? ? ? ? ? ? ? ? ? ? ? HKL-3000    ? ? ? .        6 
# 
_pdbx_entry_details.compound_details         ? 
_pdbx_entry_details.entry_id                 5ILR 
_pdbx_entry_details.nonpolymer_details       ? 
_pdbx_entry_details.sequence_details         'D123N CONFLICT EXISTS IN UNP ENTRY P02185' 
_pdbx_entry_details.source_details           ? 
_pdbx_entry_details.has_ligand_of_interest   ? 
# 
loop_
_pdbx_validate_rmsd_angle.id 
_pdbx_validate_rmsd_angle.PDB_model_num 
_pdbx_validate_rmsd_angle.auth_atom_id_1 
_pdbx_validate_rmsd_angle.auth_asym_id_1 
_pdbx_validate_rmsd_angle.auth_comp_id_1 
_pdbx_validate_rmsd_angle.auth_seq_id_1 
_pdbx_validate_rmsd_angle.PDB_ins_code_1 
_pdbx_validate_rmsd_angle.label_alt_id_1 
_pdbx_validate_rmsd_angle.auth_atom_id_2 
_pdbx_validate_rmsd_angle.auth_asym_id_2 
_pdbx_validate_rmsd_angle.auth_comp_id_2 
_pdbx_validate_rmsd_angle.auth_seq_id_2 
_pdbx_validate_rmsd_angle.PDB_ins_code_2 
_pdbx_validate_rmsd_angle.label_alt_id_2 
_pdbx_validate_rmsd_angle.auth_atom_id_3 
_pdbx_validate_rmsd_angle.auth_asym_id_3 
_pdbx_validate_rmsd_angle.auth_comp_id_3 
_pdbx_validate_rmsd_angle.auth_seq_id_3 
_pdbx_validate_rmsd_angle.PDB_ins_code_3 
_pdbx_validate_rmsd_angle.label_alt_id_3 
_pdbx_validate_rmsd_angle.angle_value 
_pdbx_validate_rmsd_angle.angle_target_value 
_pdbx_validate_rmsd_angle.angle_deviation 
_pdbx_validate_rmsd_angle.angle_standard_deviation 
_pdbx_validate_rmsd_angle.linker_flag 
1 1 NE A ARG 118 ? ? CZ A ARG 118 ? ? NH1 A ARG 118 ? ? 124.02 120.30 3.72  0.50 N 
2 1 NE A ARG 118 ? ? CZ A ARG 118 ? ? NH2 A ARG 118 ? ? 116.45 120.30 -3.85 0.50 N 
3 1 NE A ARG 139 ? ? CZ A ARG 139 ? ? NH1 A ARG 139 ? ? 123.50 120.30 3.20  0.50 N 
# 
loop_
_pdbx_validate_torsion.id 
_pdbx_validate_torsion.PDB_model_num 
_pdbx_validate_torsion.auth_comp_id 
_pdbx_validate_torsion.auth_asym_id 
_pdbx_validate_torsion.auth_seq_id 
_pdbx_validate_torsion.PDB_ins_code 
_pdbx_validate_torsion.label_alt_id 
_pdbx_validate_torsion.phi 
_pdbx_validate_torsion.psi 
1 1 HIS A 119 ? ? -141.21 45.38 
2 1 PHE A 123 ? ? -145.30 49.59 
# 
_pdbx_validate_chiral.id              1 
_pdbx_validate_chiral.PDB_model_num   1 
_pdbx_validate_chiral.auth_atom_id    ND 
_pdbx_validate_chiral.label_alt_id    ? 
_pdbx_validate_chiral.auth_asym_id    A 
_pdbx_validate_chiral.auth_comp_id    4HE 
_pdbx_validate_chiral.auth_seq_id     204 
_pdbx_validate_chiral.PDB_ins_code    ? 
_pdbx_validate_chiral.details         PLANAR 
_pdbx_validate_chiral.omega           . 
# 
loop_
_pdbx_unobs_or_zero_occ_residues.id 
_pdbx_unobs_or_zero_occ_residues.PDB_model_num 
_pdbx_unobs_or_zero_occ_residues.polymer_flag 
_pdbx_unobs_or_zero_occ_residues.occupancy_flag 
_pdbx_unobs_or_zero_occ_residues.auth_asym_id 
_pdbx_unobs_or_zero_occ_residues.auth_comp_id 
_pdbx_unobs_or_zero_occ_residues.auth_seq_id 
_pdbx_unobs_or_zero_occ_residues.PDB_ins_code 
_pdbx_unobs_or_zero_occ_residues.label_asym_id 
_pdbx_unobs_or_zero_occ_residues.label_comp_id 
_pdbx_unobs_or_zero_occ_residues.label_seq_id 
1 1 Y 1 A MET 0   ? A MET 1   
2 1 Y 1 A GLN 152 ? A GLN 153 
3 1 Y 1 A GLY 153 ? A GLY 154 
# 
loop_
_chem_comp_atom.comp_id 
_chem_comp_atom.atom_id 
_chem_comp_atom.type_symbol 
_chem_comp_atom.pdbx_aromatic_flag 
_chem_comp_atom.pdbx_stereo_config 
_chem_comp_atom.pdbx_ordinal 
4HE O2D  O  N N 1   
4HE CGD  C  N N 2   
4HE O1D  O  N N 3   
4HE CBD  C  N N 4   
4HE CAD  C  N N 5   
4HE C3D  C  N N 6   
4HE C2D  C  N N 7   
4HE CMD  C  N N 8   
4HE C4D  C  N N 9   
4HE CHA  C  N N 10  
4HE ND   N  N R 11  
4HE C1D  C  N N 12  
4HE CHD  C  N N 13  
4HE FE   FE N N 14  
4HE NB   N  Y N 15  
4HE C4B  C  Y N 16  
4HE C3B  C  Y N 17  
4HE CAB  C  N N 18  
4HE CBB  C  N N 19  
4HE C2B  C  Y N 20  
4HE CMB  C  N N 21  
4HE C1B  C  Y N 22  
4HE CHB  C  N N 23  
4HE NC   N  N N 24  
4HE C4C  C  N N 25  
4HE C3C  C  N N 26  
4HE CAC  C  N N 27  
4HE CBC  C  N N 28  
4HE C2C  C  N N 29  
4HE CMC  C  N N 30  
4HE C1C  C  N N 31  
4HE CHC  C  N N 32  
4HE NA   N  N N 33  
4HE C1A  C  N N 34  
4HE C4A  C  N N 35  
4HE C3A  C  N N 36  
4HE CMA  C  N N 37  
4HE C2A  C  N N 38  
4HE CAA  C  N N 39  
4HE CBA  C  N N 40  
4HE CGA  C  N N 41  
4HE O1A  O  N N 42  
4HE O2A  O  N N 43  
4HE C1   C  Y N 44  
4HE C2   C  Y N 45  
4HE C3   C  Y N 46  
4HE C4   C  Y N 47  
4HE C5   C  Y N 48  
4HE C6   C  Y N 49  
4HE CL1  CL N N 50  
4HE H1   H  N N 51  
4HE H2   H  N N 52  
4HE H3   H  N N 53  
4HE H4   H  N N 54  
4HE H5   H  N N 55  
4HE H6   H  N N 56  
4HE H7   H  N N 57  
4HE H8   H  N N 58  
4HE H9   H  N N 59  
4HE H10  H  N N 60  
4HE H11  H  N N 61  
4HE H12  H  N N 62  
4HE H13  H  N N 63  
4HE H14  H  N N 64  
4HE H15  H  N N 65  
4HE H16  H  N N 66  
4HE H17  H  N N 67  
4HE H18  H  N N 68  
4HE H19  H  N N 69  
4HE H20  H  N N 70  
4HE H21  H  N N 71  
4HE H22  H  N N 72  
4HE H23  H  N N 73  
4HE H24  H  N N 74  
4HE H25  H  N N 75  
4HE H26  H  N N 76  
4HE H27  H  N N 77  
4HE H28  H  N N 78  
4HE H29  H  N N 79  
4HE H30  H  N N 80  
4HE H31  H  N N 81  
4HE H32  H  N N 82  
4HE H33  H  N N 83  
4HE H34  H  N N 84  
4HE H35  H  N N 85  
4HE H36  H  N N 86  
ALA N    N  N N 87  
ALA CA   C  N S 88  
ALA C    C  N N 89  
ALA O    O  N N 90  
ALA CB   C  N N 91  
ALA OXT  O  N N 92  
ALA H    H  N N 93  
ALA H2   H  N N 94  
ALA HA   H  N N 95  
ALA HB1  H  N N 96  
ALA HB2  H  N N 97  
ALA HB3  H  N N 98  
ALA HXT  H  N N 99  
ARG N    N  N N 100 
ARG CA   C  N S 101 
ARG C    C  N N 102 
ARG O    O  N N 103 
ARG CB   C  N N 104 
ARG CG   C  N N 105 
ARG CD   C  N N 106 
ARG NE   N  N N 107 
ARG CZ   C  N N 108 
ARG NH1  N  N N 109 
ARG NH2  N  N N 110 
ARG OXT  O  N N 111 
ARG H    H  N N 112 
ARG H2   H  N N 113 
ARG HA   H  N N 114 
ARG HB2  H  N N 115 
ARG HB3  H  N N 116 
ARG HG2  H  N N 117 
ARG HG3  H  N N 118 
ARG HD2  H  N N 119 
ARG HD3  H  N N 120 
ARG HE   H  N N 121 
ARG HH11 H  N N 122 
ARG HH12 H  N N 123 
ARG HH21 H  N N 124 
ARG HH22 H  N N 125 
ARG HXT  H  N N 126 
ASN N    N  N N 127 
ASN CA   C  N S 128 
ASN C    C  N N 129 
ASN O    O  N N 130 
ASN CB   C  N N 131 
ASN CG   C  N N 132 
ASN OD1  O  N N 133 
ASN ND2  N  N N 134 
ASN OXT  O  N N 135 
ASN H    H  N N 136 
ASN H2   H  N N 137 
ASN HA   H  N N 138 
ASN HB2  H  N N 139 
ASN HB3  H  N N 140 
ASN HD21 H  N N 141 
ASN HD22 H  N N 142 
ASN HXT  H  N N 143 
ASP N    N  N N 144 
ASP CA   C  N S 145 
ASP C    C  N N 146 
ASP O    O  N N 147 
ASP CB   C  N N 148 
ASP CG   C  N N 149 
ASP OD1  O  N N 150 
ASP OD2  O  N N 151 
ASP OXT  O  N N 152 
ASP H    H  N N 153 
ASP H2   H  N N 154 
ASP HA   H  N N 155 
ASP HB2  H  N N 156 
ASP HB3  H  N N 157 
ASP HD2  H  N N 158 
ASP HXT  H  N N 159 
GLN N    N  N N 160 
GLN CA   C  N S 161 
GLN C    C  N N 162 
GLN O    O  N N 163 
GLN CB   C  N N 164 
GLN CG   C  N N 165 
GLN CD   C  N N 166 
GLN OE1  O  N N 167 
GLN NE2  N  N N 168 
GLN OXT  O  N N 169 
GLN H    H  N N 170 
GLN H2   H  N N 171 
GLN HA   H  N N 172 
GLN HB2  H  N N 173 
GLN HB3  H  N N 174 
GLN HG2  H  N N 175 
GLN HG3  H  N N 176 
GLN HE21 H  N N 177 
GLN HE22 H  N N 178 
GLN HXT  H  N N 179 
GLU N    N  N N 180 
GLU CA   C  N S 181 
GLU C    C  N N 182 
GLU O    O  N N 183 
GLU CB   C  N N 184 
GLU CG   C  N N 185 
GLU CD   C  N N 186 
GLU OE1  O  N N 187 
GLU OE2  O  N N 188 
GLU OXT  O  N N 189 
GLU H    H  N N 190 
GLU H2   H  N N 191 
GLU HA   H  N N 192 
GLU HB2  H  N N 193 
GLU HB3  H  N N 194 
GLU HG2  H  N N 195 
GLU HG3  H  N N 196 
GLU HE2  H  N N 197 
GLU HXT  H  N N 198 
GLY N    N  N N 199 
GLY CA   C  N N 200 
GLY C    C  N N 201 
GLY O    O  N N 202 
GLY OXT  O  N N 203 
GLY H    H  N N 204 
GLY H2   H  N N 205 
GLY HA2  H  N N 206 
GLY HA3  H  N N 207 
GLY HXT  H  N N 208 
GOL C1   C  N N 209 
GOL O1   O  N N 210 
GOL C2   C  N N 211 
GOL O2   O  N N 212 
GOL C3   C  N N 213 
GOL O3   O  N N 214 
GOL H11  H  N N 215 
GOL H12  H  N N 216 
GOL HO1  H  N N 217 
GOL H2   H  N N 218 
GOL HO2  H  N N 219 
GOL H31  H  N N 220 
GOL H32  H  N N 221 
GOL HO3  H  N N 222 
HIS N    N  N N 223 
HIS CA   C  N S 224 
HIS C    C  N N 225 
HIS O    O  N N 226 
HIS CB   C  N N 227 
HIS CG   C  Y N 228 
HIS ND1  N  Y N 229 
HIS CD2  C  Y N 230 
HIS CE1  C  Y N 231 
HIS NE2  N  Y N 232 
HIS OXT  O  N N 233 
HIS H    H  N N 234 
HIS H2   H  N N 235 
HIS HA   H  N N 236 
HIS HB2  H  N N 237 
HIS HB3  H  N N 238 
HIS HD1  H  N N 239 
HIS HD2  H  N N 240 
HIS HE1  H  N N 241 
HIS HE2  H  N N 242 
HIS HXT  H  N N 243 
HOH O    O  N N 244 
HOH H1   H  N N 245 
HOH H2   H  N N 246 
ILE N    N  N N 247 
ILE CA   C  N S 248 
ILE C    C  N N 249 
ILE O    O  N N 250 
ILE CB   C  N S 251 
ILE CG1  C  N N 252 
ILE CG2  C  N N 253 
ILE CD1  C  N N 254 
ILE OXT  O  N N 255 
ILE H    H  N N 256 
ILE H2   H  N N 257 
ILE HA   H  N N 258 
ILE HB   H  N N 259 
ILE HG12 H  N N 260 
ILE HG13 H  N N 261 
ILE HG21 H  N N 262 
ILE HG22 H  N N 263 
ILE HG23 H  N N 264 
ILE HD11 H  N N 265 
ILE HD12 H  N N 266 
ILE HD13 H  N N 267 
ILE HXT  H  N N 268 
LEU N    N  N N 269 
LEU CA   C  N S 270 
LEU C    C  N N 271 
LEU O    O  N N 272 
LEU CB   C  N N 273 
LEU CG   C  N N 274 
LEU CD1  C  N N 275 
LEU CD2  C  N N 276 
LEU OXT  O  N N 277 
LEU H    H  N N 278 
LEU H2   H  N N 279 
LEU HA   H  N N 280 
LEU HB2  H  N N 281 
LEU HB3  H  N N 282 
LEU HG   H  N N 283 
LEU HD11 H  N N 284 
LEU HD12 H  N N 285 
LEU HD13 H  N N 286 
LEU HD21 H  N N 287 
LEU HD22 H  N N 288 
LEU HD23 H  N N 289 
LEU HXT  H  N N 290 
LYS N    N  N N 291 
LYS CA   C  N S 292 
LYS C    C  N N 293 
LYS O    O  N N 294 
LYS CB   C  N N 295 
LYS CG   C  N N 296 
LYS CD   C  N N 297 
LYS CE   C  N N 298 
LYS NZ   N  N N 299 
LYS OXT  O  N N 300 
LYS H    H  N N 301 
LYS H2   H  N N 302 
LYS HA   H  N N 303 
LYS HB2  H  N N 304 
LYS HB3  H  N N 305 
LYS HG2  H  N N 306 
LYS HG3  H  N N 307 
LYS HD2  H  N N 308 
LYS HD3  H  N N 309 
LYS HE2  H  N N 310 
LYS HE3  H  N N 311 
LYS HZ1  H  N N 312 
LYS HZ2  H  N N 313 
LYS HZ3  H  N N 314 
LYS HXT  H  N N 315 
MET N    N  N N 316 
MET CA   C  N S 317 
MET C    C  N N 318 
MET O    O  N N 319 
MET CB   C  N N 320 
MET CG   C  N N 321 
MET SD   S  N N 322 
MET CE   C  N N 323 
MET OXT  O  N N 324 
MET H    H  N N 325 
MET H2   H  N N 326 
MET HA   H  N N 327 
MET HB2  H  N N 328 
MET HB3  H  N N 329 
MET HG2  H  N N 330 
MET HG3  H  N N 331 
MET HE1  H  N N 332 
MET HE2  H  N N 333 
MET HE3  H  N N 334 
MET HXT  H  N N 335 
PHE N    N  N N 336 
PHE CA   C  N S 337 
PHE C    C  N N 338 
PHE O    O  N N 339 
PHE CB   C  N N 340 
PHE CG   C  Y N 341 
PHE CD1  C  Y N 342 
PHE CD2  C  Y N 343 
PHE CE1  C  Y N 344 
PHE CE2  C  Y N 345 
PHE CZ   C  Y N 346 
PHE OXT  O  N N 347 
PHE H    H  N N 348 
PHE H2   H  N N 349 
PHE HA   H  N N 350 
PHE HB2  H  N N 351 
PHE HB3  H  N N 352 
PHE HD1  H  N N 353 
PHE HD2  H  N N 354 
PHE HE1  H  N N 355 
PHE HE2  H  N N 356 
PHE HZ   H  N N 357 
PHE HXT  H  N N 358 
PRO N    N  N N 359 
PRO CA   C  N S 360 
PRO C    C  N N 361 
PRO O    O  N N 362 
PRO CB   C  N N 363 
PRO CG   C  N N 364 
PRO CD   C  N N 365 
PRO OXT  O  N N 366 
PRO H    H  N N 367 
PRO HA   H  N N 368 
PRO HB2  H  N N 369 
PRO HB3  H  N N 370 
PRO HG2  H  N N 371 
PRO HG3  H  N N 372 
PRO HD2  H  N N 373 
PRO HD3  H  N N 374 
PRO HXT  H  N N 375 
SER N    N  N N 376 
SER CA   C  N S 377 
SER C    C  N N 378 
SER O    O  N N 379 
SER CB   C  N N 380 
SER OG   O  N N 381 
SER OXT  O  N N 382 
SER H    H  N N 383 
SER H2   H  N N 384 
SER HA   H  N N 385 
SER HB2  H  N N 386 
SER HB3  H  N N 387 
SER HG   H  N N 388 
SER HXT  H  N N 389 
SO4 S    S  N N 390 
SO4 O1   O  N N 391 
SO4 O2   O  N N 392 
SO4 O3   O  N N 393 
SO4 O4   O  N N 394 
THR N    N  N N 395 
THR CA   C  N S 396 
THR C    C  N N 397 
THR O    O  N N 398 
THR CB   C  N R 399 
THR OG1  O  N N 400 
THR CG2  C  N N 401 
THR OXT  O  N N 402 
THR H    H  N N 403 
THR H2   H  N N 404 
THR HA   H  N N 405 
THR HB   H  N N 406 
THR HG1  H  N N 407 
THR HG21 H  N N 408 
THR HG22 H  N N 409 
THR HG23 H  N N 410 
THR HXT  H  N N 411 
TRP N    N  N N 412 
TRP CA   C  N S 413 
TRP C    C  N N 414 
TRP O    O  N N 415 
TRP CB   C  N N 416 
TRP CG   C  Y N 417 
TRP CD1  C  Y N 418 
TRP CD2  C  Y N 419 
TRP NE1  N  Y N 420 
TRP CE2  C  Y N 421 
TRP CE3  C  Y N 422 
TRP CZ2  C  Y N 423 
TRP CZ3  C  Y N 424 
TRP CH2  C  Y N 425 
TRP OXT  O  N N 426 
TRP H    H  N N 427 
TRP H2   H  N N 428 
TRP HA   H  N N 429 
TRP HB2  H  N N 430 
TRP HB3  H  N N 431 
TRP HD1  H  N N 432 
TRP HE1  H  N N 433 
TRP HE3  H  N N 434 
TRP HZ2  H  N N 435 
TRP HZ3  H  N N 436 
TRP HH2  H  N N 437 
TRP HXT  H  N N 438 
TYR N    N  N N 439 
TYR CA   C  N S 440 
TYR C    C  N N 441 
TYR O    O  N N 442 
TYR CB   C  N N 443 
TYR CG   C  Y N 444 
TYR CD1  C  Y N 445 
TYR CD2  C  Y N 446 
TYR CE1  C  Y N 447 
TYR CE2  C  Y N 448 
TYR CZ   C  Y N 449 
TYR OH   O  N N 450 
TYR OXT  O  N N 451 
TYR H    H  N N 452 
TYR H2   H  N N 453 
TYR HA   H  N N 454 
TYR HB2  H  N N 455 
TYR HB3  H  N N 456 
TYR HD1  H  N N 457 
TYR HD2  H  N N 458 
TYR HE1  H  N N 459 
TYR HE2  H  N N 460 
TYR HH   H  N N 461 
TYR HXT  H  N N 462 
VAL N    N  N N 463 
VAL CA   C  N S 464 
VAL C    C  N N 465 
VAL O    O  N N 466 
VAL CB   C  N N 467 
VAL CG1  C  N N 468 
VAL CG2  C  N N 469 
VAL OXT  O  N N 470 
VAL H    H  N N 471 
VAL H2   H  N N 472 
VAL HA   H  N N 473 
VAL HB   H  N N 474 
VAL HG11 H  N N 475 
VAL HG12 H  N N 476 
VAL HG13 H  N N 477 
VAL HG21 H  N N 478 
VAL HG22 H  N N 479 
VAL HG23 H  N N 480 
VAL HXT  H  N N 481 
# 
loop_
_chem_comp_bond.comp_id 
_chem_comp_bond.atom_id_1 
_chem_comp_bond.atom_id_2 
_chem_comp_bond.value_order 
_chem_comp_bond.pdbx_aromatic_flag 
_chem_comp_bond.pdbx_stereo_config 
_chem_comp_bond.pdbx_ordinal 
4HE CL1 C4   sing N N 1   
4HE O2D CGD  doub N N 2   
4HE C4  C3   doub Y N 3   
4HE C4  C5   sing Y N 4   
4HE CGD O1D  sing N N 5   
4HE CGD CBD  sing N N 6   
4HE C3  C2   sing Y N 7   
4HE CBD CAD  sing N N 8   
4HE C5  C6   doub Y N 9   
4HE C2  C1   doub Y N 10  
4HE C6  C1   sing Y N 11  
4HE CAD C3D  sing N N 12  
4HE C1  FE   sing N N 13  
4HE CAA C2A  sing N N 14  
4HE CAA CBA  sing N N 15  
4HE CMA C3A  sing N N 16  
4HE C2A C3A  doub N N 17  
4HE C2A C1A  sing N N 18  
4HE C3D C2D  doub N N 19  
4HE C3D C4D  sing N N 20  
4HE CMD C2D  sing N N 21  
4HE C3A C4A  sing N N 22  
4HE CHA C4D  doub N N 23  
4HE CHA C1A  sing N N 24  
4HE C2D C1D  sing N N 25  
4HE C4D ND   sing N N 26  
4HE C1A NA   doub N N 27  
4HE C4A NA   sing N N 28  
4HE C4A CHB  doub N N 29  
4HE NA  FE   sing N N 30  
4HE CBA CGA  sing N N 31  
4HE C1D ND   sing N N 32  
4HE C1D CHD  doub N N 33  
4HE ND  FE   sing N N 34  
4HE CHB C1B  sing N N 35  
4HE CHD C4C  sing N N 36  
4HE FE  NB   sing N N 37  
4HE FE  NC   sing N N 38  
4HE C1B NB   sing Y N 39  
4HE C1B C2B  doub Y N 40  
4HE C4C NC   doub N N 41  
4HE C4C C3C  sing N N 42  
4HE NB  C4B  sing Y N 43  
4HE O2A CGA  doub N N 44  
4HE NC  C1C  sing N N 45  
4HE CGA O1A  sing N N 46  
4HE CMB C2B  sing N N 47  
4HE CAC CBC  doub N N 48  
4HE CAC C3C  sing N N 49  
4HE C2B C3B  sing Y N 50  
4HE C3C C2C  doub N N 51  
4HE C1C C2C  sing N N 52  
4HE C1C CHC  doub N N 53  
4HE C4B C3B  doub Y N 54  
4HE C4B CHC  sing N N 55  
4HE C2C CMC  sing N N 56  
4HE C3B CAB  sing N N 57  
4HE CBB CAB  doub N N 58  
4HE O1D H1   sing N N 59  
4HE CBD H2   sing N N 60  
4HE CBD H3   sing N N 61  
4HE CAD H4   sing N N 62  
4HE CAD H5   sing N N 63  
4HE CMD H6   sing N N 64  
4HE CMD H7   sing N N 65  
4HE CMD H8   sing N N 66  
4HE CHA H9   sing N N 67  
4HE CHD H10  sing N N 68  
4HE CAB H11  sing N N 69  
4HE CBB H12  sing N N 70  
4HE CBB H13  sing N N 71  
4HE CMB H14  sing N N 72  
4HE CMB H15  sing N N 73  
4HE CMB H16  sing N N 74  
4HE CHB H17  sing N N 75  
4HE CAC H18  sing N N 76  
4HE CBC H19  sing N N 77  
4HE CBC H20  sing N N 78  
4HE CMC H21  sing N N 79  
4HE CMC H22  sing N N 80  
4HE CMC H23  sing N N 81  
4HE CHC H24  sing N N 82  
4HE CMA H25  sing N N 83  
4HE CMA H26  sing N N 84  
4HE CMA H27  sing N N 85  
4HE CAA H28  sing N N 86  
4HE CAA H29  sing N N 87  
4HE CBA H30  sing N N 88  
4HE CBA H31  sing N N 89  
4HE O1A H32  sing N N 90  
4HE C2  H33  sing N N 91  
4HE C3  H34  sing N N 92  
4HE C5  H35  sing N N 93  
4HE C6  H36  sing N N 94  
ALA N   CA   sing N N 95  
ALA N   H    sing N N 96  
ALA N   H2   sing N N 97  
ALA CA  C    sing N N 98  
ALA CA  CB   sing N N 99  
ALA CA  HA   sing N N 100 
ALA C   O    doub N N 101 
ALA C   OXT  sing N N 102 
ALA CB  HB1  sing N N 103 
ALA CB  HB2  sing N N 104 
ALA CB  HB3  sing N N 105 
ALA OXT HXT  sing N N 106 
ARG N   CA   sing N N 107 
ARG N   H    sing N N 108 
ARG N   H2   sing N N 109 
ARG CA  C    sing N N 110 
ARG CA  CB   sing N N 111 
ARG CA  HA   sing N N 112 
ARG C   O    doub N N 113 
ARG C   OXT  sing N N 114 
ARG CB  CG   sing N N 115 
ARG CB  HB2  sing N N 116 
ARG CB  HB3  sing N N 117 
ARG CG  CD   sing N N 118 
ARG CG  HG2  sing N N 119 
ARG CG  HG3  sing N N 120 
ARG CD  NE   sing N N 121 
ARG CD  HD2  sing N N 122 
ARG CD  HD3  sing N N 123 
ARG NE  CZ   sing N N 124 
ARG NE  HE   sing N N 125 
ARG CZ  NH1  sing N N 126 
ARG CZ  NH2  doub N N 127 
ARG NH1 HH11 sing N N 128 
ARG NH1 HH12 sing N N 129 
ARG NH2 HH21 sing N N 130 
ARG NH2 HH22 sing N N 131 
ARG OXT HXT  sing N N 132 
ASN N   CA   sing N N 133 
ASN N   H    sing N N 134 
ASN N   H2   sing N N 135 
ASN CA  C    sing N N 136 
ASN CA  CB   sing N N 137 
ASN CA  HA   sing N N 138 
ASN C   O    doub N N 139 
ASN C   OXT  sing N N 140 
ASN CB  CG   sing N N 141 
ASN CB  HB2  sing N N 142 
ASN CB  HB3  sing N N 143 
ASN CG  OD1  doub N N 144 
ASN CG  ND2  sing N N 145 
ASN ND2 HD21 sing N N 146 
ASN ND2 HD22 sing N N 147 
ASN OXT HXT  sing N N 148 
ASP N   CA   sing N N 149 
ASP N   H    sing N N 150 
ASP N   H2   sing N N 151 
ASP CA  C    sing N N 152 
ASP CA  CB   sing N N 153 
ASP CA  HA   sing N N 154 
ASP C   O    doub N N 155 
ASP C   OXT  sing N N 156 
ASP CB  CG   sing N N 157 
ASP CB  HB2  sing N N 158 
ASP CB  HB3  sing N N 159 
ASP CG  OD1  doub N N 160 
ASP CG  OD2  sing N N 161 
ASP OD2 HD2  sing N N 162 
ASP OXT HXT  sing N N 163 
GLN N   CA   sing N N 164 
GLN N   H    sing N N 165 
GLN N   H2   sing N N 166 
GLN CA  C    sing N N 167 
GLN CA  CB   sing N N 168 
GLN CA  HA   sing N N 169 
GLN C   O    doub N N 170 
GLN C   OXT  sing N N 171 
GLN CB  CG   sing N N 172 
GLN CB  HB2  sing N N 173 
GLN CB  HB3  sing N N 174 
GLN CG  CD   sing N N 175 
GLN CG  HG2  sing N N 176 
GLN CG  HG3  sing N N 177 
GLN CD  OE1  doub N N 178 
GLN CD  NE2  sing N N 179 
GLN NE2 HE21 sing N N 180 
GLN NE2 HE22 sing N N 181 
GLN OXT HXT  sing N N 182 
GLU N   CA   sing N N 183 
GLU N   H    sing N N 184 
GLU N   H2   sing N N 185 
GLU CA  C    sing N N 186 
GLU CA  CB   sing N N 187 
GLU CA  HA   sing N N 188 
GLU C   O    doub N N 189 
GLU C   OXT  sing N N 190 
GLU CB  CG   sing N N 191 
GLU CB  HB2  sing N N 192 
GLU CB  HB3  sing N N 193 
GLU CG  CD   sing N N 194 
GLU CG  HG2  sing N N 195 
GLU CG  HG3  sing N N 196 
GLU CD  OE1  doub N N 197 
GLU CD  OE2  sing N N 198 
GLU OE2 HE2  sing N N 199 
GLU OXT HXT  sing N N 200 
GLY N   CA   sing N N 201 
GLY N   H    sing N N 202 
GLY N   H2   sing N N 203 
GLY CA  C    sing N N 204 
GLY CA  HA2  sing N N 205 
GLY CA  HA3  sing N N 206 
GLY C   O    doub N N 207 
GLY C   OXT  sing N N 208 
GLY OXT HXT  sing N N 209 
GOL C1  O1   sing N N 210 
GOL C1  C2   sing N N 211 
GOL C1  H11  sing N N 212 
GOL C1  H12  sing N N 213 
GOL O1  HO1  sing N N 214 
GOL C2  O2   sing N N 215 
GOL C2  C3   sing N N 216 
GOL C2  H2   sing N N 217 
GOL O2  HO2  sing N N 218 
GOL C3  O3   sing N N 219 
GOL C3  H31  sing N N 220 
GOL C3  H32  sing N N 221 
GOL O3  HO3  sing N N 222 
HIS N   CA   sing N N 223 
HIS N   H    sing N N 224 
HIS N   H2   sing N N 225 
HIS CA  C    sing N N 226 
HIS CA  CB   sing N N 227 
HIS CA  HA   sing N N 228 
HIS C   O    doub N N 229 
HIS C   OXT  sing N N 230 
HIS CB  CG   sing N N 231 
HIS CB  HB2  sing N N 232 
HIS CB  HB3  sing N N 233 
HIS CG  ND1  sing Y N 234 
HIS CG  CD2  doub Y N 235 
HIS ND1 CE1  doub Y N 236 
HIS ND1 HD1  sing N N 237 
HIS CD2 NE2  sing Y N 238 
HIS CD2 HD2  sing N N 239 
HIS CE1 NE2  sing Y N 240 
HIS CE1 HE1  sing N N 241 
HIS NE2 HE2  sing N N 242 
HIS OXT HXT  sing N N 243 
HOH O   H1   sing N N 244 
HOH O   H2   sing N N 245 
ILE N   CA   sing N N 246 
ILE N   H    sing N N 247 
ILE N   H2   sing N N 248 
ILE CA  C    sing N N 249 
ILE CA  CB   sing N N 250 
ILE CA  HA   sing N N 251 
ILE C   O    doub N N 252 
ILE C   OXT  sing N N 253 
ILE CB  CG1  sing N N 254 
ILE CB  CG2  sing N N 255 
ILE CB  HB   sing N N 256 
ILE CG1 CD1  sing N N 257 
ILE CG1 HG12 sing N N 258 
ILE CG1 HG13 sing N N 259 
ILE CG2 HG21 sing N N 260 
ILE CG2 HG22 sing N N 261 
ILE CG2 HG23 sing N N 262 
ILE CD1 HD11 sing N N 263 
ILE CD1 HD12 sing N N 264 
ILE CD1 HD13 sing N N 265 
ILE OXT HXT  sing N N 266 
LEU N   CA   sing N N 267 
LEU N   H    sing N N 268 
LEU N   H2   sing N N 269 
LEU CA  C    sing N N 270 
LEU CA  CB   sing N N 271 
LEU CA  HA   sing N N 272 
LEU C   O    doub N N 273 
LEU C   OXT  sing N N 274 
LEU CB  CG   sing N N 275 
LEU CB  HB2  sing N N 276 
LEU CB  HB3  sing N N 277 
LEU CG  CD1  sing N N 278 
LEU CG  CD2  sing N N 279 
LEU CG  HG   sing N N 280 
LEU CD1 HD11 sing N N 281 
LEU CD1 HD12 sing N N 282 
LEU CD1 HD13 sing N N 283 
LEU CD2 HD21 sing N N 284 
LEU CD2 HD22 sing N N 285 
LEU CD2 HD23 sing N N 286 
LEU OXT HXT  sing N N 287 
LYS N   CA   sing N N 288 
LYS N   H    sing N N 289 
LYS N   H2   sing N N 290 
LYS CA  C    sing N N 291 
LYS CA  CB   sing N N 292 
LYS CA  HA   sing N N 293 
LYS C   O    doub N N 294 
LYS C   OXT  sing N N 295 
LYS CB  CG   sing N N 296 
LYS CB  HB2  sing N N 297 
LYS CB  HB3  sing N N 298 
LYS CG  CD   sing N N 299 
LYS CG  HG2  sing N N 300 
LYS CG  HG3  sing N N 301 
LYS CD  CE   sing N N 302 
LYS CD  HD2  sing N N 303 
LYS CD  HD3  sing N N 304 
LYS CE  NZ   sing N N 305 
LYS CE  HE2  sing N N 306 
LYS CE  HE3  sing N N 307 
LYS NZ  HZ1  sing N N 308 
LYS NZ  HZ2  sing N N 309 
LYS NZ  HZ3  sing N N 310 
LYS OXT HXT  sing N N 311 
MET N   CA   sing N N 312 
MET N   H    sing N N 313 
MET N   H2   sing N N 314 
MET CA  C    sing N N 315 
MET CA  CB   sing N N 316 
MET CA  HA   sing N N 317 
MET C   O    doub N N 318 
MET C   OXT  sing N N 319 
MET CB  CG   sing N N 320 
MET CB  HB2  sing N N 321 
MET CB  HB3  sing N N 322 
MET CG  SD   sing N N 323 
MET CG  HG2  sing N N 324 
MET CG  HG3  sing N N 325 
MET SD  CE   sing N N 326 
MET CE  HE1  sing N N 327 
MET CE  HE2  sing N N 328 
MET CE  HE3  sing N N 329 
MET OXT HXT  sing N N 330 
PHE N   CA   sing N N 331 
PHE N   H    sing N N 332 
PHE N   H2   sing N N 333 
PHE CA  C    sing N N 334 
PHE CA  CB   sing N N 335 
PHE CA  HA   sing N N 336 
PHE C   O    doub N N 337 
PHE C   OXT  sing N N 338 
PHE CB  CG   sing N N 339 
PHE CB  HB2  sing N N 340 
PHE CB  HB3  sing N N 341 
PHE CG  CD1  doub Y N 342 
PHE CG  CD2  sing Y N 343 
PHE CD1 CE1  sing Y N 344 
PHE CD1 HD1  sing N N 345 
PHE CD2 CE2  doub Y N 346 
PHE CD2 HD2  sing N N 347 
PHE CE1 CZ   doub Y N 348 
PHE CE1 HE1  sing N N 349 
PHE CE2 CZ   sing Y N 350 
PHE CE2 HE2  sing N N 351 
PHE CZ  HZ   sing N N 352 
PHE OXT HXT  sing N N 353 
PRO N   CA   sing N N 354 
PRO N   CD   sing N N 355 
PRO N   H    sing N N 356 
PRO CA  C    sing N N 357 
PRO CA  CB   sing N N 358 
PRO CA  HA   sing N N 359 
PRO C   O    doub N N 360 
PRO C   OXT  sing N N 361 
PRO CB  CG   sing N N 362 
PRO CB  HB2  sing N N 363 
PRO CB  HB3  sing N N 364 
PRO CG  CD   sing N N 365 
PRO CG  HG2  sing N N 366 
PRO CG  HG3  sing N N 367 
PRO CD  HD2  sing N N 368 
PRO CD  HD3  sing N N 369 
PRO OXT HXT  sing N N 370 
SER N   CA   sing N N 371 
SER N   H    sing N N 372 
SER N   H2   sing N N 373 
SER CA  C    sing N N 374 
SER CA  CB   sing N N 375 
SER CA  HA   sing N N 376 
SER C   O    doub N N 377 
SER C   OXT  sing N N 378 
SER CB  OG   sing N N 379 
SER CB  HB2  sing N N 380 
SER CB  HB3  sing N N 381 
SER OG  HG   sing N N 382 
SER OXT HXT  sing N N 383 
SO4 S   O1   doub N N 384 
SO4 S   O2   doub N N 385 
SO4 S   O3   sing N N 386 
SO4 S   O4   sing N N 387 
THR N   CA   sing N N 388 
THR N   H    sing N N 389 
THR N   H2   sing N N 390 
THR CA  C    sing N N 391 
THR CA  CB   sing N N 392 
THR CA  HA   sing N N 393 
THR C   O    doub N N 394 
THR C   OXT  sing N N 395 
THR CB  OG1  sing N N 396 
THR CB  CG2  sing N N 397 
THR CB  HB   sing N N 398 
THR OG1 HG1  sing N N 399 
THR CG2 HG21 sing N N 400 
THR CG2 HG22 sing N N 401 
THR CG2 HG23 sing N N 402 
THR OXT HXT  sing N N 403 
TRP N   CA   sing N N 404 
TRP N   H    sing N N 405 
TRP N   H2   sing N N 406 
TRP CA  C    sing N N 407 
TRP CA  CB   sing N N 408 
TRP CA  HA   sing N N 409 
TRP C   O    doub N N 410 
TRP C   OXT  sing N N 411 
TRP CB  CG   sing N N 412 
TRP CB  HB2  sing N N 413 
TRP CB  HB3  sing N N 414 
TRP CG  CD1  doub Y N 415 
TRP CG  CD2  sing Y N 416 
TRP CD1 NE1  sing Y N 417 
TRP CD1 HD1  sing N N 418 
TRP CD2 CE2  doub Y N 419 
TRP CD2 CE3  sing Y N 420 
TRP NE1 CE2  sing Y N 421 
TRP NE1 HE1  sing N N 422 
TRP CE2 CZ2  sing Y N 423 
TRP CE3 CZ3  doub Y N 424 
TRP CE3 HE3  sing N N 425 
TRP CZ2 CH2  doub Y N 426 
TRP CZ2 HZ2  sing N N 427 
TRP CZ3 CH2  sing Y N 428 
TRP CZ3 HZ3  sing N N 429 
TRP CH2 HH2  sing N N 430 
TRP OXT HXT  sing N N 431 
TYR N   CA   sing N N 432 
TYR N   H    sing N N 433 
TYR N   H2   sing N N 434 
TYR CA  C    sing N N 435 
TYR CA  CB   sing N N 436 
TYR CA  HA   sing N N 437 
TYR C   O    doub N N 438 
TYR C   OXT  sing N N 439 
TYR CB  CG   sing N N 440 
TYR CB  HB2  sing N N 441 
TYR CB  HB3  sing N N 442 
TYR CG  CD1  doub Y N 443 
TYR CG  CD2  sing Y N 444 
TYR CD1 CE1  sing Y N 445 
TYR CD1 HD1  sing N N 446 
TYR CD2 CE2  doub Y N 447 
TYR CD2 HD2  sing N N 448 
TYR CE1 CZ   doub Y N 449 
TYR CE1 HE1  sing N N 450 
TYR CE2 CZ   sing Y N 451 
TYR CE2 HE2  sing N N 452 
TYR CZ  OH   sing N N 453 
TYR OH  HH   sing N N 454 
TYR OXT HXT  sing N N 455 
VAL N   CA   sing N N 456 
VAL N   H    sing N N 457 
VAL N   H2   sing N N 458 
VAL CA  C    sing N N 459 
VAL CA  CB   sing N N 460 
VAL CA  HA   sing N N 461 
VAL C   O    doub N N 462 
VAL C   OXT  sing N N 463 
VAL CB  CG1  sing N N 464 
VAL CB  CG2  sing N N 465 
VAL CB  HB   sing N N 466 
VAL CG1 HG11 sing N N 467 
VAL CG1 HG12 sing N N 468 
VAL CG1 HG13 sing N N 469 
VAL CG2 HG21 sing N N 470 
VAL CG2 HG22 sing N N 471 
VAL CG2 HG23 sing N N 472 
VAL OXT HXT  sing N N 473 
# 
_pdbx_audit_support.funding_organization   'National Science Foundation (NSF, United States)' 
_pdbx_audit_support.country                'United States' 
_pdbx_audit_support.grant_number           'CHE 1213674' 
_pdbx_audit_support.ordinal                1 
# 
loop_
_pdbx_entity_nonpoly.entity_id 
_pdbx_entity_nonpoly.name 
_pdbx_entity_nonpoly.comp_id 
2 'SULFATE ION' SO4 
3 
;(4-chlorophenyl)[3,3'-(7,12-diethenyl-3,8,13,17-tetramethylporphyrin-2,18-diyl-kappa~4~N~21~,N~22~,N~23~,N~24~)di(propanoato)(2-)]iron
;
4HE 
4 GLYCEROL GOL 
5 water HOH 
# 
_pdbx_initial_refinement_model.id               1 
_pdbx_initial_refinement_model.entity_id_list   ? 
_pdbx_initial_refinement_model.type             'experimental model' 
_pdbx_initial_refinement_model.source_name      PDB 
_pdbx_initial_refinement_model.accession_code   2MBW 
_pdbx_initial_refinement_model.details          ? 
# 
